data_5LV3
#
_entry.id   5LV3
#
_cell.length_a   75.092
_cell.length_b   98.524
_cell.length_c   208.097
_cell.angle_alpha   90.00
_cell.angle_beta   90.00
_cell.angle_gamma   90.00
#
_symmetry.space_group_name_H-M   'P 21 21 2'
#
loop_
_entity.id
_entity.type
_entity.pdbx_description
1 polymer 'Histone-arginine methyltransferase CARM1'
2 non-polymer S-ADENOSYL-L-HOMOCYSTEINE
3 non-polymer 5-[[2-[(2~{R},3~{S},4~{R},5~{R})-5-(6-aminopurin-9-yl)-3,4-bis(oxidanyl)oxolan-2-yl]ethylamino]methyl]-4-azanyl-1-[2-(4-bromanylphenoxy)ethyl]pyrimidin-2-one
4 water water
#
_entity_poly.entity_id   1
_entity_poly.type   'polypeptide(L)'
_entity_poly.pdbx_seq_one_letter_code
;GHMGHTLERSVFSERTEESSAVQYFQFYGYLSQQQNMMQDYVRTGTYQRAILQNHTDFKDKIVLDVGCGSGILSFFAAQA
GARKIYAVEASTMAQHAEVLVKSNNLTDRIVVIPGKVEEVSLPEQVDIIISEPMGYMLFNERMLESYLHAKKYLKPSGNM
FPTIGDVHLAPFTDEQLYMEQFTKANFWYQPSFHGVDLSALRGAAVDEYFRQPVVDTFDIRILMAKSVKYTVNFLEAKEG
DLHRIEIPFKFHMLHSGLVHGLAFWFDVAFIGSIMTVWLSTAPTEPLTHWYQVRCLFQSPLFAKAGDTLSGTCLLIANKR
QSYDISIVAQVDQTGSKSSNLLDLKNPFFRYTGTTPSPPPG
;
_entity_poly.pdbx_strand_id   A,B,C,D
#
# COMPACT_ATOMS: atom_id res chain seq x y z
N SER A 10 -25.57 25.80 -28.88
CA SER A 10 -25.03 24.71 -29.69
C SER A 10 -26.05 23.59 -29.80
N VAL A 11 -25.75 22.62 -30.68
CA VAL A 11 -26.60 21.44 -30.79
C VAL A 11 -26.70 20.74 -29.43
N PHE A 12 -25.61 20.73 -28.66
CA PHE A 12 -25.62 20.03 -27.38
C PHE A 12 -26.52 20.75 -26.38
N SER A 13 -26.34 22.07 -26.23
CA SER A 13 -27.09 22.77 -25.20
C SER A 13 -28.57 22.82 -25.53
N GLU A 14 -28.93 22.81 -26.81
CA GLU A 14 -30.35 22.85 -27.16
C GLU A 14 -31.08 21.57 -26.75
N ARG A 15 -30.38 20.43 -26.72
CA ARG A 15 -31.02 19.16 -26.43
C ARG A 15 -30.80 18.69 -25.00
N THR A 16 -30.12 19.47 -24.17
CA THR A 16 -29.70 19.03 -22.85
C THR A 16 -30.03 20.07 -21.80
N GLU A 17 -30.76 19.68 -20.77
CA GLU A 17 -30.95 20.54 -19.61
C GLU A 17 -29.61 20.81 -18.96
N GLU A 18 -29.35 22.07 -18.61
CA GLU A 18 -28.08 22.43 -18.00
C GLU A 18 -27.78 21.53 -16.79
N SER A 19 -28.78 21.27 -15.96
CA SER A 19 -28.53 20.54 -14.71
C SER A 19 -28.07 19.12 -14.99
N SER A 20 -28.60 18.48 -16.03
CA SER A 20 -28.15 17.14 -16.39
C SER A 20 -26.71 17.18 -16.87
N ALA A 21 -26.36 18.17 -17.70
CA ALA A 21 -25.01 18.26 -18.25
C ALA A 21 -23.98 18.44 -17.14
N VAL A 22 -24.26 19.32 -16.17
CA VAL A 22 -23.31 19.58 -15.09
C VAL A 22 -23.00 18.29 -14.34
N GLN A 23 -24.03 17.55 -13.97
CA GLN A 23 -23.85 16.30 -13.23
C GLN A 23 -23.11 15.28 -14.10
N TYR A 24 -23.44 15.22 -15.38
CA TYR A 24 -22.84 14.24 -16.29
C TYR A 24 -21.34 14.44 -16.43
N PHE A 25 -20.89 15.67 -16.70
CA PHE A 25 -19.47 15.90 -16.88
C PHE A 25 -18.72 15.95 -15.55
N GLN A 26 -19.39 16.30 -14.45
CA GLN A 26 -18.75 16.13 -13.14
C GLN A 26 -18.41 14.67 -12.89
N PHE A 27 -19.34 13.76 -13.24
CA PHE A 27 -19.10 12.32 -13.09
C PHE A 27 -17.84 11.88 -13.81
N TYR A 28 -17.70 12.26 -15.08
CA TYR A 28 -16.56 11.85 -15.88
C TYR A 28 -15.28 12.62 -15.54
N GLY A 29 -15.35 13.59 -14.64
CA GLY A 29 -14.16 14.28 -14.20
C GLY A 29 -13.37 13.56 -13.14
N TYR A 30 -13.88 12.45 -12.60
CA TYR A 30 -13.20 11.69 -11.56
C TYR A 30 -12.27 10.68 -12.20
N LEU A 31 -11.01 10.66 -11.74
CA LEU A 31 -10.07 9.64 -12.17
C LEU A 31 -10.58 8.23 -11.84
N SER A 32 -11.33 8.09 -10.74
CA SER A 32 -11.82 6.77 -10.35
C SER A 32 -12.82 6.23 -11.37
N GLN A 33 -13.63 7.10 -11.96
CA GLN A 33 -14.58 6.65 -12.96
C GLN A 33 -13.87 6.30 -14.27
N GLN A 34 -12.87 7.09 -14.67
CA GLN A 34 -12.06 6.71 -15.83
C GLN A 34 -11.36 5.39 -15.58
N GLN A 35 -10.86 5.19 -14.36
CA GLN A 35 -10.20 3.95 -13.98
C GLN A 35 -11.15 2.77 -14.05
N ASN A 36 -12.39 2.95 -13.60
CA ASN A 36 -13.40 1.90 -13.71
C ASN A 36 -13.53 1.42 -15.15
N MET A 37 -13.70 2.35 -16.08
CA MET A 37 -13.84 1.99 -17.49
C MET A 37 -12.56 1.33 -18.00
N MET A 38 -11.39 1.90 -17.69
CA MET A 38 -10.13 1.37 -18.19
C MET A 38 -9.91 -0.06 -17.70
N GLN A 39 -10.32 -0.35 -16.47
CA GLN A 39 -10.14 -1.67 -15.88
C GLN A 39 -11.12 -2.70 -16.42
N ASP A 40 -12.14 -2.29 -17.16
CA ASP A 40 -12.99 -3.23 -17.88
C ASP A 40 -12.14 -3.84 -18.99
N TYR A 41 -11.62 -5.03 -18.74
CA TYR A 41 -10.61 -5.57 -19.63
C TYR A 41 -11.18 -5.93 -21.00
N VAL A 42 -12.40 -6.47 -21.02
CA VAL A 42 -13.05 -6.75 -22.30
C VAL A 42 -13.15 -5.49 -23.14
N ARG A 43 -13.62 -4.39 -22.52
CA ARG A 43 -13.78 -3.13 -23.24
C ARG A 43 -12.43 -2.61 -23.76
N THR A 44 -11.47 -2.40 -22.85
CA THR A 44 -10.24 -1.71 -23.20
C THR A 44 -9.37 -2.58 -24.11
N GLY A 45 -9.26 -3.87 -23.82
CA GLY A 45 -8.48 -4.75 -24.66
C GLY A 45 -9.05 -4.90 -26.05
N THR A 46 -10.38 -4.98 -26.16
CA THR A 46 -10.99 -5.14 -27.47
C THR A 46 -10.82 -3.89 -28.32
N TYR A 47 -10.91 -2.70 -27.70
CA TYR A 47 -10.61 -1.47 -28.45
C TYR A 47 -9.16 -1.47 -28.94
N GLN A 48 -8.22 -1.90 -28.08
CA GLN A 48 -6.82 -1.90 -28.47
C GLN A 48 -6.57 -2.88 -29.61
N ARG A 49 -7.17 -4.07 -29.54
CA ARG A 49 -7.05 -5.04 -30.62
C ARG A 49 -7.68 -4.53 -31.91
N ALA A 50 -8.85 -3.90 -31.82
CA ALA A 50 -9.51 -3.43 -33.03
C ALA A 50 -8.65 -2.41 -33.76
N ILE A 51 -7.96 -1.56 -33.01
CA ILE A 51 -7.18 -0.49 -33.60
C ILE A 51 -5.84 -1.02 -34.12
N LEU A 52 -5.14 -1.83 -33.31
CA LEU A 52 -3.81 -2.29 -33.67
C LEU A 52 -3.86 -3.32 -34.80
N GLN A 53 -4.84 -4.22 -34.77
CA GLN A 53 -4.95 -5.22 -35.83
C GLN A 53 -5.49 -4.62 -37.13
N ASN A 54 -6.00 -3.41 -37.11
CA ASN A 54 -6.39 -2.70 -38.33
C ASN A 54 -5.47 -1.50 -38.54
N HIS A 55 -4.17 -1.75 -38.45
CA HIS A 55 -3.20 -0.67 -38.41
C HIS A 55 -3.16 0.14 -39.69
N THR A 56 -3.60 -0.41 -40.82
CA THR A 56 -3.59 0.38 -42.05
C THR A 56 -4.71 1.42 -42.07
N ASP A 57 -5.70 1.31 -41.19
CA ASP A 57 -6.68 2.37 -41.05
C ASP A 57 -6.19 3.52 -40.17
N PHE A 58 -5.02 3.38 -39.54
CA PHE A 58 -4.48 4.44 -38.70
C PHE A 58 -3.10 4.93 -39.12
N LYS A 59 -2.32 4.14 -39.83
CA LYS A 59 -0.94 4.52 -40.10
C LYS A 59 -0.87 5.80 -40.94
N ASP A 60 -0.17 6.80 -40.40
CA ASP A 60 -0.01 8.12 -41.03
C ASP A 60 -1.36 8.76 -41.36
N LYS A 61 -2.40 8.46 -40.58
CA LYS A 61 -3.73 9.03 -40.76
C LYS A 61 -4.02 10.14 -39.76
N ILE A 62 -5.08 10.91 -40.03
CA ILE A 62 -5.61 11.91 -39.11
C ILE A 62 -6.81 11.31 -38.39
N VAL A 63 -6.85 11.47 -37.06
CA VAL A 63 -7.83 10.81 -36.21
C VAL A 63 -8.54 11.84 -35.32
N LEU A 64 -9.82 11.59 -35.05
CA LEU A 64 -10.56 12.31 -34.03
C LEU A 64 -11.06 11.30 -32.99
N ASP A 65 -10.78 11.58 -31.71
CA ASP A 65 -11.25 10.79 -30.58
C ASP A 65 -12.31 11.60 -29.84
N VAL A 66 -13.57 11.20 -29.97
CA VAL A 66 -14.69 11.95 -29.39
C VAL A 66 -14.90 11.51 -27.95
N GLY A 67 -14.63 12.40 -27.01
CA GLY A 67 -14.80 12.08 -25.60
C GLY A 67 -13.65 11.24 -25.11
N CYS A 68 -12.44 11.80 -25.16
CA CYS A 68 -11.25 10.98 -24.98
C CYS A 68 -11.01 10.59 -23.52
N GLY A 69 -11.63 11.25 -22.56
CA GLY A 69 -11.35 10.94 -21.17
C GLY A 69 -9.88 11.06 -20.87
N SER A 70 -9.31 10.00 -20.30
CA SER A 70 -7.88 9.97 -19.98
C SER A 70 -7.00 10.02 -21.22
N GLY A 71 -7.55 9.76 -22.40
CA GLY A 71 -6.79 9.72 -23.63
C GLY A 71 -6.42 8.33 -24.12
N ILE A 72 -6.89 7.28 -23.43
CA ILE A 72 -6.41 5.92 -23.67
C ILE A 72 -6.57 5.53 -25.14
N LEU A 73 -7.75 5.78 -25.73
CA LEU A 73 -7.95 5.37 -27.13
C LEU A 73 -7.05 6.15 -28.08
N SER A 74 -6.76 7.41 -27.77
CA SER A 74 -5.85 8.18 -28.61
C SER A 74 -4.44 7.59 -28.55
N PHE A 75 -4.03 7.09 -27.40
CA PHE A 75 -2.73 6.43 -27.29
C PHE A 75 -2.69 5.14 -28.11
N PHE A 76 -3.79 4.40 -28.18
CA PHE A 76 -3.83 3.22 -29.05
C PHE A 76 -3.71 3.60 -30.52
N ALA A 77 -4.37 4.69 -30.92
CA ALA A 77 -4.23 5.16 -32.29
C ALA A 77 -2.80 5.53 -32.62
N ALA A 78 -2.12 6.21 -31.69
CA ALA A 78 -0.70 6.51 -31.85
C ALA A 78 0.13 5.24 -31.94
N GLN A 79 -0.20 4.23 -31.14
CA GLN A 79 0.53 2.96 -31.21
C GLN A 79 0.41 2.32 -32.59
N ALA A 80 -0.72 2.55 -33.27
CA ALA A 80 -0.99 2.03 -34.60
C ALA A 80 -0.41 2.90 -35.71
N GLY A 81 0.25 4.01 -35.37
CA GLY A 81 0.99 4.79 -36.35
C GLY A 81 0.36 6.09 -36.81
N ALA A 82 -0.71 6.56 -36.14
CA ALA A 82 -1.41 7.74 -36.62
C ALA A 82 -0.48 8.95 -36.67
N ARG A 83 -0.70 9.82 -37.67
CA ARG A 83 0.11 11.03 -37.78
C ARG A 83 -0.35 12.10 -36.81
N LYS A 84 -1.67 12.24 -36.62
CA LYS A 84 -2.23 13.32 -35.82
C LYS A 84 -3.55 12.85 -35.25
N ILE A 85 -3.74 13.05 -33.96
CA ILE A 85 -4.98 12.68 -33.27
C ILE A 85 -5.50 13.92 -32.56
N TYR A 86 -6.73 14.29 -32.85
CA TYR A 86 -7.43 15.34 -32.12
C TYR A 86 -8.32 14.68 -31.08
N ALA A 87 -8.03 14.94 -29.81
CA ALA A 87 -8.69 14.27 -28.69
C ALA A 87 -9.55 15.29 -27.95
N VAL A 88 -10.86 15.14 -28.06
CA VAL A 88 -11.83 16.12 -27.59
C VAL A 88 -12.48 15.60 -26.32
N GLU A 89 -12.52 16.42 -25.27
CA GLU A 89 -13.09 16.01 -23.99
C GLU A 89 -13.65 17.22 -23.26
N ALA A 90 -14.92 17.12 -22.84
CA ALA A 90 -15.66 18.23 -22.26
C ALA A 90 -15.52 18.33 -20.74
N SER A 91 -15.20 17.23 -20.05
CA SER A 91 -15.04 17.26 -18.61
C SER A 91 -13.65 17.81 -18.25
N THR A 92 -13.46 18.07 -16.95
CA THR A 92 -12.15 18.52 -16.48
C THR A 92 -11.09 17.44 -16.65
N MET A 93 -11.48 16.21 -17.01
CA MET A 93 -10.51 15.17 -17.35
C MET A 93 -9.60 15.58 -18.51
N ALA A 94 -9.99 16.59 -19.29
CA ALA A 94 -9.15 17.06 -20.37
C ALA A 94 -7.79 17.53 -19.85
N GLN A 95 -7.76 18.09 -18.64
CA GLN A 95 -6.51 18.54 -18.05
C GLN A 95 -5.57 17.36 -17.79
N HIS A 96 -6.13 16.24 -17.31
CA HIS A 96 -5.32 15.09 -16.99
C HIS A 96 -4.80 14.40 -18.24
N ALA A 97 -5.64 14.29 -19.28
CA ALA A 97 -5.18 13.74 -20.54
C ALA A 97 -4.01 14.54 -21.09
N GLU A 98 -4.05 15.86 -20.96
CA GLU A 98 -2.95 16.69 -21.45
C GLU A 98 -1.66 16.38 -20.71
N VAL A 99 -1.74 16.14 -19.40
CA VAL A 99 -0.59 15.74 -18.60
C VAL A 99 0.00 14.43 -19.14
N LEU A 100 -0.86 13.49 -19.53
CA LEU A 100 -0.39 12.20 -20.01
C LEU A 100 0.24 12.31 -21.39
N VAL A 101 -0.34 13.14 -22.27
CA VAL A 101 0.26 13.35 -23.58
C VAL A 101 1.68 13.88 -23.43
N LYS A 102 1.88 14.81 -22.49
CA LYS A 102 3.21 15.37 -22.27
C LYS A 102 4.16 14.33 -21.71
N SER A 103 3.73 13.60 -20.66
CA SER A 103 4.61 12.63 -20.01
C SER A 103 4.92 11.43 -20.90
N ASN A 104 4.11 11.17 -21.91
CA ASN A 104 4.36 10.08 -22.85
C ASN A 104 5.06 10.56 -24.12
N ASN A 105 5.54 11.81 -24.13
CA ASN A 105 6.30 12.39 -25.24
C ASN A 105 5.54 12.30 -26.57
N LEU A 106 4.26 12.65 -26.54
CA LEU A 106 3.43 12.58 -27.75
C LEU A 106 2.79 13.92 -28.11
N THR A 107 3.32 15.03 -27.63
CA THR A 107 2.67 16.32 -27.92
C THR A 107 2.72 16.67 -29.40
N ASP A 108 3.63 16.07 -30.17
CA ASP A 108 3.70 16.33 -31.60
C ASP A 108 2.63 15.57 -32.38
N ARG A 109 1.93 14.62 -31.76
CA ARG A 109 0.96 13.79 -32.46
C ARG A 109 -0.43 13.78 -31.85
N ILE A 110 -0.59 14.12 -30.58
CA ILE A 110 -1.89 14.16 -29.93
C ILE A 110 -2.15 15.58 -29.47
N VAL A 111 -3.28 16.14 -29.88
CA VAL A 111 -3.67 17.50 -29.52
C VAL A 111 -4.97 17.39 -28.73
N VAL A 112 -4.91 17.69 -27.44
CA VAL A 112 -6.11 17.67 -26.59
C VAL A 112 -6.86 18.97 -26.77
N ILE A 113 -8.15 18.87 -27.05
CA ILE A 113 -9.01 20.03 -27.24
C ILE A 113 -10.10 19.98 -26.19
N PRO A 114 -10.03 20.79 -25.13
CA PRO A 114 -11.10 20.76 -24.13
C PRO A 114 -12.36 21.41 -24.65
N GLY A 115 -13.49 20.74 -24.42
CA GLY A 115 -14.76 21.25 -24.85
C GLY A 115 -15.68 20.17 -25.37
N LYS A 116 -16.91 20.56 -25.66
CA LYS A 116 -17.88 19.65 -26.27
C LYS A 116 -17.64 19.58 -27.77
N VAL A 117 -17.77 18.38 -28.33
CA VAL A 117 -17.45 18.20 -29.75
C VAL A 117 -18.42 18.98 -30.62
N GLU A 118 -19.59 19.31 -30.10
CA GLU A 118 -20.55 20.18 -30.79
C GLU A 118 -20.12 21.64 -30.81
N GLU A 119 -19.10 22.02 -30.03
CA GLU A 119 -18.78 23.41 -29.78
C GLU A 119 -17.34 23.79 -30.08
N VAL A 120 -16.41 22.83 -30.11
CA VAL A 120 -15.01 23.15 -30.37
C VAL A 120 -14.84 23.28 -31.88
N SER A 121 -13.65 23.72 -32.30
CA SER A 121 -13.30 23.75 -33.71
C SER A 121 -12.10 22.85 -33.95
N LEU A 122 -12.18 22.09 -34.98
CA LEU A 122 -11.04 21.34 -35.43
C LEU A 122 -10.34 22.07 -36.56
N PRO A 123 -9.02 21.97 -36.65
CA PRO A 123 -8.29 22.70 -37.70
C PRO A 123 -8.28 22.02 -39.06
N GLU A 124 -8.71 20.77 -39.17
CA GLU A 124 -8.71 20.06 -40.44
C GLU A 124 -9.65 18.86 -40.33
N GLN A 125 -9.98 18.29 -41.48
CA GLN A 125 -10.82 17.10 -41.53
C GLN A 125 -9.98 15.85 -41.23
N VAL A 126 -10.67 14.79 -40.82
CA VAL A 126 -10.00 13.59 -40.32
C VAL A 126 -10.38 12.39 -41.17
N ASP A 127 -9.51 11.37 -41.12
CA ASP A 127 -9.70 10.12 -41.86
C ASP A 127 -10.59 9.12 -41.13
N ILE A 128 -10.62 9.16 -39.80
CA ILE A 128 -11.30 8.15 -39.01
C ILE A 128 -11.65 8.76 -37.67
N ILE A 129 -12.86 8.45 -37.18
CA ILE A 129 -13.31 8.85 -35.85
C ILE A 129 -13.33 7.61 -34.96
N ILE A 130 -12.77 7.75 -33.75
CA ILE A 130 -12.84 6.70 -32.73
C ILE A 130 -13.56 7.28 -31.52
N SER A 131 -14.31 6.43 -30.85
CA SER A 131 -15.08 6.87 -29.69
C SER A 131 -15.57 5.65 -28.95
N GLU A 132 -15.88 5.84 -27.66
CA GLU A 132 -16.64 4.86 -26.89
C GLU A 132 -17.88 5.58 -26.35
N PRO A 133 -18.92 5.74 -27.18
CA PRO A 133 -20.11 6.49 -26.77
C PRO A 133 -21.27 5.64 -26.25
N MET A 134 -21.06 4.34 -26.02
CA MET A 134 -22.14 3.45 -25.66
C MET A 134 -22.52 3.61 -24.19
N GLY A 135 -23.83 3.72 -23.93
CA GLY A 135 -24.37 3.66 -22.59
C GLY A 135 -25.14 2.35 -22.37
N TYR A 136 -25.75 2.27 -21.19
CA TYR A 136 -26.66 1.16 -20.91
C TYR A 136 -27.68 1.02 -22.03
N MET A 137 -28.00 -0.24 -22.36
CA MET A 137 -28.71 -0.66 -23.57
C MET A 137 -28.40 0.26 -24.74
N LEU A 138 -27.10 0.55 -24.91
CA LEU A 138 -26.49 1.25 -26.03
C LEU A 138 -26.77 2.75 -25.99
N PHE A 139 -28.04 3.14 -25.87
CA PHE A 139 -28.45 4.51 -26.14
C PHE A 139 -28.37 5.45 -24.95
N ASN A 140 -28.35 4.94 -23.71
CA ASN A 140 -28.31 5.84 -22.57
C ASN A 140 -27.12 6.80 -22.68
N GLU A 141 -27.33 8.02 -22.17
CA GLU A 141 -26.39 9.15 -22.19
C GLU A 141 -26.51 10.01 -23.45
N ARG A 142 -27.14 9.49 -24.51
CA ARG A 142 -27.28 10.20 -25.78
C ARG A 142 -25.94 10.64 -26.37
N MET A 143 -24.85 9.95 -26.03
CA MET A 143 -23.56 10.29 -26.61
C MET A 143 -23.40 9.75 -28.03
N LEU A 144 -24.23 8.80 -28.47
CA LEU A 144 -24.18 8.41 -29.88
C LEU A 144 -24.45 9.60 -30.78
N GLU A 145 -25.28 10.54 -30.34
CA GLU A 145 -25.55 11.72 -31.15
C GLU A 145 -24.32 12.61 -31.28
N SER A 146 -23.51 12.71 -30.22
CA SER A 146 -22.26 13.48 -30.34
C SER A 146 -21.31 12.80 -31.30
N TYR A 147 -21.25 11.47 -31.26
CA TYR A 147 -20.43 10.69 -32.18
C TYR A 147 -20.85 10.93 -33.63
N LEU A 148 -22.16 10.87 -33.89
CA LEU A 148 -22.66 11.17 -35.24
C LEU A 148 -22.45 12.63 -35.61
N HIS A 149 -22.65 13.54 -34.65
CA HIS A 149 -22.41 14.96 -34.92
C HIS A 149 -21.01 15.20 -35.43
N ALA A 150 -20.03 14.47 -34.86
CA ALA A 150 -18.63 14.62 -35.22
C ALA A 150 -18.34 14.32 -36.68
N LYS A 151 -19.26 13.69 -37.41
CA LYS A 151 -19.02 13.40 -38.82
C LYS A 151 -18.93 14.66 -39.67
N LYS A 152 -19.27 15.83 -39.13
CA LYS A 152 -19.01 17.06 -39.86
C LYS A 152 -17.51 17.23 -40.13
N TYR A 153 -16.66 16.53 -39.37
CA TYR A 153 -15.22 16.60 -39.53
C TYR A 153 -14.64 15.43 -40.33
N LEU A 154 -15.48 14.50 -40.80
CA LEU A 154 -15.01 13.27 -41.41
C LEU A 154 -14.92 13.46 -42.91
N LYS A 155 -13.79 13.08 -43.49
CA LYS A 155 -13.64 13.14 -44.94
C LYS A 155 -14.60 12.15 -45.59
N PRO A 156 -15.02 12.43 -46.82
CA PRO A 156 -15.83 11.43 -47.54
C PRO A 156 -15.08 10.11 -47.57
N SER A 157 -15.82 9.02 -47.41
CA SER A 157 -15.21 7.70 -47.29
C SER A 157 -14.25 7.61 -46.11
N GLY A 158 -14.37 8.49 -45.12
CA GLY A 158 -13.73 8.26 -43.84
C GLY A 158 -14.45 7.15 -43.08
N ASN A 159 -13.79 6.64 -42.04
CA ASN A 159 -14.31 5.49 -41.30
C ASN A 159 -14.72 5.88 -39.88
N MET A 160 -15.48 4.99 -39.24
CA MET A 160 -15.93 5.14 -37.86
C MET A 160 -15.59 3.87 -37.09
N PHE A 161 -15.01 4.04 -35.91
CA PHE A 161 -14.64 2.93 -35.02
C PHE A 161 -15.22 3.22 -33.64
N PRO A 162 -16.33 2.59 -33.25
CA PRO A 162 -17.06 1.51 -33.94
C PRO A 162 -17.86 1.98 -35.15
N THR A 163 -18.09 1.03 -36.05
CA THR A 163 -18.75 1.29 -37.31
C THR A 163 -20.26 1.05 -37.24
N ILE A 164 -20.69 0.02 -36.51
CA ILE A 164 -22.11 -0.27 -36.33
C ILE A 164 -22.34 -0.66 -34.88
N GLY A 165 -23.59 -0.53 -34.46
CA GLY A 165 -24.03 -1.03 -33.18
C GLY A 165 -25.35 -1.77 -33.30
N ASP A 166 -25.44 -2.93 -32.65
CA ASP A 166 -26.64 -3.76 -32.68
C ASP A 166 -27.21 -3.81 -31.27
N VAL A 167 -28.47 -3.46 -31.12
CA VAL A 167 -29.19 -3.70 -29.88
C VAL A 167 -30.02 -4.97 -30.04
N HIS A 168 -29.95 -5.83 -29.03
CA HIS A 168 -30.68 -7.07 -29.00
C HIS A 168 -31.76 -7.02 -27.93
N LEU A 169 -32.94 -7.53 -28.26
CA LEU A 169 -34.07 -7.61 -27.35
C LEU A 169 -34.55 -9.05 -27.30
N ALA A 170 -34.88 -9.54 -26.11
CA ALA A 170 -35.46 -10.88 -26.03
C ALA A 170 -36.34 -10.99 -24.80
N PRO A 171 -37.43 -11.74 -24.88
CA PRO A 171 -38.30 -11.92 -23.73
C PRO A 171 -37.69 -12.87 -22.71
N PHE A 172 -37.97 -12.60 -21.43
CA PHE A 172 -37.41 -13.40 -20.34
C PHE A 172 -38.49 -13.75 -19.33
N THR A 173 -38.23 -14.82 -18.58
CA THR A 173 -39.02 -15.18 -17.42
C THR A 173 -38.13 -15.11 -16.19
N ASP A 174 -38.61 -14.40 -15.16
CA ASP A 174 -37.92 -14.31 -13.89
C ASP A 174 -38.94 -13.98 -12.80
N GLU A 175 -39.60 -15.02 -12.31
CA GLU A 175 -40.67 -14.85 -11.33
C GLU A 175 -40.18 -14.08 -10.09
N GLN A 176 -38.93 -14.34 -9.66
CA GLN A 176 -38.45 -13.73 -8.43
C GLN A 176 -38.19 -12.23 -8.62
N LEU A 177 -37.71 -11.82 -9.79
CA LEU A 177 -37.52 -10.39 -10.03
C LEU A 177 -38.86 -9.67 -10.06
N TYR A 178 -39.87 -10.28 -10.70
CA TYR A 178 -41.19 -9.67 -10.75
C TYR A 178 -41.78 -9.52 -9.34
N MET A 179 -41.77 -10.60 -8.55
CA MET A 179 -42.43 -10.57 -7.25
C MET A 179 -41.73 -9.62 -6.30
N GLU A 180 -40.42 -9.48 -6.45
CA GLU A 180 -39.60 -8.59 -5.63
C GLU A 180 -40.12 -7.15 -5.62
N GLN A 181 -40.69 -6.67 -6.73
CA GLN A 181 -41.20 -5.30 -6.78
C GLN A 181 -42.30 -5.10 -5.75
N PHE A 182 -43.16 -6.11 -5.58
CA PHE A 182 -44.28 -5.98 -4.66
C PHE A 182 -43.86 -6.19 -3.23
N THR A 183 -42.87 -7.04 -2.98
CA THR A 183 -42.30 -7.14 -1.64
C THR A 183 -41.83 -5.79 -1.16
N LYS A 184 -41.11 -5.07 -2.03
CA LYS A 184 -40.61 -3.75 -1.68
C LYS A 184 -41.75 -2.75 -1.52
N ALA A 185 -42.68 -2.72 -2.48
CA ALA A 185 -43.73 -1.71 -2.42
C ALA A 185 -44.72 -1.97 -1.28
N ASN A 186 -44.84 -3.22 -0.82
CA ASN A 186 -45.81 -3.51 0.23
C ASN A 186 -45.38 -2.98 1.59
N PHE A 187 -44.18 -2.40 1.71
CA PHE A 187 -43.88 -1.59 2.89
C PHE A 187 -45.01 -0.60 3.17
N TRP A 188 -45.57 -0.02 2.11
CA TRP A 188 -46.60 1.00 2.24
C TRP A 188 -47.98 0.41 2.52
N TYR A 189 -48.16 -0.91 2.37
CA TYR A 189 -49.48 -1.51 2.60
C TYR A 189 -49.58 -1.97 4.05
N GLN A 190 -49.66 -1.01 4.94
CA GLN A 190 -49.88 -1.31 6.35
C GLN A 190 -50.68 -0.19 6.98
N PRO A 191 -51.56 -0.51 7.93
CA PRO A 191 -52.50 0.49 8.46
C PRO A 191 -51.99 1.34 9.61
N SER A 192 -50.86 0.98 10.23
CA SER A 192 -50.37 1.72 11.40
C SER A 192 -48.85 1.61 11.48
N PHE A 193 -48.17 2.27 10.57
CA PHE A 193 -46.73 2.45 10.67
C PHE A 193 -46.51 3.58 11.67
N HIS A 194 -46.19 3.23 12.91
CA HIS A 194 -46.06 4.24 13.96
C HIS A 194 -47.33 5.09 14.06
N GLY A 195 -48.48 4.47 13.84
CA GLY A 195 -49.76 5.14 13.92
C GLY A 195 -50.31 5.68 12.61
N VAL A 196 -49.58 5.58 11.51
CA VAL A 196 -49.97 6.17 10.22
C VAL A 196 -50.36 5.06 9.26
N ASP A 197 -51.52 5.23 8.60
CA ASP A 197 -51.96 4.33 7.53
C ASP A 197 -51.26 4.75 6.24
N LEU A 198 -50.33 3.92 5.75
CA LEU A 198 -49.55 4.25 4.58
C LEU A 198 -50.16 3.73 3.29
N SER A 199 -51.26 2.99 3.37
CA SER A 199 -51.69 2.15 2.25
C SER A 199 -52.01 2.95 0.99
N ALA A 200 -52.45 4.20 1.11
CA ALA A 200 -52.84 4.96 -0.08
C ALA A 200 -51.69 5.19 -1.04
N LEU A 201 -50.44 5.01 -0.61
CA LEU A 201 -49.29 5.22 -1.48
C LEU A 201 -48.73 3.93 -2.06
N ARG A 202 -49.34 2.78 -1.78
CA ARG A 202 -48.79 1.52 -2.28
C ARG A 202 -48.75 1.50 -3.81
N GLY A 203 -49.85 1.91 -4.46
CA GLY A 203 -49.87 1.93 -5.91
C GLY A 203 -48.80 2.80 -6.52
N ALA A 204 -48.60 4.00 -5.96
CA ALA A 204 -47.55 4.88 -6.47
C ALA A 204 -46.18 4.26 -6.26
N ALA A 205 -45.98 3.49 -5.19
CA ALA A 205 -44.69 2.85 -4.95
C ALA A 205 -44.45 1.74 -5.96
N VAL A 206 -45.47 0.92 -6.24
CA VAL A 206 -45.38 -0.08 -7.32
C VAL A 206 -44.99 0.59 -8.62
N ASP A 207 -45.71 1.65 -9.00
CA ASP A 207 -45.43 2.30 -10.28
C ASP A 207 -43.99 2.79 -10.34
N GLU A 208 -43.49 3.34 -9.24
CA GLU A 208 -42.13 3.87 -9.22
C GLU A 208 -41.11 2.77 -9.47
N TYR A 209 -41.29 1.61 -8.83
CA TYR A 209 -40.36 0.50 -9.05
C TYR A 209 -40.41 0.00 -10.49
N PHE A 210 -41.62 -0.14 -11.06
CA PHE A 210 -41.72 -0.68 -12.41
C PHE A 210 -41.16 0.26 -13.47
N ARG A 211 -41.11 1.56 -13.19
CA ARG A 211 -40.53 2.51 -14.14
C ARG A 211 -39.00 2.43 -14.24
N GLN A 212 -38.33 1.61 -13.41
CA GLN A 212 -36.87 1.55 -13.41
C GLN A 212 -36.36 0.35 -14.20
N PRO A 213 -35.60 0.54 -15.28
CA PRO A 213 -34.92 -0.62 -15.87
C PRO A 213 -33.93 -1.20 -14.88
N VAL A 214 -33.79 -2.52 -14.92
CA VAL A 214 -32.94 -3.27 -13.99
C VAL A 214 -31.60 -3.55 -14.66
N VAL A 215 -30.52 -3.06 -14.06
CA VAL A 215 -29.17 -3.31 -14.55
C VAL A 215 -28.57 -4.40 -13.69
N ASP A 216 -28.35 -5.57 -14.28
CA ASP A 216 -27.60 -6.66 -13.66
C ASP A 216 -27.42 -7.73 -14.74
N THR A 217 -26.95 -8.89 -14.35
CA THR A 217 -26.75 -9.98 -15.29
C THR A 217 -27.63 -11.15 -14.88
N PHE A 218 -27.65 -12.17 -15.73
CA PHE A 218 -28.58 -13.28 -15.53
C PHE A 218 -28.11 -14.48 -16.33
N ASP A 219 -28.67 -15.63 -15.95
CA ASP A 219 -28.42 -16.89 -16.63
C ASP A 219 -29.18 -16.89 -17.95
N ILE A 220 -28.52 -17.33 -19.03
CA ILE A 220 -29.14 -17.26 -20.34
C ILE A 220 -30.37 -18.16 -20.46
N ARG A 221 -30.60 -19.07 -19.51
CA ARG A 221 -31.76 -19.94 -19.61
C ARG A 221 -33.08 -19.26 -19.24
N ILE A 222 -33.04 -18.01 -18.74
CA ILE A 222 -34.29 -17.28 -18.53
C ILE A 222 -34.85 -16.72 -19.81
N LEU A 223 -34.08 -16.76 -20.91
CA LEU A 223 -34.52 -16.22 -22.17
C LEU A 223 -35.46 -17.19 -22.88
N MET A 224 -36.58 -16.66 -23.37
CA MET A 224 -37.68 -17.47 -23.85
C MET A 224 -37.79 -17.54 -25.37
N ALA A 225 -36.99 -16.77 -26.10
CA ALA A 225 -37.00 -16.76 -27.56
C ALA A 225 -35.67 -16.18 -28.04
N LYS A 226 -35.35 -16.46 -29.30
CA LYS A 226 -34.18 -15.86 -29.92
C LYS A 226 -34.37 -14.36 -30.04
N SER A 227 -33.27 -13.62 -29.89
CA SER A 227 -33.36 -12.17 -29.85
C SER A 227 -33.69 -11.57 -31.20
N VAL A 228 -34.28 -10.38 -31.15
CA VAL A 228 -34.49 -9.51 -32.30
C VAL A 228 -33.44 -8.41 -32.24
N LYS A 229 -32.95 -7.99 -33.41
CA LYS A 229 -31.82 -7.08 -33.49
C LYS A 229 -32.20 -5.79 -34.23
N TYR A 230 -31.82 -4.65 -33.66
CA TYR A 230 -31.94 -3.34 -34.29
C TYR A 230 -30.54 -2.78 -34.48
N THR A 231 -30.22 -2.39 -35.71
CA THR A 231 -28.87 -1.97 -36.07
C THR A 231 -28.82 -0.48 -36.36
N VAL A 232 -27.86 0.21 -35.76
CA VAL A 232 -27.49 1.57 -36.15
C VAL A 232 -26.17 1.50 -36.91
N ASN A 233 -26.18 1.99 -38.15
CA ASN A 233 -24.99 2.09 -38.96
C ASN A 233 -24.40 3.48 -38.78
N PHE A 234 -23.28 3.57 -38.06
CA PHE A 234 -22.78 4.90 -37.70
C PHE A 234 -22.20 5.65 -38.91
N LEU A 235 -21.85 4.95 -39.99
CA LEU A 235 -21.45 5.65 -41.21
C LEU A 235 -22.60 6.39 -41.87
N GLU A 236 -23.84 5.92 -41.71
CA GLU A 236 -24.97 6.45 -42.44
C GLU A 236 -25.95 7.23 -41.58
N ALA A 237 -26.03 6.94 -40.29
CA ALA A 237 -27.05 7.53 -39.44
C ALA A 237 -26.79 9.03 -39.22
N LYS A 238 -27.88 9.77 -39.04
CA LYS A 238 -27.86 11.18 -38.65
C LYS A 238 -28.32 11.30 -37.21
N GLU A 239 -27.87 12.38 -36.55
CA GLU A 239 -28.29 12.65 -35.17
C GLU A 239 -29.80 12.49 -35.00
N GLY A 240 -30.57 13.11 -35.90
CA GLY A 240 -32.02 13.11 -35.75
C GLY A 240 -32.63 11.73 -35.74
N ASP A 241 -31.95 10.76 -36.38
CA ASP A 241 -32.47 9.39 -36.41
C ASP A 241 -32.57 8.77 -35.02
N LEU A 242 -31.84 9.32 -34.04
CA LEU A 242 -31.79 8.74 -32.70
C LEU A 242 -32.75 9.41 -31.72
N HIS A 243 -33.57 10.36 -32.17
CA HIS A 243 -34.52 11.02 -31.28
C HIS A 243 -35.78 10.18 -31.05
N ARG A 244 -36.15 9.36 -32.03
CA ARG A 244 -37.31 8.47 -31.93
C ARG A 244 -36.87 7.14 -32.53
N ILE A 245 -36.71 6.12 -31.68
CA ILE A 245 -36.21 4.83 -32.11
C ILE A 245 -37.34 3.82 -31.91
N GLU A 246 -37.87 3.29 -33.01
CA GLU A 246 -38.98 2.36 -32.97
C GLU A 246 -38.49 0.97 -33.34
N ILE A 247 -38.59 0.03 -32.40
CA ILE A 247 -38.11 -1.33 -32.58
C ILE A 247 -39.30 -2.28 -32.55
N PRO A 248 -39.84 -2.67 -33.70
CA PRO A 248 -40.87 -3.70 -33.70
C PRO A 248 -40.26 -5.06 -33.45
N PHE A 249 -41.05 -5.95 -32.86
CA PHE A 249 -40.57 -7.30 -32.61
C PHE A 249 -41.70 -8.31 -32.82
N LYS A 250 -41.28 -9.49 -33.27
CA LYS A 250 -42.14 -10.67 -33.34
C LYS A 250 -41.29 -11.83 -32.85
N PHE A 251 -41.54 -12.27 -31.63
CA PHE A 251 -40.79 -13.36 -31.02
C PHE A 251 -41.53 -14.66 -31.22
N HIS A 252 -40.80 -15.68 -31.64
CA HIS A 252 -41.34 -17.02 -31.76
C HIS A 252 -40.86 -17.80 -30.53
N MET A 253 -41.80 -18.07 -29.62
CA MET A 253 -41.48 -18.55 -28.29
C MET A 253 -40.90 -19.95 -28.36
N LEU A 254 -39.71 -20.12 -27.77
CA LEU A 254 -39.04 -21.41 -27.70
C LEU A 254 -39.45 -22.20 -26.47
N HIS A 255 -39.99 -21.53 -25.45
CA HIS A 255 -40.37 -22.20 -24.22
C HIS A 255 -41.74 -21.68 -23.78
N SER A 256 -42.47 -22.55 -23.10
CA SER A 256 -43.75 -22.19 -22.51
C SER A 256 -43.53 -21.62 -21.11
N GLY A 257 -44.28 -20.58 -20.78
CA GLY A 257 -44.16 -19.99 -19.46
C GLY A 257 -44.66 -18.54 -19.46
N LEU A 258 -44.45 -17.90 -18.32
CA LEU A 258 -44.83 -16.50 -18.14
C LEU A 258 -43.68 -15.58 -18.55
N VAL A 259 -43.98 -14.61 -19.41
CA VAL A 259 -43.00 -13.62 -19.85
C VAL A 259 -43.15 -12.40 -18.95
N HIS A 260 -42.08 -12.06 -18.23
CA HIS A 260 -42.11 -10.94 -17.30
C HIS A 260 -41.53 -9.65 -17.87
N GLY A 261 -40.89 -9.70 -19.02
CA GLY A 261 -40.40 -8.47 -19.62
C GLY A 261 -39.44 -8.76 -20.77
N LEU A 262 -38.70 -7.72 -21.14
CA LEU A 262 -37.73 -7.79 -22.22
C LEU A 262 -36.34 -7.50 -21.69
N ALA A 263 -35.39 -8.30 -22.13
CA ALA A 263 -33.98 -8.13 -21.78
C ALA A 263 -33.25 -7.49 -22.95
N PHE A 264 -32.29 -6.61 -22.64
CA PHE A 264 -31.54 -5.85 -23.64
C PHE A 264 -30.05 -6.04 -23.46
N TRP A 265 -29.32 -6.09 -24.59
CA TRP A 265 -27.87 -6.00 -24.60
C TRP A 265 -27.44 -5.44 -25.95
N PHE A 266 -26.14 -5.22 -26.12
CA PHE A 266 -25.67 -4.68 -27.39
C PHE A 266 -24.27 -5.17 -27.73
N ASP A 267 -24.01 -5.14 -29.04
CA ASP A 267 -22.71 -5.42 -29.64
C ASP A 267 -22.32 -4.23 -30.51
N VAL A 268 -21.02 -3.98 -30.64
CA VAL A 268 -20.53 -3.07 -31.66
C VAL A 268 -19.45 -3.76 -32.47
N ALA A 269 -19.33 -3.37 -33.73
CA ALA A 269 -18.35 -3.95 -34.63
C ALA A 269 -17.43 -2.86 -35.16
N PHE A 270 -16.14 -3.15 -35.17
CA PHE A 270 -15.11 -2.29 -35.73
C PHE A 270 -14.75 -2.89 -37.08
N ILE A 271 -15.25 -2.28 -38.15
CA ILE A 271 -15.17 -2.85 -39.50
C ILE A 271 -13.96 -2.19 -40.17
N GLY A 272 -12.80 -2.81 -40.02
CA GLY A 272 -11.57 -2.28 -40.58
C GLY A 272 -11.19 -2.90 -41.91
N SER A 273 -10.11 -2.36 -42.50
CA SER A 273 -9.66 -2.81 -43.80
C SER A 273 -9.08 -4.22 -43.75
N ILE A 274 -8.54 -4.61 -42.59
CA ILE A 274 -7.94 -5.93 -42.45
C ILE A 274 -8.92 -6.94 -41.88
N MET A 275 -9.72 -6.55 -40.89
CA MET A 275 -10.62 -7.50 -40.24
C MET A 275 -11.67 -6.72 -39.47
N THR A 276 -12.74 -7.42 -39.13
CA THR A 276 -13.79 -6.87 -38.28
C THR A 276 -13.65 -7.45 -36.89
N VAL A 277 -13.67 -6.58 -35.88
CA VAL A 277 -13.58 -6.96 -34.49
C VAL A 277 -14.85 -6.55 -33.78
N TRP A 278 -15.36 -7.44 -32.93
CA TRP A 278 -16.61 -7.23 -32.23
C TRP A 278 -16.36 -7.03 -30.74
N LEU A 279 -17.12 -6.14 -30.14
CA LEU A 279 -17.22 -6.00 -28.69
C LEU A 279 -18.66 -6.30 -28.31
N SER A 280 -18.88 -7.37 -27.54
CA SER A 280 -20.21 -7.84 -27.21
C SER A 280 -20.47 -7.74 -25.71
N THR A 281 -21.68 -7.29 -25.35
CA THR A 281 -22.13 -7.28 -23.97
C THR A 281 -23.24 -8.30 -23.74
N ALA A 282 -23.33 -9.31 -24.60
CA ALA A 282 -24.36 -10.32 -24.51
C ALA A 282 -24.19 -11.16 -23.24
N PRO A 283 -25.29 -11.72 -22.72
CA PRO A 283 -25.20 -12.56 -21.52
C PRO A 283 -24.48 -13.89 -21.75
N THR A 284 -24.20 -14.24 -23.01
CA THR A 284 -23.37 -15.40 -23.33
C THR A 284 -21.88 -15.08 -23.31
N GLU A 285 -21.51 -13.82 -23.13
CA GLU A 285 -20.13 -13.36 -23.15
C GLU A 285 -19.69 -12.89 -21.76
N PRO A 286 -18.39 -12.81 -21.51
CA PRO A 286 -17.93 -12.33 -20.19
C PRO A 286 -18.52 -10.97 -19.85
N LEU A 287 -18.69 -10.73 -18.56
CA LEU A 287 -19.39 -9.55 -18.10
C LEU A 287 -18.56 -8.29 -18.35
N THR A 288 -19.24 -7.23 -18.76
CA THR A 288 -18.65 -5.89 -18.88
C THR A 288 -19.32 -4.96 -17.86
N HIS A 289 -18.82 -3.72 -17.78
CA HIS A 289 -19.43 -2.76 -16.87
C HIS A 289 -20.78 -2.25 -17.37
N TRP A 290 -21.21 -2.63 -18.58
CA TRP A 290 -22.56 -2.35 -19.04
C TRP A 290 -23.58 -3.38 -18.56
N TYR A 291 -23.13 -4.54 -18.06
CA TYR A 291 -24.01 -5.62 -17.67
C TYR A 291 -25.04 -5.90 -18.77
N GLN A 292 -26.28 -6.15 -18.39
CA GLN A 292 -27.41 -6.20 -19.31
C GLN A 292 -28.54 -5.39 -18.67
N VAL A 293 -29.61 -5.16 -19.42
CA VAL A 293 -30.74 -4.36 -18.93
C VAL A 293 -32.04 -5.12 -19.13
N ARG A 294 -32.90 -5.09 -18.12
CA ARG A 294 -34.21 -5.72 -18.21
C ARG A 294 -35.32 -4.74 -17.85
N CYS A 295 -36.35 -4.74 -18.69
CA CYS A 295 -37.54 -3.91 -18.52
C CYS A 295 -38.72 -4.85 -18.27
N LEU A 296 -39.32 -4.75 -17.08
CA LEU A 296 -40.49 -5.57 -16.76
C LEU A 296 -41.74 -5.09 -17.50
N PHE A 297 -42.62 -6.04 -17.80
CA PHE A 297 -44.01 -5.72 -18.10
C PHE A 297 -44.78 -5.49 -16.81
N GLN A 298 -45.82 -4.68 -16.89
CA GLN A 298 -46.64 -4.45 -15.70
C GLN A 298 -47.36 -5.72 -15.28
N SER A 299 -47.73 -6.57 -16.25
CA SER A 299 -48.39 -7.81 -15.98
C SER A 299 -47.73 -8.85 -16.88
N PRO A 300 -47.42 -10.03 -16.37
CA PRO A 300 -46.82 -11.06 -17.22
C PRO A 300 -47.82 -11.59 -18.24
N LEU A 301 -47.27 -12.15 -19.30
CA LEU A 301 -48.06 -12.71 -20.39
C LEU A 301 -47.72 -14.18 -20.53
N PHE A 302 -48.73 -15.03 -20.46
CA PHE A 302 -48.53 -16.45 -20.70
C PHE A 302 -48.40 -16.71 -22.19
N ALA A 303 -47.36 -17.45 -22.56
CA ALA A 303 -47.19 -17.92 -23.92
C ALA A 303 -46.78 -19.38 -23.90
N LYS A 304 -47.23 -20.12 -24.90
CA LYS A 304 -46.79 -21.49 -25.10
C LYS A 304 -45.68 -21.51 -26.13
N ALA A 305 -44.79 -22.49 -26.01
CA ALA A 305 -43.81 -22.71 -27.06
C ALA A 305 -44.53 -22.83 -28.40
N GLY A 306 -44.12 -21.99 -29.35
CA GLY A 306 -44.75 -21.93 -30.65
C GLY A 306 -45.66 -20.75 -30.86
N ASP A 307 -46.15 -20.13 -29.79
CA ASP A 307 -46.87 -18.87 -29.88
C ASP A 307 -45.96 -17.76 -30.37
N THR A 308 -46.57 -16.64 -30.72
CA THR A 308 -45.87 -15.45 -31.17
C THR A 308 -46.15 -14.30 -30.19
N LEU A 309 -45.10 -13.57 -29.80
CA LEU A 309 -45.22 -12.39 -28.96
C LEU A 309 -44.78 -11.19 -29.80
N SER A 310 -45.74 -10.32 -30.15
CA SER A 310 -45.49 -9.23 -31.07
C SER A 310 -45.78 -7.90 -30.40
N GLY A 311 -45.06 -6.87 -30.82
CA GLY A 311 -45.22 -5.56 -30.22
C GLY A 311 -44.14 -4.60 -30.68
N THR A 312 -43.92 -3.58 -29.87
CA THR A 312 -43.06 -2.47 -30.23
C THR A 312 -42.36 -1.97 -28.97
N CYS A 313 -41.07 -1.69 -29.10
CA CYS A 313 -40.31 -0.94 -28.10
C CYS A 313 -39.96 0.41 -28.69
N LEU A 314 -40.51 1.47 -28.11
CA LEU A 314 -40.35 2.83 -28.62
C LEU A 314 -39.49 3.62 -27.63
N LEU A 315 -38.37 4.14 -28.10
CA LEU A 315 -37.45 4.95 -27.30
C LEU A 315 -37.52 6.40 -27.76
N ILE A 316 -37.87 7.29 -26.83
CA ILE A 316 -38.05 8.71 -27.12
C ILE A 316 -36.99 9.48 -26.34
N ALA A 317 -36.13 10.19 -27.07
CA ALA A 317 -35.06 10.92 -26.41
C ALA A 317 -35.63 12.05 -25.56
N ASN A 318 -35.00 12.31 -24.41
CA ASN A 318 -35.38 13.41 -23.53
C ASN A 318 -34.17 14.30 -23.25
N LYS A 319 -34.42 15.44 -22.63
CA LYS A 319 -33.39 16.45 -22.40
C LYS A 319 -32.54 16.16 -21.16
N ARG A 320 -32.72 15.01 -20.50
CA ARG A 320 -31.83 14.57 -19.44
C ARG A 320 -30.82 13.54 -19.94
N GLN A 321 -30.47 13.59 -21.22
CA GLN A 321 -29.44 12.74 -21.82
C GLN A 321 -29.82 11.27 -21.73
N SER A 322 -31.10 10.97 -21.94
CA SER A 322 -31.55 9.59 -21.87
C SER A 322 -32.84 9.44 -22.66
N TYR A 323 -33.60 8.40 -22.35
CA TYR A 323 -34.78 8.03 -23.12
C TYR A 323 -35.96 7.67 -22.22
N ASP A 324 -37.14 7.99 -22.71
CA ASP A 324 -38.38 7.42 -22.20
C ASP A 324 -38.65 6.15 -23.01
N ILE A 325 -38.83 5.03 -22.31
CA ILE A 325 -39.06 3.74 -22.95
C ILE A 325 -40.54 3.41 -22.82
N SER A 326 -41.18 3.09 -23.93
CA SER A 326 -42.53 2.54 -23.90
C SER A 326 -42.52 1.21 -24.63
N ILE A 327 -43.00 0.17 -23.97
CA ILE A 327 -43.05 -1.18 -24.51
C ILE A 327 -44.50 -1.64 -24.47
N VAL A 328 -44.99 -2.15 -25.60
CA VAL A 328 -46.28 -2.81 -25.67
C VAL A 328 -46.07 -4.17 -26.32
N ALA A 329 -46.71 -5.20 -25.77
CA ALA A 329 -46.55 -6.56 -26.26
C ALA A 329 -47.86 -7.30 -26.15
N GLN A 330 -48.14 -8.18 -27.10
CA GLN A 330 -49.27 -9.08 -26.98
C GLN A 330 -48.89 -10.46 -27.50
N VAL A 331 -49.57 -11.46 -26.95
CA VAL A 331 -49.48 -12.84 -27.42
C VAL A 331 -50.52 -12.98 -28.52
N ASP A 332 -50.08 -13.22 -29.75
CA ASP A 332 -50.99 -13.15 -30.88
C ASP A 332 -52.10 -14.19 -30.80
N GLN A 333 -51.80 -15.37 -30.27
CA GLN A 333 -52.78 -16.46 -30.28
C GLN A 333 -53.90 -16.29 -29.26
N THR A 334 -53.70 -15.44 -28.24
CA THR A 334 -54.71 -15.24 -27.20
C THR A 334 -55.23 -13.82 -27.08
N GLY A 335 -54.49 -12.82 -27.53
CA GLY A 335 -54.89 -11.43 -27.35
C GLY A 335 -54.39 -10.79 -26.08
N SER A 336 -53.84 -11.56 -25.13
CA SER A 336 -53.36 -10.97 -23.89
C SER A 336 -52.26 -9.96 -24.16
N LYS A 337 -52.37 -8.80 -23.52
CA LYS A 337 -51.61 -7.60 -23.84
C LYS A 337 -51.03 -7.04 -22.55
N SER A 338 -49.81 -6.52 -22.62
CA SER A 338 -49.27 -5.75 -21.51
C SER A 338 -48.38 -4.65 -22.06
N SER A 339 -47.97 -3.77 -21.16
CA SER A 339 -47.19 -2.60 -21.54
C SER A 339 -46.37 -2.17 -20.32
N ASN A 340 -45.52 -1.17 -20.52
CA ASN A 340 -44.86 -0.48 -19.42
C ASN A 340 -44.19 0.77 -19.98
N LEU A 341 -44.05 1.76 -19.11
CA LEU A 341 -43.34 3.01 -19.41
C LEU A 341 -42.17 3.09 -18.45
N LEU A 342 -40.96 3.28 -18.98
CA LEU A 342 -39.76 3.27 -18.15
C LEU A 342 -38.89 4.49 -18.41
N ASP A 343 -38.14 4.87 -17.36
CA ASP A 343 -37.22 6.01 -17.37
C ASP A 343 -35.79 5.47 -17.35
N LEU A 344 -35.11 5.46 -18.51
CA LEU A 344 -33.77 4.89 -18.60
C LEU A 344 -32.73 5.69 -17.83
N LYS A 345 -33.00 6.97 -17.52
CA LYS A 345 -32.00 7.80 -16.83
C LYS A 345 -31.71 7.28 -15.43
N ASN A 346 -32.69 6.64 -14.78
CA ASN A 346 -32.60 6.27 -13.38
C ASN A 346 -32.82 4.78 -13.22
N PRO A 347 -31.88 3.97 -13.69
CA PRO A 347 -32.01 2.51 -13.56
C PRO A 347 -31.73 2.05 -12.15
N PHE A 348 -32.21 0.85 -11.86
CA PHE A 348 -31.94 0.19 -10.59
C PHE A 348 -30.76 -0.75 -10.77
N PHE A 349 -29.67 -0.49 -10.04
CA PHE A 349 -28.49 -1.34 -10.10
C PHE A 349 -28.67 -2.46 -9.09
N ARG A 350 -29.06 -3.62 -9.58
CA ARG A 350 -29.41 -4.77 -8.77
C ARG A 350 -28.22 -5.70 -8.55
N TYR A 351 -27.19 -5.57 -9.39
CA TYR A 351 -26.09 -6.53 -9.40
C TYR A 351 -25.36 -6.57 -8.07
N THR A 352 -24.98 -7.78 -7.67
CA THR A 352 -24.17 -8.01 -6.47
C THR A 352 -23.05 -8.99 -6.77
N ARG B 9 -34.21 37.84 -4.96
CA ARG B 9 -33.83 36.44 -5.07
C ARG B 9 -33.94 35.76 -3.70
N SER B 10 -34.27 34.47 -3.69
CA SER B 10 -34.45 33.78 -2.43
C SER B 10 -33.11 33.45 -1.80
N VAL B 11 -33.12 33.34 -0.47
CA VAL B 11 -31.90 32.98 0.26
C VAL B 11 -31.39 31.62 -0.19
N PHE B 12 -32.30 30.69 -0.48
CA PHE B 12 -31.86 29.38 -0.96
C PHE B 12 -31.16 29.48 -2.31
N SER B 13 -31.77 30.16 -3.28
CA SER B 13 -31.18 30.21 -4.61
C SER B 13 -29.85 30.96 -4.61
N GLU B 14 -29.69 31.95 -3.72
CA GLU B 14 -28.44 32.71 -3.67
C GLU B 14 -27.27 31.89 -3.13
N ARG B 15 -27.52 30.83 -2.35
CA ARG B 15 -26.44 30.02 -1.81
C ARG B 15 -26.29 28.68 -2.52
N THR B 16 -27.08 28.40 -3.57
CA THR B 16 -27.15 27.07 -4.15
C THR B 16 -27.08 27.13 -5.67
N GLU B 17 -26.14 26.37 -6.26
CA GLU B 17 -26.12 26.16 -7.70
C GLU B 17 -27.37 25.41 -8.13
N GLU B 18 -28.02 25.89 -9.20
CA GLU B 18 -29.26 25.26 -9.66
C GLU B 18 -29.05 23.77 -9.93
N SER B 19 -27.95 23.41 -10.60
CA SER B 19 -27.70 22.00 -10.91
C SER B 19 -27.70 21.14 -9.66
N SER B 20 -27.04 21.60 -8.59
CA SER B 20 -27.04 20.86 -7.34
C SER B 20 -28.46 20.68 -6.81
N ALA B 21 -29.25 21.76 -6.79
CA ALA B 21 -30.59 21.70 -6.22
C ALA B 21 -31.50 20.76 -7.00
N VAL B 22 -31.43 20.81 -8.33
CA VAL B 22 -32.31 19.96 -9.14
C VAL B 22 -32.07 18.49 -8.80
N GLN B 23 -30.81 18.09 -8.73
CA GLN B 23 -30.47 16.70 -8.44
C GLN B 23 -30.84 16.34 -7.00
N TYR B 24 -30.68 17.29 -6.09
CA TYR B 24 -30.99 17.06 -4.69
C TYR B 24 -32.47 16.78 -4.48
N PHE B 25 -33.34 17.62 -5.05
CA PHE B 25 -34.77 17.42 -4.87
C PHE B 25 -35.32 16.29 -5.72
N GLN B 26 -34.66 15.94 -6.84
CA GLN B 26 -35.06 14.73 -7.56
C GLN B 26 -34.82 13.49 -6.70
N PHE B 27 -33.65 13.41 -6.06
CA PHE B 27 -33.34 12.31 -5.15
C PHE B 27 -34.43 12.10 -4.12
N TYR B 28 -34.89 13.19 -3.49
CA TYR B 28 -35.87 13.10 -2.42
C TYR B 28 -37.30 12.95 -2.93
N GLY B 29 -37.52 12.98 -4.23
CA GLY B 29 -38.83 12.70 -4.79
C GLY B 29 -39.19 11.23 -4.86
N TYR B 30 -38.27 10.33 -4.54
CA TYR B 30 -38.50 8.89 -4.67
C TYR B 30 -39.07 8.31 -3.39
N LEU B 31 -40.19 7.59 -3.52
CA LEU B 31 -40.77 6.89 -2.37
C LEU B 31 -39.80 5.90 -1.77
N SER B 32 -38.96 5.27 -2.59
CA SER B 32 -38.00 4.30 -2.06
C SER B 32 -37.02 4.95 -1.10
N GLN B 33 -36.67 6.22 -1.33
CA GLN B 33 -35.78 6.91 -0.41
C GLN B 33 -36.50 7.31 0.88
N GLN B 34 -37.78 7.68 0.80
CA GLN B 34 -38.56 7.86 2.03
C GLN B 34 -38.65 6.57 2.83
N GLN B 35 -38.91 5.45 2.15
CA GLN B 35 -38.97 4.17 2.85
C GLN B 35 -37.67 3.88 3.58
N ASN B 36 -36.55 4.17 2.93
CA ASN B 36 -35.25 3.92 3.55
C ASN B 36 -35.10 4.69 4.87
N MET B 37 -35.45 5.98 4.87
CA MET B 37 -35.36 6.73 6.11
C MET B 37 -36.38 6.23 7.13
N MET B 38 -37.60 5.95 6.68
CA MET B 38 -38.65 5.52 7.58
C MET B 38 -38.30 4.19 8.24
N GLN B 39 -37.63 3.30 7.52
CA GLN B 39 -37.29 1.98 8.06
C GLN B 39 -36.10 2.01 9.02
N ASP B 40 -35.45 3.16 9.19
CA ASP B 40 -34.47 3.36 10.25
C ASP B 40 -35.23 3.47 11.57
N TYR B 41 -35.39 2.36 12.30
CA TYR B 41 -36.29 2.37 13.46
C TYR B 41 -35.73 3.18 14.62
N VAL B 42 -34.40 3.22 14.79
CA VAL B 42 -33.84 4.07 15.83
C VAL B 42 -34.23 5.53 15.57
N ARG B 43 -34.08 5.97 14.33
CA ARG B 43 -34.41 7.34 13.95
C ARG B 43 -35.89 7.62 14.15
N THR B 44 -36.74 6.80 13.53
CA THR B 44 -38.17 7.09 13.49
C THR B 44 -38.80 6.91 14.87
N GLY B 45 -38.41 5.85 15.58
CA GLY B 45 -38.93 5.65 16.93
C GLY B 45 -38.45 6.69 17.91
N THR B 46 -37.23 7.22 17.71
CA THR B 46 -36.74 8.24 18.62
C THR B 46 -37.43 9.57 18.37
N TYR B 47 -37.68 9.93 17.11
CA TYR B 47 -38.46 11.12 16.83
C TYR B 47 -39.85 11.01 17.41
N GLN B 48 -40.49 9.85 17.28
CA GLN B 48 -41.86 9.72 17.79
C GLN B 48 -41.87 9.82 19.31
N ARG B 49 -40.86 9.26 19.97
CA ARG B 49 -40.78 9.35 21.42
C ARG B 49 -40.51 10.78 21.87
N ALA B 50 -39.61 11.49 21.20
CA ALA B 50 -39.37 12.89 21.54
C ALA B 50 -40.65 13.72 21.47
N ILE B 51 -41.48 13.46 20.47
CA ILE B 51 -42.68 14.26 20.27
C ILE B 51 -43.80 13.83 21.21
N LEU B 52 -44.10 12.53 21.28
CA LEU B 52 -45.22 12.07 22.11
C LEU B 52 -44.95 12.23 23.59
N GLN B 53 -43.72 12.00 24.03
CA GLN B 53 -43.43 12.14 25.46
C GLN B 53 -43.32 13.59 25.88
N ASN B 54 -43.15 14.51 24.93
CA ASN B 54 -43.29 15.94 25.20
C ASN B 54 -44.56 16.49 24.57
N HIS B 55 -45.67 15.76 24.73
CA HIS B 55 -46.90 16.13 24.03
C HIS B 55 -47.40 17.51 24.43
N THR B 56 -47.10 17.96 25.66
CA THR B 56 -47.56 19.28 26.09
C THR B 56 -46.91 20.40 25.29
N ASP B 57 -45.77 20.14 24.63
CA ASP B 57 -45.18 21.11 23.73
C ASP B 57 -45.86 21.15 22.37
N PHE B 58 -46.84 20.29 22.14
CA PHE B 58 -47.57 20.26 20.88
C PHE B 58 -49.07 20.46 21.04
N LYS B 59 -49.64 20.10 22.18
CA LYS B 59 -51.10 20.16 22.38
C LYS B 59 -51.63 21.56 22.11
N ASP B 60 -52.55 21.66 21.15
CA ASP B 60 -53.22 22.91 20.77
C ASP B 60 -52.25 23.95 20.26
N LYS B 61 -51.08 23.54 19.78
CA LYS B 61 -50.06 24.44 19.27
C LYS B 61 -50.06 24.48 17.74
N ILE B 62 -49.34 25.47 17.21
CA ILE B 62 -49.11 25.63 15.78
C ILE B 62 -47.69 25.18 15.48
N VAL B 63 -47.54 24.31 14.49
CA VAL B 63 -46.30 23.58 14.22
C VAL B 63 -45.86 23.83 12.79
N LEU B 64 -44.55 23.97 12.57
CA LEU B 64 -43.96 23.96 11.24
C LEU B 64 -43.03 22.76 11.09
N ASP B 65 -43.26 21.95 10.06
CA ASP B 65 -42.42 20.80 9.73
C ASP B 65 -41.59 21.14 8.50
N VAL B 66 -40.29 21.33 8.68
CA VAL B 66 -39.44 21.81 7.59
C VAL B 66 -38.88 20.59 6.84
N GLY B 67 -39.33 20.43 5.60
CA GLY B 67 -38.86 19.35 4.76
C GLY B 67 -39.53 18.05 5.14
N CYS B 68 -40.86 18.01 5.00
CA CYS B 68 -41.65 16.99 5.66
C CYS B 68 -41.61 15.64 4.97
N GLY B 69 -41.13 15.55 3.74
CA GLY B 69 -41.12 14.27 3.05
C GLY B 69 -42.53 13.75 2.92
N SER B 70 -42.72 12.49 3.29
CA SER B 70 -44.02 11.84 3.25
C SER B 70 -44.96 12.35 4.34
N GLY B 71 -44.46 13.12 5.30
CA GLY B 71 -45.28 13.73 6.34
C GLY B 71 -45.14 13.12 7.72
N ILE B 72 -44.27 12.11 7.88
CA ILE B 72 -44.30 11.30 9.10
C ILE B 72 -44.21 12.14 10.37
N LEU B 73 -43.32 13.14 10.39
CA LEU B 73 -43.18 13.92 11.63
C LEU B 73 -44.40 14.77 11.90
N SER B 74 -45.08 15.23 10.86
CA SER B 74 -46.32 15.97 11.05
C SER B 74 -47.41 15.08 11.62
N PHE B 75 -47.47 13.83 11.20
CA PHE B 75 -48.41 12.89 11.81
C PHE B 75 -48.11 12.69 13.29
N PHE B 76 -46.83 12.66 13.66
CA PHE B 76 -46.49 12.55 15.09
C PHE B 76 -46.96 13.79 15.85
N ALA B 77 -46.74 14.98 15.30
CA ALA B 77 -47.23 16.19 15.93
C ALA B 77 -48.74 16.17 16.09
N ALA B 78 -49.44 15.63 15.08
CA ALA B 78 -50.89 15.52 15.19
C ALA B 78 -51.31 14.52 16.25
N GLN B 79 -50.55 13.42 16.39
CA GLN B 79 -50.84 12.46 17.47
C GLN B 79 -50.71 13.13 18.83
N ALA B 80 -49.74 14.03 18.98
CA ALA B 80 -49.53 14.77 20.22
C ALA B 80 -50.51 15.92 20.44
N GLY B 81 -51.46 16.13 19.53
CA GLY B 81 -52.52 17.10 19.75
C GLY B 81 -52.34 18.47 19.14
N ALA B 82 -51.46 18.65 18.16
CA ALA B 82 -51.27 19.97 17.57
C ALA B 82 -52.55 20.47 16.90
N ARG B 83 -52.82 21.77 17.06
CA ARG B 83 -53.99 22.37 16.44
C ARG B 83 -53.80 22.52 14.93
N LYS B 84 -52.63 22.97 14.48
CA LYS B 84 -52.39 23.18 13.06
C LYS B 84 -50.93 22.89 12.77
N ILE B 85 -50.68 22.20 11.67
CA ILE B 85 -49.33 21.80 11.28
C ILE B 85 -49.12 22.18 9.83
N TYR B 86 -48.14 23.05 9.59
CA TYR B 86 -47.75 23.43 8.24
C TYR B 86 -46.57 22.56 7.82
N ALA B 87 -46.78 21.73 6.81
CA ALA B 87 -45.80 20.75 6.36
C ALA B 87 -45.21 21.20 5.04
N VAL B 88 -43.98 21.71 5.07
CA VAL B 88 -43.34 22.33 3.91
C VAL B 88 -42.39 21.32 3.28
N GLU B 89 -42.48 21.16 1.96
CA GLU B 89 -41.64 20.23 1.23
C GLU B 89 -41.45 20.71 -0.20
N ALA B 90 -40.19 20.75 -0.65
CA ALA B 90 -39.85 21.29 -1.96
C ALA B 90 -39.80 20.24 -3.07
N SER B 91 -39.64 18.96 -2.73
CA SER B 91 -39.65 17.92 -3.75
C SER B 91 -41.08 17.55 -4.12
N THR B 92 -41.20 16.68 -5.13
CA THR B 92 -42.51 16.19 -5.55
C THR B 92 -43.14 15.26 -4.52
N MET B 93 -42.39 14.87 -3.48
CA MET B 93 -42.96 14.10 -2.37
C MET B 93 -44.10 14.85 -1.69
N ALA B 94 -44.17 16.18 -1.86
CA ALA B 94 -45.24 16.94 -1.24
C ALA B 94 -46.61 16.43 -1.67
N GLN B 95 -46.74 16.04 -2.95
CA GLN B 95 -48.02 15.52 -3.43
C GLN B 95 -48.37 14.19 -2.78
N HIS B 96 -47.38 13.36 -2.47
CA HIS B 96 -47.68 12.10 -1.78
C HIS B 96 -48.04 12.36 -0.31
N ALA B 97 -47.43 13.37 0.31
CA ALA B 97 -47.83 13.74 1.66
C ALA B 97 -49.30 14.15 1.70
N GLU B 98 -49.74 14.95 0.72
CA GLU B 98 -51.14 15.36 0.68
C GLU B 98 -52.06 14.15 0.63
N VAL B 99 -51.70 13.15 -0.17
CA VAL B 99 -52.50 11.93 -0.26
C VAL B 99 -52.64 11.26 1.09
N LEU B 100 -51.55 11.15 1.85
CA LEU B 100 -51.62 10.51 3.17
C LEU B 100 -52.43 11.35 4.15
N VAL B 101 -52.34 12.69 4.08
CA VAL B 101 -53.14 13.52 4.97
C VAL B 101 -54.62 13.24 4.75
N LYS B 102 -55.05 13.17 3.50
CA LYS B 102 -56.46 12.90 3.21
C LYS B 102 -56.85 11.48 3.63
N SER B 103 -56.00 10.49 3.36
CA SER B 103 -56.37 9.11 3.65
C SER B 103 -56.33 8.81 5.15
N ASN B 104 -55.62 9.61 5.93
CA ASN B 104 -55.62 9.50 7.39
C ASN B 104 -56.59 10.46 8.05
N ASN B 105 -57.45 11.13 7.28
CA ASN B 105 -58.52 11.96 7.82
C ASN B 105 -57.97 13.08 8.72
N LEU B 106 -56.91 13.73 8.26
CA LEU B 106 -56.27 14.79 9.02
C LEU B 106 -56.22 16.10 8.22
N THR B 107 -57.18 16.27 7.31
CA THR B 107 -57.23 17.47 6.46
C THR B 107 -57.49 18.75 7.26
N ASP B 108 -58.11 18.64 8.43
CA ASP B 108 -58.36 19.80 9.26
C ASP B 108 -57.14 20.23 10.06
N ARG B 109 -56.07 19.46 10.07
CA ARG B 109 -54.95 19.78 10.96
C ARG B 109 -53.59 19.84 10.28
N ILE B 110 -53.32 19.01 9.29
CA ILE B 110 -52.04 19.04 8.57
C ILE B 110 -52.27 19.72 7.22
N VAL B 111 -51.53 20.79 6.97
CA VAL B 111 -51.64 21.56 5.73
C VAL B 111 -50.29 21.47 5.02
N VAL B 112 -50.22 20.69 3.96
CA VAL B 112 -49.02 20.65 3.14
C VAL B 112 -48.88 21.95 2.38
N ILE B 113 -47.70 22.52 2.40
CA ILE B 113 -47.38 23.72 1.63
C ILE B 113 -46.15 23.41 0.77
N PRO B 114 -46.34 23.12 -0.52
CA PRO B 114 -45.19 22.75 -1.35
C PRO B 114 -44.32 23.96 -1.68
N GLY B 115 -43.00 23.73 -1.72
CA GLY B 115 -42.04 24.77 -2.01
C GLY B 115 -40.86 24.76 -1.06
N LYS B 116 -39.90 25.66 -1.27
CA LYS B 116 -38.78 25.81 -0.37
C LYS B 116 -39.19 26.67 0.81
N VAL B 117 -38.71 26.30 2.01
CA VAL B 117 -39.09 27.04 3.20
C VAL B 117 -38.60 28.48 3.13
N GLU B 118 -37.57 28.75 2.32
CA GLU B 118 -37.06 30.08 2.09
C GLU B 118 -37.94 30.89 1.13
N GLU B 119 -38.90 30.26 0.48
CA GLU B 119 -39.66 30.88 -0.59
C GLU B 119 -41.17 30.85 -0.39
N VAL B 120 -41.69 29.94 0.43
CA VAL B 120 -43.13 29.85 0.61
C VAL B 120 -43.59 31.02 1.48
N SER B 121 -44.90 31.26 1.49
CA SER B 121 -45.52 32.24 2.36
C SER B 121 -46.33 31.48 3.40
N LEU B 122 -45.88 31.51 4.62
CA LEU B 122 -46.59 30.75 5.64
C LEU B 122 -47.74 31.57 6.22
N PRO B 123 -48.89 30.94 6.51
CA PRO B 123 -50.05 31.72 6.94
C PRO B 123 -49.93 32.39 8.30
N GLU B 124 -49.04 31.94 9.19
CA GLU B 124 -48.98 32.49 10.53
C GLU B 124 -47.70 32.03 11.20
N GLN B 125 -47.39 32.67 12.32
CA GLN B 125 -46.25 32.31 13.15
C GLN B 125 -46.55 31.04 13.94
N VAL B 126 -45.49 30.30 14.31
CA VAL B 126 -45.65 28.98 14.91
C VAL B 126 -45.00 28.93 16.28
N ASP B 127 -45.47 27.99 17.10
CA ASP B 127 -44.94 27.76 18.45
C ASP B 127 -43.71 26.88 18.44
N ILE B 128 -43.56 25.99 17.45
CA ILE B 128 -42.49 25.00 17.48
C ILE B 128 -42.21 24.56 16.05
N ILE B 129 -40.92 24.42 15.74
CA ILE B 129 -40.47 23.89 14.45
C ILE B 129 -39.93 22.49 14.68
N ILE B 130 -40.31 21.56 13.81
CA ILE B 130 -39.75 20.21 13.80
C ILE B 130 -39.15 19.95 12.43
N SER B 131 -38.09 19.16 12.41
CA SER B 131 -37.40 18.84 11.17
C SER B 131 -36.41 17.71 11.42
N GLU B 132 -35.98 17.08 10.33
CA GLU B 132 -34.86 16.15 10.35
C GLU B 132 -33.83 16.71 9.36
N PRO B 133 -33.10 17.75 9.73
CA PRO B 133 -32.21 18.42 8.77
C PRO B 133 -30.76 17.93 8.79
N MET B 134 -30.45 16.86 9.53
CA MET B 134 -29.07 16.41 9.68
C MET B 134 -28.65 15.59 8.46
N GLY B 135 -27.49 15.93 7.89
CA GLY B 135 -26.84 15.08 6.91
C GLY B 135 -25.66 14.33 7.50
N TYR B 136 -24.94 13.62 6.62
CA TYR B 136 -23.70 12.99 7.03
C TYR B 136 -22.81 14.02 7.71
N MET B 137 -22.12 13.60 8.77
CA MET B 137 -21.27 14.51 9.53
C MET B 137 -22.07 15.68 10.10
N LEU B 138 -23.37 15.48 10.29
CA LEU B 138 -24.33 16.51 10.69
C LEU B 138 -24.55 17.58 9.62
N PHE B 139 -23.49 18.12 9.02
CA PHE B 139 -23.61 19.34 8.24
C PHE B 139 -23.87 19.14 6.75
N ASN B 140 -23.65 17.95 6.19
CA ASN B 140 -23.87 17.77 4.76
C ASN B 140 -25.30 18.13 4.37
N GLU B 141 -25.45 18.71 3.17
CA GLU B 141 -26.70 19.11 2.53
C GLU B 141 -27.03 20.58 2.81
N ARG B 142 -26.40 21.14 3.83
CA ARG B 142 -26.67 22.51 4.28
C ARG B 142 -28.13 22.71 4.65
N MET B 143 -28.83 21.64 5.04
CA MET B 143 -30.23 21.83 5.40
C MET B 143 -30.40 22.43 6.78
N LEU B 144 -29.36 22.38 7.63
CA LEU B 144 -29.44 23.10 8.90
C LEU B 144 -29.67 24.58 8.67
N GLU B 145 -29.15 25.14 7.58
CA GLU B 145 -29.37 26.55 7.32
C GLU B 145 -30.84 26.83 6.99
N SER B 146 -31.52 25.89 6.32
CA SER B 146 -32.94 26.08 6.06
C SER B 146 -33.74 26.01 7.36
N TYR B 147 -33.33 25.10 8.24
CA TYR B 147 -33.94 24.96 9.56
C TYR B 147 -33.84 26.25 10.36
N LEU B 148 -32.65 26.85 10.38
CA LEU B 148 -32.45 28.11 11.08
C LEU B 148 -33.20 29.24 10.39
N HIS B 149 -33.18 29.26 9.04
CA HIS B 149 -33.91 30.28 8.30
C HIS B 149 -35.39 30.30 8.68
N ALA B 150 -35.98 29.13 8.91
CA ALA B 150 -37.40 29.02 9.24
C ALA B 150 -37.75 29.71 10.56
N LYS B 151 -36.76 30.08 11.38
CA LYS B 151 -37.07 30.78 12.62
C LYS B 151 -37.67 32.16 12.38
N LYS B 152 -37.60 32.69 11.16
CA LYS B 152 -38.37 33.89 10.85
C LYS B 152 -39.86 33.70 11.15
N TYR B 153 -40.33 32.45 11.18
CA TYR B 153 -41.73 32.14 11.48
C TYR B 153 -41.98 31.77 12.94
N LEU B 154 -40.93 31.73 13.77
CA LEU B 154 -41.07 31.22 15.13
C LEU B 154 -41.45 32.35 16.09
N LYS B 155 -42.49 32.11 16.91
CA LYS B 155 -42.86 33.08 17.94
C LYS B 155 -41.71 33.27 18.93
N PRO B 156 -41.65 34.43 19.59
CA PRO B 156 -40.64 34.63 20.65
C PRO B 156 -40.58 33.51 21.66
N SER B 157 -41.71 33.01 22.11
CA SER B 157 -41.64 31.95 23.09
C SER B 157 -41.20 30.57 22.48
N GLY B 158 -40.83 30.43 21.19
CA GLY B 158 -40.91 29.14 20.52
C GLY B 158 -39.73 28.20 20.75
N ASN B 159 -39.93 26.96 20.32
CA ASN B 159 -38.97 25.87 20.51
C ASN B 159 -38.61 25.24 19.17
N MET B 160 -37.48 24.52 19.16
CA MET B 160 -36.99 23.79 18.00
C MET B 160 -36.76 22.33 18.39
N PHE B 161 -37.27 21.41 17.58
CA PHE B 161 -37.11 19.96 17.78
C PHE B 161 -36.47 19.40 16.52
N PRO B 162 -35.17 19.04 16.53
CA PRO B 162 -34.18 19.05 17.61
C PRO B 162 -33.76 20.44 18.04
N THR B 163 -33.27 20.54 19.28
CA THR B 163 -32.92 21.80 19.90
C THR B 163 -31.44 22.12 19.78
N ILE B 164 -30.58 21.10 19.89
CA ILE B 164 -29.14 21.27 19.75
C ILE B 164 -28.57 20.09 18.97
N GLY B 165 -27.37 20.27 18.44
CA GLY B 165 -26.64 19.22 17.79
C GLY B 165 -25.19 19.20 18.21
N ASP B 166 -24.68 18.02 18.57
CA ASP B 166 -23.30 17.83 18.98
C ASP B 166 -22.59 17.05 17.89
N VAL B 167 -21.49 17.59 17.39
CA VAL B 167 -20.59 16.83 16.52
C VAL B 167 -19.43 16.33 17.37
N HIS B 168 -19.11 15.04 17.25
CA HIS B 168 -17.99 14.42 17.94
C HIS B 168 -16.92 14.05 16.93
N LEU B 169 -15.66 14.29 17.29
CA LEU B 169 -14.53 13.83 16.50
C LEU B 169 -13.51 13.13 17.38
N ALA B 170 -12.83 12.13 16.81
CA ALA B 170 -11.82 11.39 17.54
C ALA B 170 -10.82 10.75 16.60
N PRO B 171 -9.54 10.68 16.97
CA PRO B 171 -8.55 10.01 16.12
C PRO B 171 -8.74 8.49 16.13
N PHE B 172 -8.42 7.88 14.99
CA PHE B 172 -8.58 6.43 14.84
C PHE B 172 -7.37 5.83 14.13
N THR B 173 -7.23 4.52 14.29
CA THR B 173 -6.24 3.71 13.61
C THR B 173 -6.95 2.63 12.81
N ASP B 174 -6.61 2.50 11.53
CA ASP B 174 -7.21 1.50 10.67
C ASP B 174 -6.36 1.34 9.41
N GLU B 175 -5.28 0.57 9.52
CA GLU B 175 -4.36 0.40 8.40
C GLU B 175 -5.04 -0.27 7.21
N GLN B 176 -6.04 -1.13 7.45
CA GLN B 176 -6.73 -1.79 6.35
C GLN B 176 -7.50 -0.79 5.49
N LEU B 177 -8.23 0.13 6.12
CA LEU B 177 -8.94 1.15 5.35
C LEU B 177 -7.96 2.00 4.56
N TYR B 178 -6.87 2.40 5.21
CA TYR B 178 -5.86 3.22 4.55
C TYR B 178 -5.26 2.51 3.35
N MET B 179 -4.89 1.23 3.51
CA MET B 179 -4.33 0.48 2.40
C MET B 179 -5.36 0.28 1.29
N GLU B 180 -6.63 0.12 1.65
CA GLU B 180 -7.68 -0.05 0.65
C GLU B 180 -7.73 1.16 -0.29
N GLN B 181 -7.77 2.36 0.29
CA GLN B 181 -7.82 3.57 -0.52
C GLN B 181 -6.52 3.79 -1.26
N PHE B 182 -5.39 3.55 -0.60
CA PHE B 182 -4.09 3.74 -1.26
C PHE B 182 -3.93 2.77 -2.41
N THR B 183 -4.45 1.55 -2.28
CA THR B 183 -4.32 0.58 -3.37
C THR B 183 -5.09 1.03 -4.61
N LYS B 184 -6.28 1.61 -4.42
CA LYS B 184 -7.04 2.10 -5.57
C LYS B 184 -6.24 3.16 -6.32
N ALA B 185 -5.64 4.10 -5.60
CA ALA B 185 -4.88 5.16 -6.24
C ALA B 185 -3.64 4.62 -6.94
N ASN B 186 -3.13 3.47 -6.50
CA ASN B 186 -1.90 2.91 -7.06
C ASN B 186 -2.07 2.51 -8.51
N PHE B 187 -3.31 2.36 -8.99
CA PHE B 187 -3.55 2.14 -10.41
C PHE B 187 -2.84 3.19 -11.27
N TRP B 188 -2.82 4.44 -10.80
CA TRP B 188 -2.27 5.55 -11.55
C TRP B 188 -0.77 5.70 -11.34
N TYR B 189 -0.12 4.69 -10.78
CA TYR B 189 1.32 4.61 -10.68
C TYR B 189 1.93 3.83 -11.83
N GLN B 190 1.12 3.14 -12.62
CA GLN B 190 1.63 2.17 -13.59
C GLN B 190 2.45 2.85 -14.68
N PRO B 191 3.66 2.37 -14.99
CA PRO B 191 4.42 2.93 -16.10
C PRO B 191 4.02 2.38 -17.46
N SER B 192 3.19 1.35 -17.53
CA SER B 192 2.85 0.77 -18.83
C SER B 192 1.50 0.05 -18.82
N PHE B 193 0.43 0.80 -18.62
CA PHE B 193 -0.92 0.26 -18.72
C PHE B 193 -1.28 0.17 -20.20
N HIS B 194 -1.38 -1.06 -20.72
CA HIS B 194 -1.54 -1.29 -22.15
C HIS B 194 -0.55 -0.44 -22.95
N GLY B 195 0.67 -0.33 -22.43
CA GLY B 195 1.71 0.45 -23.06
C GLY B 195 1.70 1.94 -22.77
N VAL B 196 0.82 2.42 -21.89
CA VAL B 196 0.69 3.84 -21.60
C VAL B 196 1.24 4.09 -20.20
N ASP B 197 2.07 5.13 -20.06
CA ASP B 197 2.64 5.51 -18.78
C ASP B 197 1.65 6.44 -18.08
N LEU B 198 1.07 5.97 -16.98
CA LEU B 198 0.06 6.72 -16.24
C LEU B 198 0.64 7.50 -15.07
N SER B 199 1.94 7.33 -14.76
CA SER B 199 2.44 7.65 -13.43
C SER B 199 2.51 9.15 -13.16
N ALA B 200 2.48 10.00 -14.18
CA ALA B 200 2.46 11.44 -13.92
C ALA B 200 1.19 11.88 -13.20
N LEU B 201 0.12 11.09 -13.25
CA LEU B 201 -1.13 11.39 -12.58
C LEU B 201 -1.25 10.76 -11.20
N ARG B 202 -0.17 10.19 -10.66
CA ARG B 202 -0.28 9.48 -9.39
C ARG B 202 -0.65 10.41 -8.25
N GLY B 203 -0.05 11.60 -8.19
CA GLY B 203 -0.38 12.52 -7.13
C GLY B 203 -1.82 13.00 -7.19
N ALA B 204 -2.32 13.27 -8.40
CA ALA B 204 -3.72 13.66 -8.55
C ALA B 204 -4.66 12.55 -8.11
N ALA B 205 -4.30 11.30 -8.40
CA ALA B 205 -5.15 10.18 -7.99
C ALA B 205 -5.19 10.05 -6.47
N VAL B 206 -4.03 10.13 -5.80
CA VAL B 206 -4.01 10.05 -4.34
C VAL B 206 -4.86 11.16 -3.74
N ASP B 207 -4.66 12.39 -4.21
CA ASP B 207 -5.49 13.51 -3.76
C ASP B 207 -6.97 13.20 -3.90
N GLU B 208 -7.37 12.69 -5.06
CA GLU B 208 -8.79 12.44 -5.31
C GLU B 208 -9.34 11.37 -4.36
N TYR B 209 -8.64 10.26 -4.21
CA TYR B 209 -9.18 9.18 -3.38
C TYR B 209 -9.21 9.58 -1.92
N PHE B 210 -8.23 10.37 -1.46
CA PHE B 210 -8.22 10.77 -0.06
C PHE B 210 -9.07 11.99 0.22
N ARG B 211 -9.62 12.64 -0.81
CA ARG B 211 -10.62 13.69 -0.61
C ARG B 211 -11.98 13.14 -0.20
N GLN B 212 -12.20 11.84 -0.37
CA GLN B 212 -13.51 11.26 -0.11
C GLN B 212 -13.64 10.87 1.35
N PRO B 213 -14.57 11.43 2.10
CA PRO B 213 -14.85 10.89 3.44
C PRO B 213 -15.47 9.51 3.31
N VAL B 214 -15.16 8.66 4.27
CA VAL B 214 -15.57 7.26 4.24
C VAL B 214 -16.78 7.11 5.14
N VAL B 215 -17.90 6.72 4.55
CA VAL B 215 -19.15 6.50 5.27
C VAL B 215 -19.32 5.01 5.47
N ASP B 216 -19.17 4.58 6.72
CA ASP B 216 -19.45 3.21 7.14
C ASP B 216 -19.32 3.20 8.65
N THR B 217 -19.43 2.03 9.26
CA THR B 217 -19.31 1.90 10.69
C THR B 217 -18.04 1.12 11.02
N PHE B 218 -17.71 1.11 12.31
CA PHE B 218 -16.46 0.52 12.77
C PHE B 218 -16.57 0.16 14.25
N ASP B 219 -15.63 -0.66 14.68
CA ASP B 219 -15.48 -1.06 16.07
C ASP B 219 -14.88 0.10 16.87
N ILE B 220 -15.48 0.41 18.02
CA ILE B 220 -15.02 1.53 18.83
C ILE B 220 -13.60 1.36 19.33
N ARG B 221 -13.03 0.16 19.20
CA ARG B 221 -11.66 -0.07 19.65
C ARG B 221 -10.62 0.55 18.71
N ILE B 222 -11.00 0.94 17.49
CA ILE B 222 -10.06 1.68 16.64
C ILE B 222 -9.82 3.09 17.15
N LEU B 223 -10.62 3.58 18.10
CA LEU B 223 -10.49 4.96 18.54
C LEU B 223 -9.35 5.07 19.54
N MET B 224 -8.53 6.12 19.38
CA MET B 224 -7.29 6.28 20.13
C MET B 224 -7.35 7.38 21.18
N ALA B 225 -8.47 8.05 21.33
CA ALA B 225 -8.61 9.08 22.36
C ALA B 225 -10.09 9.40 22.53
N LYS B 226 -10.42 9.98 23.68
CA LYS B 226 -11.78 10.44 23.91
C LYS B 226 -12.13 11.55 22.94
N SER B 227 -13.39 11.56 22.50
CA SER B 227 -13.82 12.50 21.48
C SER B 227 -13.85 13.92 22.00
N VAL B 228 -13.77 14.86 21.05
CA VAL B 228 -13.99 16.28 21.30
C VAL B 228 -15.37 16.62 20.74
N LYS B 229 -16.10 17.48 21.46
CA LYS B 229 -17.49 17.80 21.14
C LYS B 229 -17.63 19.26 20.73
N TYR B 230 -18.38 19.49 19.66
CA TYR B 230 -18.70 20.83 19.18
C TYR B 230 -20.20 20.94 19.04
N THR B 231 -20.79 21.95 19.69
CA THR B 231 -22.24 22.06 19.82
C THR B 231 -22.78 23.22 19.00
N VAL B 232 -23.87 22.96 18.29
CA VAL B 232 -24.68 23.99 17.62
C VAL B 232 -26.02 24.04 18.35
N ASN B 233 -26.37 25.23 18.84
CA ASN B 233 -27.63 25.44 19.53
C ASN B 233 -28.61 26.04 18.53
N PHE B 234 -29.58 25.24 18.08
CA PHE B 234 -30.47 25.69 17.02
C PHE B 234 -31.41 26.81 17.45
N LEU B 235 -31.62 26.99 18.76
CA LEU B 235 -32.42 28.12 19.20
C LEU B 235 -31.68 29.44 19.04
N GLU B 236 -30.35 29.42 19.13
CA GLU B 236 -29.55 30.63 19.15
C GLU B 236 -28.84 30.92 17.84
N ALA B 237 -28.45 29.89 17.11
CA ALA B 237 -27.63 30.08 15.91
C ALA B 237 -28.38 30.81 14.83
N LYS B 238 -27.63 31.57 14.03
CA LYS B 238 -28.14 32.19 12.82
C LYS B 238 -27.59 31.47 11.59
N GLU B 239 -28.38 31.50 10.52
CA GLU B 239 -27.98 30.92 9.23
C GLU B 239 -26.52 31.17 8.91
N GLY B 240 -26.13 32.44 8.90
CA GLY B 240 -24.78 32.83 8.55
C GLY B 240 -23.73 32.20 9.43
N ASP B 241 -24.10 31.74 10.62
CA ASP B 241 -23.14 31.10 11.51
C ASP B 241 -22.55 29.83 10.91
N LEU B 242 -23.24 29.20 9.96
CA LEU B 242 -22.83 27.91 9.42
C LEU B 242 -22.05 28.01 8.12
N HIS B 243 -21.72 29.23 7.68
CA HIS B 243 -20.96 29.36 6.44
C HIS B 243 -19.50 29.01 6.65
N ARG B 244 -19.00 29.18 7.87
CA ARG B 244 -17.63 28.84 8.23
C ARG B 244 -17.66 28.25 9.63
N ILE B 245 -17.29 26.98 9.76
CA ILE B 245 -17.36 26.26 11.02
C ILE B 245 -15.95 25.83 11.40
N GLU B 246 -15.44 26.37 12.49
CA GLU B 246 -14.06 26.14 12.91
C GLU B 246 -14.07 25.36 14.23
N ILE B 247 -13.61 24.12 14.17
CA ILE B 247 -13.63 23.20 15.31
C ILE B 247 -12.20 22.93 15.78
N PRO B 248 -11.68 23.62 16.79
CA PRO B 248 -10.37 23.27 17.33
C PRO B 248 -10.45 21.99 18.14
N PHE B 249 -9.31 21.30 18.23
CA PHE B 249 -9.28 20.07 19.00
C PHE B 249 -7.89 19.84 19.60
N LYS B 250 -7.90 19.22 20.77
CA LYS B 250 -6.71 18.78 21.47
C LYS B 250 -7.03 17.45 22.11
N PHE B 251 -6.46 16.37 21.57
CA PHE B 251 -6.70 15.02 22.06
C PHE B 251 -5.55 14.56 22.95
N HIS B 252 -5.89 13.86 24.02
CA HIS B 252 -4.91 13.22 24.89
C HIS B 252 -4.87 11.74 24.52
N MET B 253 -3.80 11.33 23.86
CA MET B 253 -3.74 10.01 23.26
C MET B 253 -3.74 8.94 24.34
N LEU B 254 -4.69 8.01 24.21
CA LEU B 254 -4.82 6.91 25.15
C LEU B 254 -4.09 5.65 24.72
N HIS B 255 -3.67 5.57 23.45
CA HIS B 255 -3.00 4.40 22.91
C HIS B 255 -1.90 4.85 21.96
N SER B 256 -0.85 4.04 21.86
CA SER B 256 0.23 4.28 20.91
C SER B 256 -0.10 3.65 19.56
N GLY B 257 0.28 4.33 18.49
CA GLY B 257 0.16 3.77 17.17
C GLY B 257 0.03 4.86 16.12
N LEU B 258 -0.29 4.43 14.90
CA LEU B 258 -0.53 5.35 13.80
C LEU B 258 -1.93 5.93 13.87
N VAL B 259 -2.03 7.25 13.71
CA VAL B 259 -3.30 7.91 13.52
C VAL B 259 -3.53 8.06 12.02
N HIS B 260 -4.51 7.33 11.49
CA HIS B 260 -4.83 7.38 10.07
C HIS B 260 -5.84 8.46 9.72
N GLY B 261 -6.50 9.06 10.70
CA GLY B 261 -7.42 10.14 10.41
C GLY B 261 -8.31 10.43 11.60
N LEU B 262 -9.37 11.19 11.36
CA LEU B 262 -10.37 11.53 12.36
C LEU B 262 -11.70 10.87 12.01
N ALA B 263 -12.39 10.38 13.04
CA ALA B 263 -13.74 9.85 12.91
C ALA B 263 -14.75 10.86 13.43
N PHE B 264 -15.93 10.87 12.80
CA PHE B 264 -16.97 11.84 13.10
C PHE B 264 -18.31 11.15 13.30
N TRP B 265 -19.07 11.61 14.30
CA TRP B 265 -20.47 11.25 14.45
C TRP B 265 -21.19 12.43 15.09
N PHE B 266 -22.51 12.29 15.28
CA PHE B 266 -23.26 13.39 15.87
C PHE B 266 -24.45 12.88 16.69
N ASP B 267 -24.83 13.69 17.68
CA ASP B 267 -26.01 13.50 18.50
C ASP B 267 -26.91 14.74 18.36
N VAL B 268 -28.22 14.55 18.45
CA VAL B 268 -29.13 15.69 18.61
C VAL B 268 -30.03 15.45 19.82
N ALA B 269 -30.40 16.54 20.48
CA ALA B 269 -31.23 16.51 21.67
C ALA B 269 -32.52 17.27 21.41
N PHE B 270 -33.64 16.66 21.79
CA PHE B 270 -34.95 17.29 21.78
C PHE B 270 -35.25 17.71 23.21
N ILE B 271 -35.14 19.01 23.50
CA ILE B 271 -35.20 19.51 24.87
C ILE B 271 -36.62 20.02 25.08
N GLY B 272 -37.49 19.13 25.56
CA GLY B 272 -38.88 19.45 25.75
C GLY B 272 -39.16 19.87 27.19
N SER B 273 -40.43 20.19 27.43
CA SER B 273 -40.85 20.62 28.76
C SER B 273 -40.99 19.47 29.72
N ILE B 274 -41.22 18.26 29.22
CA ILE B 274 -41.35 17.08 30.06
C ILE B 274 -40.03 16.32 30.16
N MET B 275 -39.31 16.14 29.05
CA MET B 275 -38.03 15.45 29.13
C MET B 275 -37.17 15.79 27.92
N THR B 276 -35.88 15.54 28.06
CA THR B 276 -34.92 15.66 26.97
C THR B 276 -34.65 14.28 26.39
N VAL B 277 -34.84 14.14 25.08
CA VAL B 277 -34.67 12.89 24.38
C VAL B 277 -33.53 13.04 23.39
N TRP B 278 -32.62 12.07 23.38
CA TRP B 278 -31.42 12.12 22.56
C TRP B 278 -31.50 11.12 21.42
N LEU B 279 -31.08 11.55 20.24
CA LEU B 279 -30.84 10.67 19.11
C LEU B 279 -29.35 10.68 18.81
N SER B 280 -28.70 9.53 18.93
CA SER B 280 -27.25 9.40 18.80
C SER B 280 -26.89 8.52 17.60
N THR B 281 -25.90 8.98 16.82
CA THR B 281 -25.31 8.17 15.76
C THR B 281 -23.91 7.69 16.12
N ALA B 282 -23.60 7.64 17.42
CA ALA B 282 -22.28 7.23 17.88
C ALA B 282 -22.01 5.76 17.57
N PRO B 283 -20.74 5.39 17.41
CA PRO B 283 -20.41 3.98 17.15
C PRO B 283 -20.58 3.08 18.37
N THR B 284 -20.89 3.63 19.53
CA THR B 284 -21.28 2.86 20.71
C THR B 284 -22.77 2.54 20.73
N GLU B 285 -23.56 3.13 19.82
CA GLU B 285 -25.01 3.02 19.79
C GLU B 285 -25.46 2.21 18.58
N PRO B 286 -26.71 1.72 18.60
CA PRO B 286 -27.22 0.99 17.44
C PRO B 286 -27.07 1.81 16.16
N LEU B 287 -26.70 1.12 15.10
CA LEU B 287 -26.47 1.77 13.82
C LEU B 287 -27.71 2.50 13.32
N THR B 288 -27.50 3.65 12.71
CA THR B 288 -28.53 4.40 11.98
C THR B 288 -28.10 4.51 10.53
N HIS B 289 -29.01 5.04 9.71
CA HIS B 289 -28.67 5.23 8.31
C HIS B 289 -27.71 6.40 8.07
N TRP B 290 -27.29 7.14 9.11
CA TRP B 290 -26.19 8.08 8.97
C TRP B 290 -24.83 7.43 9.16
N TYR B 291 -24.79 6.18 9.65
CA TYR B 291 -23.53 5.48 9.90
C TYR B 291 -22.57 6.36 10.68
N GLN B 292 -21.29 6.34 10.33
CA GLN B 292 -20.30 7.27 10.86
C GLN B 292 -19.44 7.72 9.69
N VAL B 293 -18.60 8.72 9.91
CA VAL B 293 -17.82 9.31 8.83
C VAL B 293 -16.37 9.42 9.26
N ARG B 294 -15.46 8.96 8.40
CA ARG B 294 -14.02 9.01 8.65
C ARG B 294 -13.31 9.76 7.54
N CYS B 295 -12.47 10.73 7.95
CA CYS B 295 -11.64 11.50 7.04
C CYS B 295 -10.20 11.03 7.22
N LEU B 296 -9.62 10.45 6.17
CA LEU B 296 -8.28 9.91 6.22
C LEU B 296 -7.23 10.99 6.04
N PHE B 297 -6.08 10.76 6.67
CA PHE B 297 -4.87 11.50 6.34
C PHE B 297 -4.15 10.80 5.20
N GLN B 298 -3.70 11.59 4.21
CA GLN B 298 -2.82 11.02 3.20
C GLN B 298 -1.56 10.44 3.85
N SER B 299 -1.12 11.03 4.95
CA SER B 299 0.10 10.60 5.64
C SER B 299 -0.20 10.39 7.11
N PRO B 300 -0.29 9.15 7.60
CA PRO B 300 -0.63 8.93 9.01
C PRO B 300 0.43 9.47 9.95
N LEU B 301 -0.01 9.82 11.15
CA LEU B 301 0.82 10.41 12.19
C LEU B 301 1.07 9.40 13.29
N PHE B 302 2.32 9.20 13.68
CA PHE B 302 2.62 8.34 14.81
C PHE B 302 2.58 9.15 16.11
N ALA B 303 1.88 8.61 17.10
CA ALA B 303 1.75 9.21 18.42
C ALA B 303 1.88 8.15 19.49
N LYS B 304 2.42 8.55 20.64
CA LYS B 304 2.50 7.72 21.83
C LYS B 304 1.38 8.06 22.81
N ALA B 305 0.92 7.04 23.53
CA ALA B 305 0.00 7.28 24.64
C ALA B 305 0.57 8.35 25.55
N GLY B 306 -0.24 9.37 25.84
CA GLY B 306 0.19 10.50 26.63
C GLY B 306 0.54 11.74 25.82
N ASP B 307 0.93 11.57 24.56
CA ASP B 307 1.11 12.71 23.66
C ASP B 307 -0.22 13.45 23.46
N THR B 308 -0.12 14.67 22.94
CA THR B 308 -1.29 15.43 22.54
C THR B 308 -1.31 15.60 21.02
N LEU B 309 -2.49 15.40 20.44
CA LEU B 309 -2.76 15.64 19.02
C LEU B 309 -3.67 16.86 18.90
N SER B 310 -3.19 17.92 18.27
CA SER B 310 -3.92 19.17 18.23
C SER B 310 -4.03 19.70 16.80
N GLY B 311 -5.08 20.50 16.60
CA GLY B 311 -5.26 21.15 15.32
C GLY B 311 -6.67 21.70 15.17
N THR B 312 -7.12 21.75 13.92
CA THR B 312 -8.37 22.41 13.57
C THR B 312 -9.04 21.62 12.45
N CYS B 313 -10.35 21.42 12.60
CA CYS B 313 -11.20 20.97 11.50
C CYS B 313 -12.03 22.17 11.05
N LEU B 314 -11.85 22.59 9.81
CA LEU B 314 -12.50 23.80 9.28
C LEU B 314 -13.44 23.40 8.15
N LEU B 315 -14.71 23.74 8.30
CA LEU B 315 -15.73 23.48 7.28
C LEU B 315 -16.13 24.81 6.64
N ILE B 316 -15.99 24.90 5.32
CA ILE B 316 -16.38 26.06 4.53
C ILE B 316 -17.53 25.65 3.63
N ALA B 317 -18.68 26.33 3.76
CA ALA B 317 -19.83 25.97 2.96
C ALA B 317 -19.58 26.30 1.48
N ASN B 318 -20.15 25.49 0.60
CA ASN B 318 -20.02 25.73 -0.84
C ASN B 318 -21.41 25.68 -1.48
N LYS B 319 -21.45 26.01 -2.78
CA LYS B 319 -22.70 26.18 -3.50
C LYS B 319 -23.33 24.86 -3.95
N ARG B 320 -22.68 23.73 -3.70
CA ARG B 320 -23.25 22.42 -4.01
C ARG B 320 -23.85 21.77 -2.77
N GLN B 321 -24.39 22.60 -1.86
CA GLN B 321 -25.11 22.14 -0.68
C GLN B 321 -24.24 21.26 0.22
N SER B 322 -22.98 21.63 0.37
CA SER B 322 -22.08 20.86 1.22
C SER B 322 -20.93 21.74 1.68
N TYR B 323 -19.83 21.11 2.11
CA TYR B 323 -18.71 21.79 2.73
C TYR B 323 -17.39 21.31 2.15
N ASP B 324 -16.45 22.25 1.98
CA ASP B 324 -15.05 21.94 1.77
C ASP B 324 -14.40 21.80 3.14
N ILE B 325 -13.81 20.64 3.42
CA ILE B 325 -13.27 20.34 4.75
C ILE B 325 -11.76 20.41 4.70
N SER B 326 -11.16 21.15 5.63
CA SER B 326 -9.71 21.10 5.83
C SER B 326 -9.44 20.64 7.26
N ILE B 327 -8.61 19.62 7.38
CA ILE B 327 -8.18 19.09 8.67
C ILE B 327 -6.67 19.22 8.75
N VAL B 328 -6.21 19.90 9.77
CA VAL B 328 -4.78 20.03 10.06
C VAL B 328 -4.59 19.48 11.46
N ALA B 329 -3.72 18.49 11.58
CA ALA B 329 -3.43 17.86 12.87
C ALA B 329 -1.93 17.75 13.07
N GLN B 330 -1.52 17.88 14.32
CA GLN B 330 -0.12 17.90 14.66
C GLN B 330 0.09 17.18 15.99
N VAL B 331 1.11 16.33 16.04
CA VAL B 331 1.55 15.74 17.30
C VAL B 331 2.45 16.76 17.99
N ASP B 332 2.00 17.29 19.12
CA ASP B 332 2.65 18.43 19.73
C ASP B 332 4.07 18.10 20.18
N GLN B 333 4.29 16.87 20.66
CA GLN B 333 5.60 16.52 21.21
C GLN B 333 6.67 16.42 20.14
N THR B 334 6.30 16.27 18.86
CA THR B 334 7.28 16.08 17.80
C THR B 334 7.16 17.03 16.62
N GLY B 335 6.08 17.81 16.51
CA GLY B 335 5.92 18.68 15.36
C GLY B 335 5.58 17.98 14.07
N SER B 336 5.20 16.69 14.13
CA SER B 336 4.74 15.98 12.95
C SER B 336 3.31 16.43 12.63
N LYS B 337 3.11 16.93 11.42
CA LYS B 337 1.81 17.48 11.02
C LYS B 337 1.26 16.78 9.80
N SER B 338 -0.06 16.80 9.69
CA SER B 338 -0.77 16.28 8.52
C SER B 338 -1.86 17.27 8.14
N SER B 339 -1.94 17.59 6.85
CA SER B 339 -2.93 18.53 6.32
C SER B 339 -3.73 17.83 5.25
N ASN B 340 -5.05 18.00 5.27
CA ASN B 340 -5.90 17.25 4.37
C ASN B 340 -7.12 18.07 3.96
N LEU B 341 -7.50 17.93 2.69
CA LEU B 341 -8.70 18.56 2.14
C LEU B 341 -9.67 17.47 1.74
N LEU B 342 -10.94 17.63 2.12
CA LEU B 342 -11.96 16.64 1.77
C LEU B 342 -13.19 17.34 1.21
N ASP B 343 -13.87 16.63 0.33
CA ASP B 343 -15.05 17.12 -0.36
C ASP B 343 -16.25 16.34 0.19
N LEU B 344 -16.96 16.95 1.14
CA LEU B 344 -18.03 16.25 1.84
C LEU B 344 -19.18 15.87 0.91
N LYS B 345 -19.36 16.59 -0.20
CA LYS B 345 -20.49 16.30 -1.07
C LYS B 345 -20.41 14.88 -1.64
N ASN B 346 -19.21 14.31 -1.77
CA ASN B 346 -19.01 13.08 -2.54
C ASN B 346 -18.25 12.04 -1.73
N PRO B 347 -18.93 11.41 -0.77
CA PRO B 347 -18.28 10.43 0.10
C PRO B 347 -18.13 9.08 -0.59
N PHE B 348 -17.36 8.21 0.05
CA PHE B 348 -17.21 6.82 -0.35
C PHE B 348 -18.08 5.97 0.57
N PHE B 349 -19.19 5.45 0.05
CA PHE B 349 -20.10 4.62 0.84
C PHE B 349 -19.55 3.20 0.87
N ARG B 350 -18.86 2.87 1.96
CA ARG B 350 -18.12 1.62 2.06
C ARG B 350 -18.97 0.47 2.61
N TYR B 351 -20.00 0.76 3.40
CA TYR B 351 -20.82 -0.29 4.01
C TYR B 351 -21.40 -1.26 2.97
N SER C 10 45.20 10.42 6.75
CA SER C 10 44.45 11.12 7.78
C SER C 10 44.49 10.36 9.09
N VAL C 11 43.98 10.98 10.15
CA VAL C 11 43.81 10.27 11.42
C VAL C 11 42.92 9.04 11.24
N PHE C 12 41.85 9.17 10.44
CA PHE C 12 40.96 8.04 10.23
C PHE C 12 41.66 6.88 9.53
N SER C 13 42.33 7.16 8.40
CA SER C 13 42.96 6.08 7.65
C SER C 13 44.04 5.39 8.48
N GLU C 14 44.73 6.14 9.34
CA GLU C 14 45.82 5.56 10.12
C GLU C 14 45.32 4.53 11.12
N ARG C 15 44.10 4.71 11.64
CA ARG C 15 43.55 3.81 12.65
C ARG C 15 42.57 2.79 12.09
N THR C 16 42.30 2.80 10.78
CA THR C 16 41.24 1.97 10.21
C THR C 16 41.75 1.16 9.04
N GLU C 17 41.49 -0.14 9.08
CA GLU C 17 41.72 -1.00 7.93
C GLU C 17 40.75 -0.64 6.82
N GLU C 18 41.25 -0.59 5.59
CA GLU C 18 40.41 -0.10 4.50
C GLU C 18 39.22 -1.02 4.27
N SER C 19 39.40 -2.33 4.41
CA SER C 19 38.29 -3.26 4.21
C SER C 19 37.21 -3.03 5.25
N SER C 20 37.58 -2.73 6.49
CA SER C 20 36.58 -2.38 7.50
C SER C 20 35.81 -1.13 7.08
N ALA C 21 36.53 -0.08 6.66
CA ALA C 21 35.88 1.18 6.32
C ALA C 21 34.95 1.02 5.13
N VAL C 22 35.32 0.21 4.14
CA VAL C 22 34.44 0.03 2.98
C VAL C 22 33.09 -0.51 3.42
N GLN C 23 33.10 -1.61 4.17
CA GLN C 23 31.85 -2.21 4.64
C GLN C 23 31.09 -1.25 5.54
N TYR C 24 31.80 -0.54 6.42
CA TYR C 24 31.17 0.37 7.37
C TYR C 24 30.33 1.41 6.65
N PHE C 25 30.93 2.14 5.70
CA PHE C 25 30.19 3.22 5.06
C PHE C 25 29.22 2.71 4.00
N GLN C 26 29.45 1.52 3.42
CA GLN C 26 28.40 0.92 2.60
C GLN C 26 27.15 0.68 3.42
N PHE C 27 27.29 0.18 4.64
CA PHE C 27 26.16 -0.07 5.51
C PHE C 27 25.34 1.19 5.73
N TYR C 28 26.01 2.31 6.01
CA TYR C 28 25.30 3.55 6.29
C TYR C 28 24.82 4.25 5.03
N GLY C 29 25.08 3.69 3.85
CA GLY C 29 24.60 4.28 2.61
C GLY C 29 23.18 3.93 2.25
N TYR C 30 22.55 3.03 3.01
CA TYR C 30 21.20 2.58 2.72
C TYR C 30 20.17 3.45 3.43
N LEU C 31 19.16 3.87 2.69
CA LEU C 31 18.05 4.58 3.30
C LEU C 31 17.31 3.71 4.31
N SER C 32 17.24 2.40 4.08
CA SER C 32 16.55 1.52 5.01
C SER C 32 17.24 1.50 6.36
N GLN C 33 18.56 1.70 6.38
CA GLN C 33 19.28 1.76 7.64
C GLN C 33 19.05 3.09 8.35
N GLN C 34 19.06 4.20 7.60
CA GLN C 34 18.68 5.48 8.19
C GLN C 34 17.27 5.42 8.76
N GLN C 35 16.36 4.81 8.02
CA GLN C 35 14.98 4.71 8.48
C GLN C 35 14.88 3.96 9.81
N ASN C 36 15.65 2.89 9.97
CA ASN C 36 15.54 2.11 11.19
C ASN C 36 16.01 2.91 12.40
N MET C 37 17.02 3.77 12.24
CA MET C 37 17.40 4.69 13.30
C MET C 37 16.30 5.72 13.53
N MET C 38 15.79 6.32 12.45
CA MET C 38 14.79 7.38 12.57
C MET C 38 13.52 6.88 13.25
N GLN C 39 13.10 5.65 12.93
CA GLN C 39 11.89 5.09 13.52
C GLN C 39 12.09 4.59 14.96
N ASP C 40 13.28 4.73 15.51
CA ASP C 40 13.51 4.55 16.94
C ASP C 40 12.97 5.80 17.62
N TYR C 41 11.73 5.71 18.11
CA TYR C 41 11.05 6.91 18.61
C TYR C 41 11.80 7.51 19.80
N VAL C 42 12.26 6.67 20.72
CA VAL C 42 12.97 7.17 21.89
C VAL C 42 14.23 7.92 21.46
N ARG C 43 15.03 7.28 20.61
CA ARG C 43 16.24 7.90 20.09
C ARG C 43 15.94 9.24 19.42
N THR C 44 15.04 9.23 18.44
CA THR C 44 14.81 10.43 17.63
C THR C 44 14.09 11.51 18.43
N GLY C 45 13.06 11.12 19.21
CA GLY C 45 12.36 12.10 20.01
C GLY C 45 13.24 12.75 21.06
N THR C 46 14.18 11.99 21.63
CA THR C 46 15.01 12.53 22.70
C THR C 46 16.03 13.53 22.16
N TYR C 47 16.65 13.23 21.02
CA TYR C 47 17.52 14.20 20.38
C TYR C 47 16.76 15.49 20.07
N GLN C 48 15.53 15.36 19.56
CA GLN C 48 14.73 16.54 19.24
C GLN C 48 14.47 17.38 20.48
N ARG C 49 13.98 16.75 21.55
CA ARG C 49 13.67 17.51 22.76
C ARG C 49 14.93 18.14 23.36
N ALA C 50 16.05 17.41 23.34
CA ALA C 50 17.28 17.96 23.89
C ALA C 50 17.71 19.22 23.15
N ILE C 51 17.47 19.27 21.84
CA ILE C 51 17.83 20.45 21.05
C ILE C 51 16.78 21.55 21.23
N LEU C 52 15.52 21.23 20.95
CA LEU C 52 14.47 22.25 21.00
C LEU C 52 14.32 22.85 22.39
N GLN C 53 14.30 22.00 23.43
CA GLN C 53 14.11 22.52 24.78
C GLN C 53 15.30 23.33 25.28
N ASN C 54 16.46 23.18 24.64
CA ASN C 54 17.62 24.03 24.91
C ASN C 54 17.85 25.02 23.78
N HIS C 55 16.79 25.69 23.35
CA HIS C 55 16.86 26.53 22.16
C HIS C 55 17.91 27.63 22.28
N THR C 56 18.14 28.13 23.49
CA THR C 56 19.13 29.19 23.62
C THR C 56 20.55 28.69 23.36
N ASP C 57 20.77 27.38 23.31
CA ASP C 57 22.05 26.84 22.90
C ASP C 57 22.21 26.77 21.38
N PHE C 58 21.14 27.06 20.62
CA PHE C 58 21.21 26.99 19.17
C PHE C 58 20.83 28.29 18.45
N LYS C 59 19.95 29.10 19.03
CA LYS C 59 19.48 30.31 18.36
C LYS C 59 20.65 31.19 17.93
N ASP C 60 20.71 31.45 16.61
CA ASP C 60 21.73 32.31 16.00
C ASP C 60 23.15 31.77 16.21
N LYS C 61 23.29 30.46 16.39
CA LYS C 61 24.59 29.84 16.64
C LYS C 61 25.12 29.16 15.38
N ILE C 62 26.42 28.84 15.42
CA ILE C 62 27.08 28.05 14.39
C ILE C 62 27.22 26.62 14.89
N VAL C 63 26.79 25.66 14.08
CA VAL C 63 26.64 24.26 14.51
C VAL C 63 27.43 23.36 13.58
N LEU C 64 27.98 22.29 14.15
CA LEU C 64 28.59 21.21 13.39
C LEU C 64 27.91 19.90 13.73
N ASP C 65 27.43 19.19 12.69
CA ASP C 65 26.77 17.90 12.82
C ASP C 65 27.71 16.83 12.26
N VAL C 66 28.25 15.99 13.14
CA VAL C 66 29.27 15.01 12.78
C VAL C 66 28.58 13.70 12.41
N GLY C 67 28.65 13.32 11.14
CA GLY C 67 28.01 12.10 10.68
C GLY C 67 26.50 12.29 10.56
N CYS C 68 26.08 13.23 9.72
CA CYS C 68 24.69 13.69 9.75
C CYS C 68 23.69 12.71 9.14
N GLY C 69 24.14 11.68 8.44
CA GLY C 69 23.21 10.74 7.85
C GLY C 69 22.27 11.46 6.89
N SER C 70 20.97 11.28 7.10
CA SER C 70 19.97 11.94 6.26
C SER C 70 19.85 13.43 6.57
N GLY C 71 20.41 13.89 7.69
CA GLY C 71 20.34 15.28 8.07
C GLY C 71 19.40 15.61 9.22
N ILE C 72 18.73 14.61 9.81
CA ILE C 72 17.62 14.89 10.72
C ILE C 72 18.06 15.80 11.87
N LEU C 73 19.24 15.55 12.44
CA LEU C 73 19.67 16.35 13.59
C LEU C 73 19.99 17.78 13.18
N SER C 74 20.53 17.97 11.98
CA SER C 74 20.72 19.32 11.45
C SER C 74 19.38 20.05 11.29
N PHE C 75 18.34 19.34 10.84
CA PHE C 75 17.04 20.01 10.73
C PHE C 75 16.52 20.40 12.11
N PHE C 76 16.79 19.59 13.14
CA PHE C 76 16.40 19.98 14.49
C PHE C 76 17.11 21.24 14.94
N ALA C 77 18.42 21.33 14.68
CA ALA C 77 19.15 22.53 15.05
C ALA C 77 18.62 23.74 14.28
N ALA C 78 18.13 23.53 13.06
CA ALA C 78 17.49 24.59 12.30
C ALA C 78 16.15 24.98 12.93
N GLN C 79 15.34 23.99 13.31
CA GLN C 79 14.10 24.29 14.04
C GLN C 79 14.39 25.14 15.28
N ALA C 80 15.53 24.91 15.93
CA ALA C 80 15.86 25.63 17.15
C ALA C 80 16.50 26.99 16.89
N GLY C 81 16.73 27.36 15.64
CA GLY C 81 17.08 28.72 15.28
C GLY C 81 18.54 28.92 14.91
N ALA C 82 19.29 27.85 14.63
CA ALA C 82 20.70 27.97 14.34
C ALA C 82 20.94 28.80 13.08
N ARG C 83 21.96 29.66 13.13
CA ARG C 83 22.24 30.54 12.01
C ARG C 83 22.90 29.77 10.86
N LYS C 84 23.75 28.80 11.17
CA LYS C 84 24.48 28.08 10.12
C LYS C 84 24.91 26.72 10.67
N ILE C 85 24.64 25.67 9.89
CA ILE C 85 24.90 24.30 10.29
C ILE C 85 25.78 23.66 9.22
N TYR C 86 26.95 23.16 9.63
CA TYR C 86 27.82 22.37 8.76
C TYR C 86 27.56 20.89 9.04
N ALA C 87 27.07 20.18 8.03
CA ALA C 87 26.64 18.79 8.17
C ALA C 87 27.61 17.89 7.42
N VAL C 88 28.40 17.11 8.15
CA VAL C 88 29.46 16.30 7.57
C VAL C 88 29.02 14.83 7.57
N GLU C 89 29.13 14.18 6.41
CA GLU C 89 28.75 12.79 6.25
C GLU C 89 29.65 12.12 5.22
N ALA C 90 30.21 10.96 5.59
CA ALA C 90 31.21 10.25 4.78
C ALA C 90 30.61 9.23 3.82
N SER C 91 29.43 8.69 4.13
CA SER C 91 28.79 7.72 3.25
C SER C 91 28.05 8.43 2.12
N THR C 92 27.55 7.63 1.17
CA THR C 92 26.77 8.18 0.06
C THR C 92 25.45 8.77 0.53
N MET C 93 25.07 8.58 1.79
CA MET C 93 23.90 9.25 2.33
C MET C 93 24.02 10.76 2.24
N ALA C 94 25.23 11.30 2.10
CA ALA C 94 25.39 12.75 1.98
C ALA C 94 24.64 13.31 0.79
N GLN C 95 24.51 12.56 -0.30
CA GLN C 95 23.76 13.07 -1.44
C GLN C 95 22.27 13.14 -1.13
N HIS C 96 21.75 12.20 -0.33
CA HIS C 96 20.34 12.24 0.04
C HIS C 96 20.06 13.38 1.02
N ALA C 97 21.00 13.64 1.94
CA ALA C 97 20.84 14.78 2.83
C ALA C 97 20.75 16.08 2.05
N GLU C 98 21.59 16.22 1.02
CA GLU C 98 21.56 17.44 0.20
C GLU C 98 20.20 17.61 -0.48
N VAL C 99 19.62 16.52 -0.98
CA VAL C 99 18.27 16.59 -1.55
C VAL C 99 17.30 17.15 -0.52
N LEU C 100 17.38 16.65 0.71
CA LEU C 100 16.43 17.10 1.73
C LEU C 100 16.66 18.55 2.14
N VAL C 101 17.92 18.99 2.16
CA VAL C 101 18.19 20.39 2.48
C VAL C 101 17.57 21.30 1.43
N LYS C 102 17.66 20.91 0.16
CA LYS C 102 17.02 21.70 -0.89
C LYS C 102 15.51 21.65 -0.77
N SER C 103 14.94 20.46 -0.63
CA SER C 103 13.49 20.34 -0.65
C SER C 103 12.86 20.96 0.58
N ASN C 104 13.60 21.10 1.68
CA ASN C 104 13.11 21.79 2.86
C ASN C 104 13.51 23.27 2.88
N ASN C 105 13.96 23.81 1.75
CA ASN C 105 14.21 25.24 1.60
C ASN C 105 15.16 25.78 2.67
N LEU C 106 16.20 25.01 2.99
CA LEU C 106 17.15 25.37 4.05
C LEU C 106 18.57 25.47 3.53
N THR C 107 18.76 25.66 2.22
CA THR C 107 20.09 25.79 1.65
C THR C 107 20.84 27.01 2.20
N ASP C 108 20.13 28.02 2.68
CA ASP C 108 20.78 29.18 3.27
C ASP C 108 21.28 28.92 4.69
N ARG C 109 20.86 27.81 5.31
CA ARG C 109 21.20 27.54 6.71
C ARG C 109 21.97 26.25 6.95
N ILE C 110 21.89 25.27 6.05
CA ILE C 110 22.54 23.99 6.22
C ILE C 110 23.39 23.75 4.98
N VAL C 111 24.67 23.44 5.19
CA VAL C 111 25.56 23.05 4.10
C VAL C 111 26.06 21.64 4.39
N VAL C 112 25.79 20.73 3.46
CA VAL C 112 26.22 19.34 3.55
C VAL C 112 27.63 19.23 2.98
N ILE C 113 28.54 18.66 3.77
CA ILE C 113 29.93 18.50 3.38
C ILE C 113 30.24 17.01 3.27
N PRO C 114 30.37 16.45 2.07
CA PRO C 114 30.63 15.00 1.96
C PRO C 114 32.07 14.66 2.28
N GLY C 115 32.25 13.68 3.16
CA GLY C 115 33.58 13.25 3.54
C GLY C 115 33.71 12.89 5.00
N LYS C 116 34.90 12.44 5.40
CA LYS C 116 35.17 12.13 6.79
C LYS C 116 35.57 13.39 7.54
N VAL C 117 35.07 13.52 8.77
CA VAL C 117 35.29 14.76 9.52
C VAL C 117 36.77 14.93 9.83
N GLU C 118 37.55 13.86 9.81
CA GLU C 118 39.00 13.94 9.97
C GLU C 118 39.70 14.49 8.74
N GLU C 119 39.02 14.58 7.59
CA GLU C 119 39.67 14.89 6.32
C GLU C 119 39.13 16.15 5.65
N VAL C 120 37.86 16.51 5.85
CA VAL C 120 37.28 17.66 5.17
C VAL C 120 37.84 18.96 5.74
N SER C 121 37.65 20.04 4.99
CA SER C 121 37.98 21.39 5.43
C SER C 121 36.70 22.08 5.89
N LEU C 122 36.66 22.49 7.15
CA LEU C 122 35.61 23.39 7.58
C LEU C 122 36.16 24.79 7.76
N PRO C 123 35.42 25.82 7.35
CA PRO C 123 36.00 27.17 7.33
C PRO C 123 36.10 27.83 8.71
N GLU C 124 35.06 27.73 9.54
CA GLU C 124 35.01 28.49 10.77
C GLU C 124 34.81 27.59 11.99
N GLN C 125 35.12 28.14 13.15
CA GLN C 125 34.88 27.46 14.42
C GLN C 125 33.39 27.53 14.76
N VAL C 126 32.92 26.55 15.53
CA VAL C 126 31.50 26.44 15.82
C VAL C 126 31.25 26.58 17.31
N ASP C 127 30.00 26.90 17.62
CA ASP C 127 29.54 27.08 18.99
C ASP C 127 29.15 25.77 19.66
N ILE C 128 28.69 24.79 18.89
CA ILE C 128 28.21 23.53 19.44
C ILE C 128 28.35 22.45 18.38
N ILE C 129 28.77 21.26 18.80
CA ILE C 129 28.83 20.07 17.96
C ILE C 129 27.72 19.12 18.38
N ILE C 130 26.94 18.63 17.42
CA ILE C 130 25.93 17.61 17.68
C ILE C 130 26.32 16.36 16.89
N SER C 131 26.02 15.19 17.44
CA SER C 131 26.35 13.95 16.77
C SER C 131 25.60 12.80 17.45
N GLU C 132 25.49 11.70 16.72
CA GLU C 132 25.00 10.44 17.25
C GLU C 132 26.05 9.38 16.98
N PRO C 133 27.15 9.38 17.74
CA PRO C 133 28.29 8.48 17.46
C PRO C 133 28.32 7.20 18.28
N MET C 134 27.26 6.89 19.02
CA MET C 134 27.24 5.74 19.93
C MET C 134 27.04 4.43 19.16
N GLY C 135 27.82 3.41 19.51
CA GLY C 135 27.62 2.06 19.05
C GLY C 135 27.20 1.14 20.20
N TYR C 136 27.06 -0.15 19.88
CA TYR C 136 26.88 -1.16 20.91
C TYR C 136 27.93 -0.98 22.00
N MET C 137 27.52 -1.18 23.26
CA MET C 137 28.35 -0.89 24.44
C MET C 137 28.94 0.51 24.38
N LEU C 138 28.26 1.44 23.72
CA LEU C 138 28.73 2.81 23.55
C LEU C 138 29.91 2.94 22.60
N PHE C 139 30.93 2.09 22.74
CA PHE C 139 32.22 2.34 22.08
C PHE C 139 32.36 1.68 20.71
N ASN C 140 31.56 0.66 20.38
CA ASN C 140 31.71 -0.01 19.09
C ASN C 140 31.63 1.00 17.95
N GLU C 141 32.39 0.73 16.89
CA GLU C 141 32.48 1.55 15.67
C GLU C 141 33.58 2.59 15.77
N ARG C 142 33.99 2.93 16.99
CA ARG C 142 35.02 3.94 17.25
C ARG C 142 34.64 5.30 16.67
N MET C 143 33.35 5.57 16.52
CA MET C 143 32.95 6.90 16.06
C MET C 143 33.08 7.97 17.13
N LEU C 144 33.08 7.59 18.42
CA LEU C 144 33.30 8.59 19.45
C LEU C 144 34.63 9.30 19.28
N GLU C 145 35.62 8.63 18.68
CA GLU C 145 36.88 9.30 18.41
C GLU C 145 36.75 10.33 17.30
N SER C 146 35.90 10.08 16.31
CA SER C 146 35.62 11.08 15.29
C SER C 146 34.96 12.30 15.92
N TYR C 147 33.99 12.06 16.80
CA TYR C 147 33.30 13.13 17.53
C TYR C 147 34.27 13.98 18.34
N LEU C 148 35.17 13.32 19.09
CA LEU C 148 36.16 14.07 19.86
C LEU C 148 37.16 14.77 18.95
N HIS C 149 37.52 14.12 17.83
CA HIS C 149 38.43 14.75 16.88
C HIS C 149 37.87 16.06 16.35
N ALA C 150 36.54 16.15 16.21
CA ALA C 150 35.92 17.35 15.66
C ALA C 150 36.04 18.55 16.57
N LYS C 151 36.42 18.37 17.84
CA LYS C 151 36.57 19.52 18.72
C LYS C 151 37.70 20.44 18.31
N LYS C 152 38.48 20.09 17.28
CA LYS C 152 39.43 21.04 16.74
C LYS C 152 38.71 22.25 16.17
N TYR C 153 37.44 22.07 15.77
CA TYR C 153 36.61 23.14 15.24
C TYR C 153 35.73 23.82 16.29
N LEU C 154 35.85 23.45 17.56
CA LEU C 154 34.95 23.98 18.59
C LEU C 154 35.56 25.19 19.25
N LYS C 155 34.79 26.28 19.31
CA LYS C 155 35.23 27.46 20.04
C LYS C 155 35.54 27.09 21.49
N PRO C 156 36.43 27.82 22.15
CA PRO C 156 36.54 27.70 23.60
C PRO C 156 35.18 27.97 24.23
N SER C 157 34.81 27.16 25.22
CA SER C 157 33.51 27.26 25.87
C SER C 157 32.36 27.01 24.88
N GLY C 158 32.63 26.31 23.78
CA GLY C 158 31.56 25.71 23.01
C GLY C 158 31.01 24.51 23.77
N ASN C 159 29.98 23.90 23.20
CA ASN C 159 29.30 22.78 23.86
C ASN C 159 29.29 21.56 22.95
N MET C 160 28.97 20.41 23.54
CA MET C 160 28.86 19.14 22.83
C MET C 160 27.52 18.51 23.19
N PHE C 161 26.81 18.02 22.18
CA PHE C 161 25.51 17.38 22.36
C PHE C 161 25.59 16.03 21.64
N PRO C 162 25.72 14.91 22.38
CA PRO C 162 25.70 14.77 23.84
C PRO C 162 26.97 15.26 24.52
N THR C 163 26.83 15.60 25.80
CA THR C 163 27.91 16.16 26.58
C THR C 163 28.72 15.09 27.30
N ILE C 164 28.05 14.04 27.78
CA ILE C 164 28.70 12.95 28.50
C ILE C 164 28.10 11.64 28.04
N GLY C 165 28.90 10.58 28.17
CA GLY C 165 28.44 9.23 27.95
C GLY C 165 28.83 8.34 29.12
N ASP C 166 27.85 7.62 29.65
CA ASP C 166 28.04 6.68 30.75
C ASP C 166 27.86 5.29 30.19
N VAL C 167 28.87 4.44 30.33
CA VAL C 167 28.68 3.01 30.07
C VAL C 167 28.47 2.31 31.40
N HIS C 168 27.48 1.43 31.45
CA HIS C 168 27.12 0.70 32.66
C HIS C 168 27.43 -0.77 32.50
N LEU C 169 27.94 -1.38 33.58
CA LEU C 169 28.26 -2.79 33.64
C LEU C 169 27.58 -3.40 34.87
N ALA C 170 27.01 -4.60 34.70
CA ALA C 170 26.45 -5.31 35.84
C ALA C 170 26.63 -6.81 35.67
N PRO C 171 26.80 -7.55 36.76
CA PRO C 171 26.84 -9.01 36.67
C PRO C 171 25.45 -9.59 36.49
N PHE C 172 25.35 -10.66 35.70
CA PHE C 172 24.07 -11.31 35.46
C PHE C 172 24.19 -12.81 35.63
N THR C 173 23.03 -13.43 35.83
CA THR C 173 22.87 -14.88 35.84
C THR C 173 21.92 -15.25 34.71
N ASP C 174 22.34 -16.20 33.88
CA ASP C 174 21.50 -16.72 32.79
C ASP C 174 21.96 -18.12 32.44
N GLU C 175 21.45 -19.09 33.19
CA GLU C 175 21.84 -20.47 33.02
C GLU C 175 21.56 -20.96 31.59
N GLN C 176 20.41 -20.56 31.02
CA GLN C 176 20.05 -21.02 29.68
C GLN C 176 21.02 -20.49 28.63
N LEU C 177 21.44 -19.23 28.75
CA LEU C 177 22.40 -18.68 27.79
C LEU C 177 23.74 -19.38 27.87
N TYR C 178 24.22 -19.64 29.08
CA TYR C 178 25.50 -20.32 29.23
C TYR C 178 25.44 -21.73 28.66
N MET C 179 24.40 -22.48 29.00
CA MET C 179 24.33 -23.88 28.57
C MET C 179 24.18 -23.98 27.04
N GLU C 180 23.49 -23.00 26.44
CA GLU C 180 23.24 -23.00 25.00
C GLU C 180 24.53 -23.04 24.19
N GLN C 181 25.61 -22.44 24.70
CA GLN C 181 26.89 -22.48 23.99
C GLN C 181 27.33 -23.92 23.76
N PHE C 182 27.11 -24.79 24.74
CA PHE C 182 27.56 -26.17 24.64
C PHE C 182 26.61 -27.02 23.83
N THR C 183 25.31 -26.73 23.92
CA THR C 183 24.34 -27.39 23.04
C THR C 183 24.72 -27.20 21.58
N LYS C 184 25.07 -25.97 21.19
CA LYS C 184 25.45 -25.70 19.82
C LYS C 184 26.80 -26.34 19.48
N ALA C 185 27.77 -26.20 20.37
CA ALA C 185 29.10 -26.75 20.10
C ALA C 185 29.08 -28.27 20.04
N ASN C 186 28.18 -28.91 20.79
CA ASN C 186 28.15 -30.36 20.85
C ASN C 186 27.66 -30.99 19.54
N PHE C 187 27.19 -30.18 18.59
CA PHE C 187 27.00 -30.67 17.24
C PHE C 187 28.24 -31.44 16.81
N TRP C 188 29.42 -30.90 17.12
CA TRP C 188 30.67 -31.52 16.68
C TRP C 188 31.02 -32.75 17.50
N TYR C 189 30.37 -32.99 18.64
CA TYR C 189 30.75 -34.09 19.50
C TYR C 189 29.94 -35.35 19.16
N GLN C 190 30.24 -35.90 17.98
CA GLN C 190 29.60 -37.13 17.55
C GLN C 190 30.59 -37.91 16.69
N PRO C 191 30.54 -39.25 16.74
CA PRO C 191 31.54 -40.08 16.05
C PRO C 191 31.23 -40.42 14.61
N SER C 192 29.99 -40.23 14.14
CA SER C 192 29.66 -40.61 12.79
C SER C 192 28.58 -39.67 12.26
N PHE C 193 28.95 -38.41 12.03
CA PHE C 193 28.11 -37.51 11.26
C PHE C 193 28.26 -37.91 9.80
N HIS C 194 27.24 -38.59 9.26
CA HIS C 194 27.33 -39.14 7.91
C HIS C 194 28.65 -39.89 7.71
N GLY C 195 29.11 -40.58 8.74
CA GLY C 195 30.31 -41.40 8.66
C GLY C 195 31.58 -40.74 9.15
N VAL C 196 31.51 -39.49 9.60
CA VAL C 196 32.69 -38.71 9.97
C VAL C 196 32.67 -38.49 11.48
N ASP C 197 33.82 -38.67 12.13
CA ASP C 197 33.98 -38.35 13.54
C ASP C 197 34.37 -36.87 13.64
N LEU C 198 33.46 -36.04 14.13
CA LEU C 198 33.64 -34.59 14.16
C LEU C 198 34.25 -34.08 15.47
N SER C 199 34.49 -34.96 16.44
CA SER C 199 34.63 -34.51 17.82
C SER C 199 35.91 -33.75 18.10
N ALA C 200 36.93 -33.89 17.25
CA ALA C 200 38.18 -33.16 17.45
C ALA C 200 38.00 -31.65 17.33
N LEU C 201 36.90 -31.18 16.75
CA LEU C 201 36.65 -29.75 16.58
C LEU C 201 35.74 -29.16 17.65
N ARG C 202 35.29 -29.95 18.63
CA ARG C 202 34.33 -29.45 19.60
C ARG C 202 34.91 -28.30 20.43
N GLY C 203 36.14 -28.45 20.90
CA GLY C 203 36.76 -27.38 21.69
C GLY C 203 36.90 -26.09 20.91
N ALA C 204 37.33 -26.19 19.65
CA ALA C 204 37.40 -25.00 18.81
C ALA C 204 36.04 -24.35 18.65
N ALA C 205 34.98 -25.16 18.54
CA ALA C 205 33.65 -24.59 18.42
C ALA C 205 33.23 -23.86 19.69
N VAL C 206 33.51 -24.43 20.86
CA VAL C 206 33.22 -23.76 22.12
C VAL C 206 33.93 -22.41 22.17
N ASP C 207 35.24 -22.40 21.88
CA ASP C 207 36.02 -21.16 21.99
C ASP C 207 35.45 -20.09 21.07
N GLU C 208 35.05 -20.47 19.86
CA GLU C 208 34.49 -19.51 18.91
C GLU C 208 33.22 -18.87 19.46
N TYR C 209 32.32 -19.66 20.03
CA TYR C 209 31.08 -19.10 20.57
C TYR C 209 31.34 -18.15 21.72
N PHE C 210 32.27 -18.50 22.60
CA PHE C 210 32.49 -17.68 23.80
C PHE C 210 33.19 -16.36 23.49
N ARG C 211 33.80 -16.22 22.32
CA ARG C 211 34.42 -14.95 21.97
C ARG C 211 33.43 -13.94 21.41
N GLN C 212 32.16 -14.30 21.26
CA GLN C 212 31.17 -13.41 20.67
C GLN C 212 30.37 -12.74 21.76
N PRO C 213 30.37 -11.40 21.89
CA PRO C 213 29.35 -10.76 22.73
C PRO C 213 27.97 -11.02 22.18
N VAL C 214 27.00 -11.10 23.08
CA VAL C 214 25.61 -11.34 22.72
C VAL C 214 24.87 -10.00 22.73
N VAL C 215 24.28 -9.65 21.59
CA VAL C 215 23.42 -8.48 21.50
C VAL C 215 21.96 -8.96 21.52
N ASP C 216 21.27 -8.67 22.61
CA ASP C 216 19.82 -8.90 22.74
C ASP C 216 19.40 -8.19 24.02
N THR C 217 18.14 -8.35 24.41
CA THR C 217 17.63 -7.76 25.64
C THR C 217 17.29 -8.86 26.63
N PHE C 218 16.84 -8.46 27.81
CA PHE C 218 16.64 -9.43 28.89
C PHE C 218 15.86 -8.78 30.02
N ASP C 219 15.24 -9.65 30.83
CA ASP C 219 14.51 -9.21 32.01
C ASP C 219 15.49 -8.69 33.05
N ILE C 220 15.19 -7.53 33.63
CA ILE C 220 16.10 -6.91 34.59
C ILE C 220 16.30 -7.78 35.81
N ARG C 221 15.42 -8.77 36.03
CA ARG C 221 15.55 -9.65 37.19
C ARG C 221 16.74 -10.61 37.09
N ILE C 222 17.44 -10.68 35.95
CA ILE C 222 18.67 -11.46 35.88
C ILE C 222 19.88 -10.72 36.42
N LEU C 223 19.76 -9.42 36.68
CA LEU C 223 20.88 -8.64 37.18
C LEU C 223 21.10 -8.87 38.66
N MET C 224 22.35 -9.04 39.05
CA MET C 224 22.70 -9.51 40.39
C MET C 224 23.28 -8.41 41.27
N ALA C 225 23.51 -7.21 40.74
CA ALA C 225 24.01 -6.11 41.55
C ALA C 225 23.77 -4.80 40.81
N LYS C 226 23.81 -3.71 41.56
CA LYS C 226 23.73 -2.40 40.93
C LYS C 226 24.91 -2.22 39.98
N SER C 227 24.65 -1.57 38.86
CA SER C 227 25.69 -1.42 37.84
C SER C 227 26.81 -0.51 38.34
N VAL C 228 27.95 -0.64 37.67
CA VAL C 228 29.09 0.25 37.85
C VAL C 228 29.18 1.13 36.61
N LYS C 229 29.48 2.40 36.82
CA LYS C 229 29.38 3.42 35.78
C LYS C 229 30.78 3.90 35.41
N TYR C 230 31.04 3.99 34.12
CA TYR C 230 32.27 4.59 33.61
C TYR C 230 31.89 5.74 32.68
N THR C 231 32.29 6.95 33.05
CA THR C 231 31.83 8.17 32.40
C THR C 231 32.91 8.75 31.49
N VAL C 232 32.53 9.05 30.25
CA VAL C 232 33.34 9.86 29.35
C VAL C 232 32.71 11.23 29.26
N ASN C 233 33.49 12.27 29.57
CA ASN C 233 33.05 13.66 29.43
C ASN C 233 33.57 14.17 28.10
N PHE C 234 32.67 14.30 27.12
CA PHE C 234 33.08 14.65 25.76
C PHE C 234 33.66 16.06 25.69
N LEU C 235 33.32 16.95 26.62
CA LEU C 235 33.91 18.28 26.63
C LEU C 235 35.38 18.24 27.04
N GLU C 236 35.78 17.24 27.82
CA GLU C 236 37.14 17.19 28.35
C GLU C 236 38.02 16.10 27.74
N ALA C 237 37.45 15.04 27.16
CA ALA C 237 38.24 13.90 26.71
C ALA C 237 38.94 14.18 25.38
N LYS C 238 40.05 13.48 25.17
CA LYS C 238 40.77 13.47 23.89
C LYS C 238 40.58 12.10 23.25
N GLU C 239 40.70 12.04 21.92
CA GLU C 239 40.39 10.79 21.26
C GLU C 239 41.37 9.70 21.68
N GLY C 240 42.60 10.09 22.06
CA GLY C 240 43.53 9.13 22.63
C GLY C 240 43.01 8.43 23.87
N ASP C 241 42.12 9.09 24.63
CA ASP C 241 41.57 8.46 25.83
C ASP C 241 40.75 7.22 25.52
N LEU C 242 40.35 7.03 24.26
CA LEU C 242 39.45 5.94 23.88
C LEU C 242 40.19 4.77 23.25
N HIS C 243 41.51 4.83 23.12
CA HIS C 243 42.27 3.73 22.54
C HIS C 243 42.41 2.56 23.50
N ARG C 244 42.43 2.85 24.80
CA ARG C 244 42.52 1.82 25.83
C ARG C 244 41.66 2.27 27.00
N ILE C 245 40.54 1.61 27.20
CA ILE C 245 39.55 1.99 28.21
C ILE C 245 39.59 0.93 29.30
N GLU C 246 40.10 1.30 30.47
CA GLU C 246 40.25 0.38 31.59
C GLU C 246 39.15 0.67 32.60
N ILE C 247 38.22 -0.27 32.75
CA ILE C 247 37.05 -0.09 33.61
C ILE C 247 37.20 -1.03 34.81
N PRO C 248 37.69 -0.55 35.94
CA PRO C 248 37.65 -1.36 37.16
C PRO C 248 36.22 -1.47 37.65
N PHE C 249 35.91 -2.60 38.29
CA PHE C 249 34.60 -2.73 38.91
C PHE C 249 34.71 -3.44 40.24
N LYS C 250 33.79 -3.10 41.12
CA LYS C 250 33.58 -3.82 42.37
C LYS C 250 32.07 -3.83 42.61
N PHE C 251 31.47 -5.01 42.46
CA PHE C 251 30.02 -5.15 42.57
C PHE C 251 29.67 -5.62 43.97
N HIS C 252 28.68 -4.97 44.57
CA HIS C 252 28.14 -5.39 45.85
C HIS C 252 26.93 -6.24 45.55
N MET C 253 27.10 -7.55 45.68
CA MET C 253 26.08 -8.48 45.21
C MET C 253 24.80 -8.30 46.03
N LEU C 254 23.69 -8.14 45.32
CA LEU C 254 22.38 -8.02 45.93
C LEU C 254 21.65 -9.36 46.00
N HIS C 255 22.05 -10.31 45.18
CA HIS C 255 21.43 -11.62 45.12
C HIS C 255 22.51 -12.70 45.11
N SER C 256 22.18 -13.86 45.67
CA SER C 256 23.07 -15.01 45.69
C SER C 256 22.79 -15.91 44.49
N GLY C 257 23.85 -16.38 43.84
CA GLY C 257 23.70 -17.27 42.71
C GLY C 257 24.96 -17.35 41.87
N LEU C 258 24.83 -18.04 40.74
CA LEU C 258 25.92 -18.18 39.77
C LEU C 258 25.94 -16.98 38.82
N VAL C 259 27.08 -16.29 38.78
CA VAL C 259 27.28 -15.18 37.86
C VAL C 259 27.89 -15.72 36.57
N HIS C 260 27.18 -15.56 35.45
CA HIS C 260 27.64 -16.09 34.18
C HIS C 260 28.38 -15.07 33.32
N GLY C 261 28.32 -13.78 33.66
CA GLY C 261 28.99 -12.80 32.85
C GLY C 261 28.62 -11.39 33.25
N LEU C 262 28.98 -10.46 32.38
CA LEU C 262 28.70 -9.03 32.56
C LEU C 262 27.79 -8.53 31.46
N ALA C 263 26.79 -7.73 31.85
CA ALA C 263 25.89 -7.05 30.94
C ALA C 263 26.31 -5.59 30.80
N PHE C 264 26.09 -5.03 29.61
CA PHE C 264 26.48 -3.67 29.30
C PHE C 264 25.31 -2.89 28.71
N TRP C 265 25.21 -1.62 29.09
CA TRP C 265 24.35 -0.66 28.39
C TRP C 265 24.99 0.72 28.56
N PHE C 266 24.34 1.75 28.01
CA PHE C 266 24.92 3.09 28.10
C PHE C 266 23.82 4.16 28.10
N ASP C 267 24.16 5.28 28.73
CA ASP C 267 23.37 6.50 28.71
C ASP C 267 24.23 7.63 28.13
N VAL C 268 23.57 8.62 27.55
CA VAL C 268 24.22 9.89 27.21
C VAL C 268 23.35 11.01 27.75
N ALA C 269 23.99 12.14 28.05
CA ALA C 269 23.29 13.31 28.57
C ALA C 269 23.64 14.53 27.73
N PHE C 270 22.60 15.30 27.39
CA PHE C 270 22.72 16.59 26.73
C PHE C 270 22.57 17.67 27.78
N ILE C 271 23.68 18.30 28.14
CA ILE C 271 23.70 19.26 29.25
C ILE C 271 23.63 20.64 28.63
N GLY C 272 22.41 21.17 28.55
CA GLY C 272 22.15 22.46 27.93
C GLY C 272 22.03 23.57 28.96
N SER C 273 21.84 24.78 28.44
CA SER C 273 21.73 25.94 29.31
C SER C 273 20.38 25.99 30.02
N ILE C 274 19.33 25.46 29.41
CA ILE C 274 18.02 25.41 30.06
C ILE C 274 17.85 24.14 30.88
N MET C 275 18.20 22.98 30.33
CA MET C 275 17.98 21.74 31.05
C MET C 275 18.88 20.64 30.53
N THR C 276 19.01 19.57 31.33
CA THR C 276 19.71 18.36 30.93
C THR C 276 18.70 17.30 30.52
N VAL C 277 18.92 16.70 29.35
CA VAL C 277 18.05 15.65 28.81
C VAL C 277 18.88 14.38 28.68
N TRP C 278 18.32 13.26 29.13
CA TRP C 278 19.00 11.97 29.11
C TRP C 278 18.40 11.05 28.05
N LEU C 279 19.29 10.33 27.35
CA LEU C 279 18.90 9.20 26.49
C LEU C 279 19.52 7.94 27.08
N SER C 280 18.68 6.97 27.46
CA SER C 280 19.13 5.76 28.14
C SER C 280 18.81 4.53 27.30
N THR C 281 19.77 3.62 27.20
CA THR C 281 19.55 2.30 26.60
C THR C 281 19.51 1.19 27.65
N ALA C 282 19.21 1.54 28.91
CA ALA C 282 19.18 0.57 29.98
C ALA C 282 18.04 -0.43 29.78
N PRO C 283 18.14 -1.62 30.38
CA PRO C 283 17.08 -2.63 30.26
C PRO C 283 15.85 -2.33 31.12
N THR C 284 15.88 -1.29 31.94
CA THR C 284 14.69 -0.79 32.62
C THR C 284 13.91 0.20 31.77
N GLU C 285 14.44 0.59 30.62
CA GLU C 285 13.82 1.56 29.74
C GLU C 285 13.33 0.90 28.47
N PRO C 286 12.40 1.52 27.76
CA PRO C 286 11.96 0.96 26.48
C PRO C 286 13.14 0.60 25.60
N LEU C 287 12.98 -0.50 24.86
CA LEU C 287 14.06 -1.03 24.03
C LEU C 287 14.43 -0.06 22.91
N THR C 288 15.72 0.01 22.61
CA THR C 288 16.24 0.78 21.46
C THR C 288 16.97 -0.17 20.51
N HIS C 289 17.43 0.40 19.39
CA HIS C 289 18.13 -0.40 18.39
C HIS C 289 19.56 -0.73 18.81
N TRP C 290 20.03 -0.18 19.94
CA TRP C 290 21.28 -0.61 20.54
C TRP C 290 21.12 -1.85 21.42
N TYR C 291 19.87 -2.22 21.76
CA TYR C 291 19.62 -3.33 22.67
C TYR C 291 20.51 -3.24 23.90
N GLN C 292 21.05 -4.36 24.35
CA GLN C 292 22.10 -4.40 25.37
C GLN C 292 23.10 -5.45 24.94
N VAL C 293 24.21 -5.57 25.68
CA VAL C 293 25.29 -6.46 25.29
C VAL C 293 25.73 -7.29 26.50
N ARG C 294 25.90 -8.59 26.29
CA ARG C 294 26.35 -9.50 27.35
C ARG C 294 27.61 -10.24 26.91
N CYS C 295 28.59 -10.26 27.81
CA CYS C 295 29.82 -11.02 27.63
C CYS C 295 29.88 -12.11 28.70
N LEU C 296 29.97 -13.36 28.27
CA LEU C 296 30.07 -14.48 29.19
C LEU C 296 31.47 -14.60 29.79
N PHE C 297 31.53 -14.99 31.07
CA PHE C 297 32.76 -15.57 31.60
C PHE C 297 32.95 -16.95 31.00
N GLN C 298 34.19 -17.42 31.02
CA GLN C 298 34.42 -18.78 30.56
C GLN C 298 33.90 -19.81 31.55
N SER C 299 33.79 -19.45 32.83
CA SER C 299 33.20 -20.32 33.82
C SER C 299 32.40 -19.46 34.79
N PRO C 300 31.25 -19.93 35.27
CA PRO C 300 30.48 -19.14 36.24
C PRO C 300 31.20 -19.04 37.57
N LEU C 301 30.83 -18.02 38.33
CA LEU C 301 31.36 -17.76 39.67
C LEU C 301 30.20 -17.71 40.64
N PHE C 302 30.30 -18.46 41.74
CA PHE C 302 29.26 -18.41 42.77
C PHE C 302 29.51 -17.23 43.69
N ALA C 303 28.48 -16.42 43.90
CA ALA C 303 28.55 -15.26 44.77
C ALA C 303 27.31 -15.18 45.64
N LYS C 304 27.50 -14.83 46.91
CA LYS C 304 26.41 -14.66 47.84
C LYS C 304 26.04 -13.17 47.93
N ALA C 305 24.79 -12.91 48.28
CA ALA C 305 24.37 -11.54 48.51
C ALA C 305 25.22 -10.98 49.64
N GLY C 306 25.82 -9.82 49.40
CA GLY C 306 26.79 -9.24 50.30
C GLY C 306 28.24 -9.52 49.95
N ASP C 307 28.52 -10.54 49.14
CA ASP C 307 29.87 -10.70 48.61
C ASP C 307 30.20 -9.53 47.67
N THR C 308 31.48 -9.39 47.34
CA THR C 308 31.91 -8.41 46.35
C THR C 308 32.59 -9.13 45.18
N LEU C 309 32.22 -8.73 43.96
CA LEU C 309 32.77 -9.26 42.72
C LEU C 309 33.61 -8.15 42.08
N SER C 310 34.93 -8.34 42.02
CA SER C 310 35.83 -7.29 41.58
C SER C 310 36.70 -7.77 40.43
N GLY C 311 37.21 -6.80 39.67
CA GLY C 311 38.06 -7.09 38.54
C GLY C 311 38.14 -5.89 37.61
N THR C 312 38.42 -6.17 36.34
CA THR C 312 38.55 -5.11 35.35
C THR C 312 38.01 -5.59 34.02
N CYS C 313 37.37 -4.66 33.31
CA CYS C 313 37.03 -4.82 31.91
C CYS C 313 37.93 -3.89 31.12
N LEU C 314 38.77 -4.46 30.26
CA LEU C 314 39.74 -3.70 29.49
C LEU C 314 39.34 -3.75 28.02
N LEU C 315 39.06 -2.59 27.45
CA LEU C 315 38.67 -2.46 26.06
C LEU C 315 39.86 -1.92 25.29
N ILE C 316 40.34 -2.69 24.31
CA ILE C 316 41.53 -2.36 23.55
C ILE C 316 41.11 -2.14 22.10
N ALA C 317 41.24 -0.91 21.63
CA ALA C 317 40.79 -0.58 20.28
C ALA C 317 41.63 -1.32 19.25
N ASN C 318 41.00 -1.70 18.13
CA ASN C 318 41.70 -2.32 17.01
C ASN C 318 41.32 -1.60 15.73
N LYS C 319 42.02 -1.96 14.64
CA LYS C 319 41.85 -1.29 13.36
C LYS C 319 40.61 -1.73 12.59
N ARG C 320 39.76 -2.57 13.17
CA ARG C 320 38.48 -2.91 12.56
C ARG C 320 37.35 -2.08 13.14
N GLN C 321 37.65 -0.87 13.59
CA GLN C 321 36.64 0.04 14.12
C GLN C 321 35.88 -0.60 15.27
N SER C 322 36.59 -1.37 16.08
CA SER C 322 35.96 -2.01 17.23
C SER C 322 37.01 -2.25 18.31
N TYR C 323 36.71 -3.15 19.24
CA TYR C 323 37.53 -3.37 20.42
C TYR C 323 37.67 -4.86 20.68
N ASP C 324 38.82 -5.24 21.25
CA ASP C 324 38.95 -6.51 21.93
C ASP C 324 38.63 -6.31 23.40
N ILE C 325 37.79 -7.18 23.95
CA ILE C 325 37.24 -7.03 25.29
C ILE C 325 37.91 -8.08 26.16
N SER C 326 38.71 -7.63 27.14
CA SER C 326 39.36 -8.53 28.08
C SER C 326 38.75 -8.30 29.46
N ILE C 327 38.06 -9.32 29.97
CA ILE C 327 37.39 -9.25 31.26
C ILE C 327 38.07 -10.24 32.21
N VAL C 328 38.30 -9.80 33.43
CA VAL C 328 38.76 -10.66 34.51
C VAL C 328 37.97 -10.31 35.76
N ALA C 329 37.57 -11.32 36.52
CA ALA C 329 36.74 -11.10 37.69
C ALA C 329 37.00 -12.18 38.72
N GLN C 330 36.83 -11.80 39.98
CA GLN C 330 37.00 -12.73 41.10
C GLN C 330 36.01 -12.37 42.20
N VAL C 331 35.56 -13.40 42.91
CA VAL C 331 34.76 -13.20 44.11
C VAL C 331 35.72 -13.00 45.28
N ASP C 332 35.74 -11.79 45.83
CA ASP C 332 36.77 -11.44 46.81
C ASP C 332 36.75 -12.38 48.01
N GLN C 333 35.57 -12.67 48.55
CA GLN C 333 35.49 -13.43 49.78
C GLN C 333 35.86 -14.90 49.62
N THR C 334 35.96 -15.42 48.39
CA THR C 334 36.28 -16.82 48.16
C THR C 334 37.52 -17.07 47.32
N GLY C 335 37.93 -16.12 46.47
CA GLY C 335 39.04 -16.32 45.57
C GLY C 335 38.71 -16.94 44.23
N SER C 336 37.48 -17.38 44.01
CA SER C 336 37.09 -17.90 42.71
C SER C 336 37.23 -16.81 41.64
N LYS C 337 37.77 -17.19 40.49
CA LYS C 337 38.04 -16.23 39.42
C LYS C 337 37.80 -16.87 38.06
N SER C 338 37.47 -16.01 37.09
CA SER C 338 37.32 -16.42 35.70
C SER C 338 37.68 -15.23 34.83
N SER C 339 37.59 -15.42 33.52
CA SER C 339 37.93 -14.38 32.58
C SER C 339 37.31 -14.74 31.24
N ASN C 340 37.42 -13.81 30.30
CA ASN C 340 37.15 -14.10 28.90
C ASN C 340 37.76 -13.01 28.06
N LEU C 341 37.89 -13.29 26.77
CA LEU C 341 38.40 -12.34 25.81
C LEU C 341 37.49 -12.39 24.60
N LEU C 342 36.90 -11.25 24.24
CA LEU C 342 35.84 -11.23 23.22
C LEU C 342 36.18 -10.25 22.11
N ASP C 343 35.58 -10.51 20.95
CA ASP C 343 35.78 -9.73 19.74
C ASP C 343 34.48 -8.96 19.47
N LEU C 344 34.47 -7.67 19.78
CA LEU C 344 33.24 -6.89 19.66
C LEU C 344 32.85 -6.63 18.21
N LYS C 345 33.78 -6.78 17.25
CA LYS C 345 33.41 -6.54 15.86
C LYS C 345 32.39 -7.53 15.33
N ASN C 346 32.34 -8.74 15.89
CA ASN C 346 31.44 -9.78 15.39
C ASN C 346 30.58 -10.33 16.53
N PRO C 347 29.60 -9.55 16.97
CA PRO C 347 28.68 -10.04 18.00
C PRO C 347 27.70 -11.04 17.43
N PHE C 348 27.04 -11.76 18.34
CA PHE C 348 25.96 -12.66 17.98
C PHE C 348 24.63 -11.97 18.28
N PHE C 349 23.80 -11.80 17.26
CA PHE C 349 22.49 -11.17 17.43
C PHE C 349 21.48 -12.25 17.77
N ARG C 350 21.10 -12.31 19.04
CA ARG C 350 20.24 -13.37 19.59
C ARG C 350 18.77 -12.98 19.65
N TYR C 351 18.46 -11.68 19.71
CA TYR C 351 17.07 -11.20 19.91
C TYR C 351 16.08 -11.91 19.02
N ARG D 9 46.78 -10.62 -9.13
CA ARG D 9 47.50 -11.22 -10.26
C ARG D 9 46.82 -12.49 -10.75
N SER D 10 45.94 -13.05 -9.93
CA SER D 10 45.22 -14.26 -10.28
C SER D 10 43.85 -13.91 -10.87
N VAL D 11 43.21 -14.93 -11.46
CA VAL D 11 41.86 -14.73 -11.97
C VAL D 11 40.94 -14.24 -10.85
N PHE D 12 41.11 -14.77 -9.64
CA PHE D 12 40.21 -14.41 -8.55
C PHE D 12 40.36 -12.93 -8.18
N SER D 13 41.60 -12.49 -7.92
CA SER D 13 41.79 -11.13 -7.43
C SER D 13 41.47 -10.09 -8.51
N GLU D 14 41.57 -10.45 -9.79
CA GLU D 14 41.24 -9.50 -10.85
C GLU D 14 39.74 -9.22 -10.90
N ARG D 15 38.91 -10.20 -10.57
CA ARG D 15 37.46 -10.03 -10.64
C ARG D 15 36.81 -9.75 -9.29
N THR D 16 37.59 -9.46 -8.25
CA THR D 16 37.06 -9.38 -6.89
C THR D 16 37.66 -8.20 -6.15
N GLU D 17 36.80 -7.28 -5.69
CA GLU D 17 37.24 -6.23 -4.78
C GLU D 17 37.76 -6.86 -3.49
N GLU D 18 38.87 -6.30 -2.99
CA GLU D 18 39.52 -6.85 -1.80
C GLU D 18 38.58 -6.88 -0.61
N SER D 19 37.86 -5.78 -0.38
CA SER D 19 36.92 -5.72 0.74
C SER D 19 35.94 -6.87 0.68
N SER D 20 35.35 -7.12 -0.49
CA SER D 20 34.41 -8.23 -0.61
C SER D 20 35.05 -9.56 -0.26
N ALA D 21 36.26 -9.82 -0.77
CA ALA D 21 36.92 -11.09 -0.50
C ALA D 21 37.23 -11.27 0.98
N VAL D 22 37.56 -10.18 1.68
CA VAL D 22 37.86 -10.27 3.11
C VAL D 22 36.63 -10.77 3.86
N GLN D 23 35.50 -10.08 3.69
CA GLN D 23 34.28 -10.48 4.40
C GLN D 23 33.87 -11.89 4.01
N TYR D 24 33.97 -12.21 2.72
CA TYR D 24 33.56 -13.51 2.21
C TYR D 24 34.29 -14.64 2.91
N PHE D 25 35.62 -14.60 2.91
CA PHE D 25 36.35 -15.71 3.50
C PHE D 25 36.35 -15.67 5.02
N GLN D 26 36.14 -14.51 5.64
CA GLN D 26 35.90 -14.48 7.09
C GLN D 26 34.60 -15.19 7.44
N PHE D 27 33.53 -14.89 6.71
CA PHE D 27 32.25 -15.57 6.94
C PHE D 27 32.43 -17.08 6.93
N TYR D 28 33.17 -17.61 5.98
CA TYR D 28 33.35 -19.05 5.88
C TYR D 28 34.42 -19.59 6.81
N GLY D 29 35.10 -18.73 7.57
CA GLY D 29 36.01 -19.20 8.59
C GLY D 29 35.34 -19.63 9.88
N TYR D 30 34.05 -19.34 10.04
CA TYR D 30 33.33 -19.70 11.26
C TYR D 30 32.84 -21.14 11.23
N LEU D 31 33.17 -21.88 12.29
CA LEU D 31 32.63 -23.23 12.45
C LEU D 31 31.11 -23.23 12.49
N SER D 32 30.51 -22.23 13.12
CA SER D 32 29.05 -22.17 13.18
C SER D 32 28.44 -22.17 11.79
N GLN D 33 29.11 -21.50 10.84
CA GLN D 33 28.55 -21.43 9.50
C GLN D 33 28.72 -22.76 8.76
N GLN D 34 29.82 -23.48 9.02
CA GLN D 34 29.93 -24.83 8.47
C GLN D 34 28.87 -25.74 9.07
N GLN D 35 28.63 -25.62 10.37
CA GLN D 35 27.57 -26.40 11.00
C GLN D 35 26.22 -26.14 10.33
N ASN D 36 25.93 -24.87 10.02
CA ASN D 36 24.66 -24.51 9.40
C ASN D 36 24.46 -25.23 8.08
N MET D 37 25.49 -25.25 7.23
CA MET D 37 25.39 -25.95 5.95
C MET D 37 25.32 -27.46 6.16
N MET D 38 26.13 -27.97 7.10
CA MET D 38 26.13 -29.40 7.38
C MET D 38 24.78 -29.88 7.89
N GLN D 39 24.08 -29.06 8.69
CA GLN D 39 22.78 -29.45 9.23
C GLN D 39 21.64 -29.35 8.21
N ASP D 40 21.89 -28.80 7.03
CA ASP D 40 20.95 -28.92 5.93
C ASP D 40 20.95 -30.38 5.48
N TYR D 41 20.03 -31.17 6.02
CA TYR D 41 20.08 -32.62 5.81
C TYR D 41 19.81 -32.99 4.36
N VAL D 42 18.90 -32.27 3.71
CA VAL D 42 18.63 -32.50 2.29
C VAL D 42 19.91 -32.31 1.48
N ARG D 43 20.62 -31.21 1.73
CA ARG D 43 21.85 -30.92 1.00
C ARG D 43 22.91 -31.96 1.29
N THR D 44 23.18 -32.20 2.57
CA THR D 44 24.31 -33.06 2.94
C THR D 44 24.02 -34.52 2.60
N GLY D 45 22.80 -34.99 2.91
CA GLY D 45 22.43 -36.34 2.56
C GLY D 45 22.36 -36.59 1.07
N THR D 46 21.95 -35.59 0.28
CA THR D 46 21.89 -35.77 -1.16
C THR D 46 23.27 -35.86 -1.77
N TYR D 47 24.20 -35.00 -1.33
CA TYR D 47 25.59 -35.12 -1.77
C TYR D 47 26.17 -36.48 -1.41
N GLN D 48 25.91 -36.98 -0.20
CA GLN D 48 26.45 -38.28 0.16
C GLN D 48 25.88 -39.37 -0.76
N ARG D 49 24.57 -39.31 -1.03
CA ARG D 49 23.94 -40.28 -1.90
C ARG D 49 24.49 -40.20 -3.33
N ALA D 50 24.66 -38.99 -3.87
CA ALA D 50 25.20 -38.86 -5.22
C ALA D 50 26.58 -39.51 -5.30
N ILE D 51 27.38 -39.37 -4.25
CA ILE D 51 28.76 -39.85 -4.28
C ILE D 51 28.81 -41.35 -4.00
N LEU D 52 28.13 -41.82 -2.95
CA LEU D 52 28.21 -43.24 -2.59
C LEU D 52 27.50 -44.12 -3.62
N GLN D 53 26.37 -43.66 -4.17
CA GLN D 53 25.65 -44.50 -5.13
C GLN D 53 26.36 -44.53 -6.48
N ASN D 54 27.21 -43.53 -6.76
CA ASN D 54 28.13 -43.58 -7.90
C ASN D 54 29.55 -43.86 -7.46
N HIS D 55 29.70 -44.84 -6.56
CA HIS D 55 31.00 -45.17 -5.98
C HIS D 55 32.02 -45.55 -7.04
N THR D 56 31.57 -46.03 -8.20
CA THR D 56 32.50 -46.42 -9.25
C THR D 56 33.20 -45.23 -9.89
N ASP D 57 32.63 -44.03 -9.76
CA ASP D 57 33.25 -42.82 -10.27
C ASP D 57 34.34 -42.28 -9.34
N PHE D 58 34.48 -42.87 -8.16
CA PHE D 58 35.47 -42.47 -7.18
C PHE D 58 36.47 -43.57 -6.86
N LYS D 59 36.12 -44.82 -7.13
CA LYS D 59 36.92 -45.98 -6.77
C LYS D 59 38.33 -45.92 -7.37
N ASP D 60 39.34 -45.75 -6.52
CA ASP D 60 40.75 -45.69 -6.93
C ASP D 60 41.03 -44.48 -7.83
N LYS D 61 40.25 -43.42 -7.70
CA LYS D 61 40.42 -42.24 -8.54
C LYS D 61 41.13 -41.11 -7.80
N ILE D 62 41.58 -40.11 -8.56
CA ILE D 62 42.11 -38.87 -8.02
C ILE D 62 41.00 -37.83 -8.05
N VAL D 63 40.78 -37.15 -6.91
CA VAL D 63 39.66 -36.25 -6.74
C VAL D 63 40.17 -34.86 -6.36
N LEU D 64 39.45 -33.83 -6.82
CA LEU D 64 39.64 -32.45 -6.36
C LEU D 64 38.33 -31.95 -5.76
N ASP D 65 38.41 -31.45 -4.51
CA ASP D 65 37.30 -30.84 -3.81
C ASP D 65 37.53 -29.33 -3.77
N VAL D 66 36.73 -28.57 -4.52
CA VAL D 66 36.90 -27.12 -4.64
C VAL D 66 36.13 -26.45 -3.50
N GLY D 67 36.85 -25.83 -2.57
CA GLY D 67 36.24 -25.15 -1.45
C GLY D 67 35.72 -26.12 -0.41
N CYS D 68 36.62 -26.88 0.22
CA CYS D 68 36.21 -28.06 0.97
C CYS D 68 35.63 -27.74 2.34
N GLY D 69 35.83 -26.54 2.86
CA GLY D 69 35.28 -26.21 4.16
C GLY D 69 35.79 -27.18 5.23
N SER D 70 34.84 -27.72 6.01
CA SER D 70 35.16 -28.71 7.03
C SER D 70 35.75 -29.98 6.42
N GLY D 71 35.58 -30.20 5.13
CA GLY D 71 36.08 -31.40 4.47
C GLY D 71 35.03 -32.45 4.18
N ILE D 72 33.75 -32.17 4.47
CA ILE D 72 32.74 -33.22 4.49
C ILE D 72 32.67 -33.95 3.14
N LEU D 73 32.71 -33.23 2.02
CA LEU D 73 32.57 -33.92 0.73
C LEU D 73 33.79 -34.77 0.41
N SER D 74 34.97 -34.36 0.86
CA SER D 74 36.15 -35.21 0.68
C SER D 74 36.03 -36.50 1.47
N PHE D 75 35.47 -36.44 2.68
CA PHE D 75 35.23 -37.66 3.44
C PHE D 75 34.29 -38.60 2.70
N PHE D 76 33.25 -38.04 2.05
CA PHE D 76 32.37 -38.88 1.24
C PHE D 76 33.14 -39.53 0.10
N ALA D 77 34.04 -38.78 -0.55
CA ALA D 77 34.85 -39.36 -1.63
C ALA D 77 35.76 -40.46 -1.09
N ALA D 78 36.26 -40.31 0.13
CA ALA D 78 37.07 -41.34 0.75
C ALA D 78 36.26 -42.58 1.06
N GLN D 79 35.04 -42.40 1.58
CA GLN D 79 34.14 -43.52 1.84
C GLN D 79 33.88 -44.32 0.57
N ALA D 80 33.76 -43.61 -0.56
CA ALA D 80 33.47 -44.21 -1.86
C ALA D 80 34.69 -44.86 -2.50
N GLY D 81 35.86 -44.79 -1.88
CA GLY D 81 37.02 -45.51 -2.34
C GLY D 81 38.04 -44.69 -3.09
N ALA D 82 37.98 -43.35 -3.03
CA ALA D 82 38.94 -42.55 -3.76
C ALA D 82 40.35 -42.86 -3.27
N ARG D 83 41.30 -42.83 -4.21
CA ARG D 83 42.68 -43.12 -3.86
C ARG D 83 43.39 -41.90 -3.31
N LYS D 84 43.06 -40.72 -3.82
CA LYS D 84 43.66 -39.49 -3.31
C LYS D 84 42.74 -38.33 -3.60
N ILE D 85 42.55 -37.47 -2.61
CA ILE D 85 41.64 -36.34 -2.70
C ILE D 85 42.43 -35.09 -2.34
N TYR D 86 42.48 -34.14 -3.26
CA TYR D 86 43.02 -32.82 -2.95
C TYR D 86 41.88 -31.91 -2.53
N ALA D 87 41.94 -31.42 -1.30
CA ALA D 87 40.88 -30.64 -0.69
C ALA D 87 41.35 -29.20 -0.56
N VAL D 88 40.88 -28.34 -1.47
CA VAL D 88 41.33 -26.95 -1.56
C VAL D 88 40.37 -26.06 -0.79
N GLU D 89 40.92 -25.20 0.08
CA GLU D 89 40.09 -24.27 0.85
C GLU D 89 40.89 -23.02 1.18
N ALA D 90 40.30 -21.86 0.86
CA ALA D 90 40.99 -20.58 1.01
C ALA D 90 40.78 -19.91 2.37
N SER D 91 39.69 -20.23 3.08
CA SER D 91 39.47 -19.67 4.39
C SER D 91 40.32 -20.37 5.44
N THR D 92 40.32 -19.83 6.65
CA THR D 92 41.04 -20.46 7.75
C THR D 92 40.40 -21.78 8.19
N MET D 93 39.25 -22.14 7.61
CA MET D 93 38.66 -23.45 7.86
C MET D 93 39.56 -24.58 7.41
N ALA D 94 40.54 -24.29 6.54
CA ALA D 94 41.45 -25.33 6.05
C ALA D 94 42.18 -26.00 7.21
N GLN D 95 42.51 -25.22 8.25
CA GLN D 95 43.20 -25.78 9.41
C GLN D 95 42.31 -26.75 10.17
N HIS D 96 41.01 -26.46 10.24
CA HIS D 96 40.09 -27.37 10.91
C HIS D 96 39.86 -28.64 10.10
N ALA D 97 39.80 -28.51 8.78
CA ALA D 97 39.69 -29.71 7.94
C ALA D 97 40.87 -30.65 8.16
N GLU D 98 42.08 -30.11 8.26
CA GLU D 98 43.25 -30.98 8.46
C GLU D 98 43.18 -31.69 9.80
N VAL D 99 42.66 -31.01 10.83
CA VAL D 99 42.45 -31.65 12.13
C VAL D 99 41.55 -32.87 11.99
N LEU D 100 40.44 -32.73 11.26
CA LEU D 100 39.53 -33.85 11.09
C LEU D 100 40.13 -34.97 10.26
N VAL D 101 40.92 -34.63 9.24
CA VAL D 101 41.56 -35.66 8.43
C VAL D 101 42.44 -36.54 9.31
N LYS D 102 43.21 -35.91 10.19
CA LYS D 102 44.09 -36.66 11.10
C LYS D 102 43.29 -37.48 12.10
N SER D 103 42.27 -36.89 12.71
CA SER D 103 41.51 -37.60 13.73
C SER D 103 40.70 -38.75 13.15
N ASN D 104 40.33 -38.68 11.87
CA ASN D 104 39.67 -39.79 11.20
C ASN D 104 40.63 -40.74 10.50
N ASN D 105 41.94 -40.56 10.68
CA ASN D 105 42.94 -41.49 10.18
C ASN D 105 42.86 -41.64 8.67
N LEU D 106 42.73 -40.52 7.97
CA LEU D 106 42.64 -40.51 6.51
C LEU D 106 43.76 -39.67 5.91
N THR D 107 44.89 -39.56 6.62
CA THR D 107 46.02 -38.79 6.12
C THR D 107 46.59 -39.38 4.84
N ASP D 108 46.32 -40.66 4.56
CA ASP D 108 46.81 -41.31 3.35
C ASP D 108 45.91 -41.06 2.14
N ARG D 109 44.77 -40.40 2.30
CA ARG D 109 43.80 -40.25 1.22
C ARG D 109 43.42 -38.80 0.95
N ILE D 110 43.21 -37.99 2.00
CA ILE D 110 42.80 -36.60 1.83
C ILE D 110 43.99 -35.71 2.12
N VAL D 111 44.27 -34.78 1.20
CA VAL D 111 45.38 -33.85 1.31
C VAL D 111 44.79 -32.45 1.23
N VAL D 112 44.79 -31.73 2.35
CA VAL D 112 44.30 -30.37 2.34
C VAL D 112 45.35 -29.45 1.72
N ILE D 113 44.88 -28.56 0.86
CA ILE D 113 45.70 -27.57 0.18
C ILE D 113 45.16 -26.19 0.50
N PRO D 114 45.76 -25.46 1.43
CA PRO D 114 45.24 -24.12 1.74
C PRO D 114 45.50 -23.14 0.60
N GLY D 115 44.47 -22.35 0.28
CA GLY D 115 44.59 -21.32 -0.74
C GLY D 115 43.40 -21.25 -1.68
N LYS D 116 43.44 -20.27 -2.59
CA LYS D 116 42.42 -20.15 -3.63
C LYS D 116 42.71 -21.12 -4.77
N VAL D 117 41.66 -21.78 -5.27
CA VAL D 117 41.85 -22.76 -6.32
C VAL D 117 42.44 -22.11 -7.57
N GLU D 118 42.31 -20.79 -7.72
CA GLU D 118 42.91 -20.09 -8.84
C GLU D 118 44.39 -19.81 -8.64
N GLU D 119 44.96 -20.21 -7.49
CA GLU D 119 46.31 -19.84 -7.13
C GLU D 119 47.19 -20.99 -6.64
N VAL D 120 46.63 -22.14 -6.29
CA VAL D 120 47.41 -23.23 -5.71
C VAL D 120 47.97 -24.10 -6.83
N SER D 121 49.00 -24.87 -6.51
CA SER D 121 49.54 -25.89 -7.40
C SER D 121 49.11 -27.27 -6.91
N LEU D 122 48.73 -28.14 -7.86
CA LEU D 122 48.44 -29.53 -7.55
C LEU D 122 49.51 -30.44 -8.15
N PRO D 123 49.80 -31.58 -7.52
CA PRO D 123 50.86 -32.47 -8.03
C PRO D 123 50.51 -33.19 -9.33
N GLU D 124 49.23 -33.36 -9.64
CA GLU D 124 48.81 -34.21 -10.75
C GLU D 124 47.41 -33.76 -11.18
N GLN D 125 46.99 -34.23 -12.35
CA GLN D 125 45.63 -34.03 -12.82
C GLN D 125 44.69 -35.02 -12.13
N VAL D 126 43.40 -34.68 -12.13
CA VAL D 126 42.42 -35.44 -11.36
C VAL D 126 41.38 -36.05 -12.30
N ASP D 127 40.70 -37.09 -11.81
CA ASP D 127 39.66 -37.77 -12.56
C ASP D 127 38.28 -37.16 -12.40
N ILE D 128 38.02 -36.43 -11.32
CA ILE D 128 36.69 -35.90 -11.05
C ILE D 128 36.83 -34.74 -10.09
N ILE D 129 35.98 -33.72 -10.26
CA ILE D 129 35.93 -32.55 -9.40
C ILE D 129 34.62 -32.60 -8.63
N ILE D 130 34.69 -32.35 -7.32
CA ILE D 130 33.48 -32.21 -6.51
C ILE D 130 33.52 -30.85 -5.83
N SER D 131 32.34 -30.29 -5.60
CA SER D 131 32.22 -28.96 -5.01
C SER D 131 30.76 -28.70 -4.71
N GLU D 132 30.53 -27.77 -3.79
CA GLU D 132 29.20 -27.23 -3.54
C GLU D 132 29.34 -25.72 -3.73
N PRO D 133 29.32 -25.26 -4.99
CA PRO D 133 29.54 -23.84 -5.28
C PRO D 133 28.28 -23.02 -5.49
N MET D 134 27.10 -23.57 -5.21
CA MET D 134 25.85 -22.88 -5.47
C MET D 134 25.55 -21.84 -4.39
N GLY D 135 25.15 -20.64 -4.83
CA GLY D 135 24.60 -19.63 -3.97
C GLY D 135 23.12 -19.40 -4.24
N TYR D 136 22.58 -18.38 -3.57
CA TYR D 136 21.20 -18.00 -3.85
C TYR D 136 21.03 -17.76 -5.33
N MET D 137 19.90 -18.19 -5.87
CA MET D 137 19.60 -18.01 -7.28
C MET D 137 20.64 -18.70 -8.15
N LEU D 138 21.27 -19.73 -7.59
CA LEU D 138 22.37 -20.49 -8.17
C LEU D 138 23.67 -19.70 -8.27
N PHE D 139 23.63 -18.48 -8.80
CA PHE D 139 24.85 -17.80 -9.22
C PHE D 139 25.49 -16.91 -8.17
N ASN D 140 24.79 -16.55 -7.09
CA ASN D 140 25.37 -15.63 -6.13
C ASN D 140 26.67 -16.21 -5.57
N GLU D 141 27.61 -15.30 -5.25
CA GLU D 141 28.94 -15.56 -4.71
C GLU D 141 29.96 -15.78 -5.82
N ARG D 142 29.53 -16.06 -7.04
CA ARG D 142 30.42 -16.28 -8.18
C ARG D 142 31.37 -17.45 -7.96
N MET D 143 31.03 -18.40 -7.09
CA MET D 143 31.90 -19.54 -6.88
C MET D 143 31.81 -20.54 -8.02
N LEU D 144 30.73 -20.54 -8.80
CA LEU D 144 30.67 -21.40 -9.98
C LEU D 144 31.86 -21.15 -10.90
N GLU D 145 32.36 -19.92 -10.94
CA GLU D 145 33.49 -19.61 -11.79
C GLU D 145 34.78 -20.22 -11.25
N SER D 146 34.92 -20.34 -9.93
CA SER D 146 36.06 -21.06 -9.36
C SER D 146 35.97 -22.55 -9.67
N TYR D 147 34.75 -23.10 -9.61
CA TYR D 147 34.53 -24.49 -9.95
C TYR D 147 34.92 -24.77 -11.39
N LEU D 148 34.49 -23.90 -12.31
CA LEU D 148 34.83 -24.06 -13.71
C LEU D 148 36.32 -23.84 -13.96
N HIS D 149 36.90 -22.85 -13.30
CA HIS D 149 38.34 -22.61 -13.44
C HIS D 149 39.14 -23.86 -13.10
N ALA D 150 38.72 -24.58 -12.07
CA ALA D 150 39.40 -25.79 -11.61
C ALA D 150 39.50 -26.86 -12.68
N LYS D 151 38.76 -26.76 -13.79
CA LYS D 151 38.86 -27.77 -14.84
C LYS D 151 40.24 -27.79 -15.48
N LYS D 152 41.08 -26.78 -15.24
CA LYS D 152 42.46 -26.84 -15.69
C LYS D 152 43.18 -28.05 -15.10
N TYR D 153 42.71 -28.58 -13.98
CA TYR D 153 43.30 -29.75 -13.35
C TYR D 153 42.61 -31.06 -13.75
N LEU D 154 41.61 -31.01 -14.62
CA LEU D 154 40.76 -32.17 -14.92
C LEU D 154 41.29 -32.91 -16.14
N LYS D 155 41.46 -34.22 -16.02
CA LYS D 155 41.86 -35.02 -17.17
C LYS D 155 40.82 -34.92 -18.28
N PRO D 156 41.22 -35.15 -19.53
CA PRO D 156 40.31 -34.91 -20.67
C PRO D 156 38.90 -35.48 -20.54
N SER D 157 38.71 -36.72 -20.07
CA SER D 157 37.36 -37.26 -19.91
C SER D 157 36.98 -37.35 -18.43
N GLY D 158 37.42 -36.39 -17.64
CA GLY D 158 36.99 -36.34 -16.26
C GLY D 158 35.54 -35.92 -16.12
N ASN D 159 35.01 -36.13 -14.92
CA ASN D 159 33.63 -35.81 -14.61
C ASN D 159 33.59 -34.66 -13.59
N MET D 160 32.38 -34.15 -13.38
CA MET D 160 32.16 -33.07 -12.43
C MET D 160 30.89 -33.35 -11.64
N PHE D 161 31.00 -33.20 -10.33
CA PHE D 161 29.92 -33.49 -9.40
C PHE D 161 29.69 -32.24 -8.56
N PRO D 162 28.65 -31.43 -8.86
CA PRO D 162 27.59 -31.62 -9.84
C PRO D 162 28.00 -31.39 -11.29
N THR D 163 27.21 -31.96 -12.19
CA THR D 163 27.50 -31.99 -13.62
C THR D 163 26.77 -30.88 -14.38
N ILE D 164 25.50 -30.64 -14.06
CA ILE D 164 24.72 -29.57 -14.67
C ILE D 164 23.95 -28.83 -13.59
N GLY D 165 23.58 -27.59 -13.90
CA GLY D 165 22.75 -26.78 -13.05
C GLY D 165 21.61 -26.15 -13.83
N ASP D 166 20.38 -26.31 -13.33
CA ASP D 166 19.19 -25.74 -13.95
C ASP D 166 18.68 -24.60 -13.09
N VAL D 167 18.56 -23.39 -13.67
CA VAL D 167 17.80 -22.32 -13.04
C VAL D 167 16.38 -22.36 -13.55
N HIS D 168 15.42 -22.21 -12.65
CA HIS D 168 14.01 -22.12 -12.99
C HIS D 168 13.48 -20.73 -12.65
N LEU D 169 12.64 -20.19 -13.52
CA LEU D 169 11.96 -18.92 -13.28
C LEU D 169 10.49 -19.04 -13.66
N ALA D 170 9.66 -18.24 -13.00
CA ALA D 170 8.21 -18.35 -13.13
C ALA D 170 7.52 -17.13 -12.53
N PRO D 171 6.49 -16.59 -13.17
CA PRO D 171 5.79 -15.44 -12.59
C PRO D 171 4.94 -15.86 -11.41
N PHE D 172 4.82 -14.96 -10.44
CA PHE D 172 4.07 -15.22 -9.22
C PHE D 172 3.18 -14.02 -8.90
N THR D 173 2.10 -14.28 -8.15
CA THR D 173 1.28 -13.24 -7.57
C THR D 173 1.37 -13.32 -6.05
N ASP D 174 1.48 -12.15 -5.40
CA ASP D 174 1.58 -12.08 -3.95
C ASP D 174 1.39 -10.63 -3.51
N GLU D 175 0.13 -10.18 -3.40
CA GLU D 175 -0.14 -8.80 -3.03
C GLU D 175 0.48 -8.45 -1.69
N GLN D 176 0.42 -9.38 -0.73
CA GLN D 176 0.91 -9.10 0.62
C GLN D 176 2.39 -8.73 0.60
N LEU D 177 3.21 -9.52 -0.10
CA LEU D 177 4.63 -9.21 -0.18
C LEU D 177 4.86 -7.86 -0.85
N TYR D 178 4.19 -7.62 -1.98
CA TYR D 178 4.31 -6.33 -2.67
C TYR D 178 4.04 -5.18 -1.70
N MET D 179 2.89 -5.21 -1.03
CA MET D 179 2.51 -4.10 -0.16
C MET D 179 3.36 -4.03 1.09
N GLU D 180 3.92 -5.16 1.52
CA GLU D 180 4.87 -5.15 2.63
C GLU D 180 6.11 -4.33 2.27
N GLN D 181 6.57 -4.43 1.03
CA GLN D 181 7.76 -3.68 0.62
C GLN D 181 7.41 -2.25 0.24
N PHE D 182 6.26 -2.03 -0.41
CA PHE D 182 5.79 -0.68 -0.66
C PHE D 182 5.60 0.09 0.65
N THR D 183 5.04 -0.56 1.67
CA THR D 183 4.81 0.12 2.94
C THR D 183 6.11 0.62 3.55
N LYS D 184 7.17 -0.18 3.51
CA LYS D 184 8.45 0.27 4.04
C LYS D 184 8.92 1.52 3.30
N ALA D 185 8.78 1.52 1.97
CA ALA D 185 9.20 2.68 1.19
C ALA D 185 8.33 3.90 1.49
N ASN D 186 7.04 3.68 1.76
CA ASN D 186 6.13 4.80 2.03
C ASN D 186 6.59 5.67 3.19
N PHE D 187 7.46 5.16 4.06
CA PHE D 187 8.00 5.97 5.14
C PHE D 187 8.60 7.25 4.61
N TRP D 188 9.26 7.17 3.47
CA TRP D 188 9.93 8.31 2.86
C TRP D 188 8.97 9.16 2.03
N TYR D 189 7.67 9.02 2.25
CA TYR D 189 6.65 9.88 1.64
C TYR D 189 6.16 10.96 2.59
N GLN D 190 6.46 10.85 3.87
CA GLN D 190 5.86 11.73 4.87
C GLN D 190 6.25 13.19 4.60
N PRO D 191 5.30 14.12 4.51
CA PRO D 191 5.65 15.54 4.41
C PRO D 191 6.10 16.17 5.73
N SER D 192 6.03 15.45 6.85
CA SER D 192 6.35 16.06 8.13
C SER D 192 6.74 15.04 9.18
N PHE D 193 7.90 14.42 9.01
CA PHE D 193 8.46 13.52 10.01
C PHE D 193 9.24 14.37 11.01
N HIS D 194 8.73 14.45 12.24
CA HIS D 194 9.27 15.36 13.25
C HIS D 194 9.51 16.75 12.65
N GLY D 195 8.62 17.19 11.76
CA GLY D 195 8.71 18.50 11.16
C GLY D 195 9.50 18.57 9.86
N VAL D 196 10.01 17.45 9.36
CA VAL D 196 10.88 17.42 8.18
C VAL D 196 10.14 16.77 7.03
N ASP D 197 10.15 17.42 5.87
CA ASP D 197 9.57 16.86 4.65
C ASP D 197 10.56 15.87 4.03
N LEU D 198 10.22 14.59 4.08
CA LEU D 198 11.05 13.53 3.50
C LEU D 198 10.70 13.22 2.04
N SER D 199 9.58 13.73 1.53
CA SER D 199 8.98 13.17 0.33
C SER D 199 9.86 13.26 -0.90
N ALA D 200 10.83 14.17 -0.94
CA ALA D 200 11.72 14.25 -2.10
C ALA D 200 12.55 12.97 -2.27
N LEU D 201 12.70 12.16 -1.21
CA LEU D 201 13.51 10.94 -1.28
C LEU D 201 12.68 9.72 -1.58
N ARG D 202 11.44 9.90 -1.98
CA ARG D 202 10.50 8.80 -2.03
C ARG D 202 10.82 7.85 -3.19
N GLY D 203 11.19 8.40 -4.35
CA GLY D 203 11.58 7.54 -5.47
C GLY D 203 12.85 6.76 -5.19
N ALA D 204 13.83 7.41 -4.54
CA ALA D 204 15.06 6.71 -4.17
C ALA D 204 14.79 5.58 -3.19
N ALA D 205 13.81 5.75 -2.31
CA ALA D 205 13.49 4.69 -1.36
C ALA D 205 12.81 3.51 -2.05
N VAL D 206 11.80 3.78 -2.87
CA VAL D 206 11.20 2.72 -3.69
C VAL D 206 12.28 1.96 -4.44
N ASP D 207 13.14 2.68 -5.15
CA ASP D 207 14.19 2.01 -5.92
C ASP D 207 15.03 1.10 -5.05
N GLU D 208 15.40 1.55 -3.86
CA GLU D 208 16.31 0.77 -3.02
C GLU D 208 15.62 -0.48 -2.51
N TYR D 209 14.41 -0.35 -1.99
CA TYR D 209 13.70 -1.51 -1.43
C TYR D 209 13.40 -2.54 -2.52
N PHE D 210 13.01 -2.10 -3.72
CA PHE D 210 12.64 -3.05 -4.75
C PHE D 210 13.84 -3.63 -5.48
N ARG D 211 15.05 -3.12 -5.23
CA ARG D 211 16.25 -3.77 -5.73
C ARG D 211 16.66 -4.98 -4.91
N GLN D 212 15.99 -5.22 -3.77
CA GLN D 212 16.36 -6.32 -2.89
C GLN D 212 15.62 -7.58 -3.30
N PRO D 213 16.31 -8.63 -3.75
CA PRO D 213 15.61 -9.91 -3.94
C PRO D 213 15.14 -10.47 -2.62
N VAL D 214 13.96 -11.07 -2.64
CA VAL D 214 13.32 -11.58 -1.44
C VAL D 214 13.63 -13.06 -1.31
N VAL D 215 14.32 -13.42 -0.23
CA VAL D 215 14.67 -14.82 0.06
C VAL D 215 13.73 -15.33 1.14
N ASP D 216 12.91 -16.31 0.78
CA ASP D 216 12.04 -17.06 1.69
C ASP D 216 11.37 -18.12 0.85
N THR D 217 10.42 -18.87 1.42
CA THR D 217 9.66 -19.84 0.66
C THR D 217 8.22 -19.37 0.50
N PHE D 218 7.46 -20.11 -0.29
CA PHE D 218 6.08 -19.74 -0.58
C PHE D 218 5.30 -20.97 -1.05
N ASP D 219 3.98 -20.89 -0.92
CA ASP D 219 3.11 -21.91 -1.47
C ASP D 219 3.17 -21.89 -2.99
N ILE D 220 3.15 -23.08 -3.61
CA ILE D 220 3.26 -23.17 -5.06
C ILE D 220 2.05 -22.60 -5.78
N ARG D 221 0.90 -22.49 -5.11
CA ARG D 221 -0.30 -21.98 -5.78
C ARG D 221 -0.15 -20.53 -6.22
N ILE D 222 0.90 -19.82 -5.81
CA ILE D 222 1.08 -18.44 -6.25
C ILE D 222 1.73 -18.32 -7.62
N LEU D 223 2.22 -19.42 -8.18
CA LEU D 223 2.82 -19.39 -9.51
C LEU D 223 1.73 -19.35 -10.57
N MET D 224 1.90 -18.43 -11.53
CA MET D 224 0.89 -18.15 -12.53
C MET D 224 1.17 -18.84 -13.87
N ALA D 225 2.29 -19.55 -13.98
CA ALA D 225 2.67 -20.17 -15.22
C ALA D 225 3.72 -21.22 -14.94
N LYS D 226 3.82 -22.19 -15.84
CA LYS D 226 4.87 -23.19 -15.75
C LYS D 226 6.23 -22.53 -15.88
N SER D 227 7.22 -23.07 -15.18
CA SER D 227 8.50 -22.41 -15.13
C SER D 227 9.29 -22.62 -16.41
N VAL D 228 10.18 -21.67 -16.69
CA VAL D 228 11.13 -21.75 -17.80
C VAL D 228 12.47 -22.15 -17.23
N LYS D 229 13.21 -22.95 -17.99
CA LYS D 229 14.43 -23.58 -17.50
C LYS D 229 15.63 -23.06 -18.27
N TYR D 230 16.69 -22.73 -17.54
CA TYR D 230 17.96 -22.30 -18.12
C TYR D 230 19.05 -23.20 -17.55
N THR D 231 19.81 -23.85 -18.43
CA THR D 231 20.72 -24.92 -18.04
C THR D 231 22.17 -24.51 -18.25
N VAL D 232 22.99 -24.72 -17.22
CA VAL D 232 24.43 -24.56 -17.31
C VAL D 232 25.06 -25.95 -17.20
N ASN D 233 25.85 -26.33 -18.22
CA ASN D 233 26.53 -27.62 -18.29
C ASN D 233 27.98 -27.43 -17.83
N PHE D 234 28.28 -27.89 -16.61
CA PHE D 234 29.59 -27.61 -16.01
C PHE D 234 30.73 -28.37 -16.68
N LEU D 235 30.44 -29.43 -17.44
CA LEU D 235 31.47 -30.10 -18.23
C LEU D 235 31.92 -29.25 -19.42
N GLU D 236 31.00 -28.44 -19.96
CA GLU D 236 31.26 -27.69 -21.18
C GLU D 236 31.53 -26.21 -20.93
N ALA D 237 30.88 -25.61 -19.94
CA ALA D 237 30.97 -24.17 -19.77
C ALA D 237 32.39 -23.72 -19.43
N LYS D 238 32.72 -22.50 -19.83
CA LYS D 238 33.92 -21.80 -19.41
C LYS D 238 33.54 -20.72 -18.41
N GLU D 239 34.46 -20.39 -17.51
CA GLU D 239 34.11 -19.44 -16.46
C GLU D 239 33.75 -18.08 -17.05
N GLY D 240 34.32 -17.72 -18.20
CA GLY D 240 33.92 -16.51 -18.87
C GLY D 240 32.46 -16.50 -19.30
N ASP D 241 31.86 -17.68 -19.48
CA ASP D 241 30.45 -17.77 -19.81
C ASP D 241 29.60 -17.24 -18.66
N HIS D 243 29.80 -14.47 -16.70
CA HIS D 243 30.08 -13.03 -16.65
C HIS D 243 28.88 -12.20 -17.09
N ARG D 244 28.25 -12.61 -18.19
CA ARG D 244 27.04 -11.99 -18.70
C ARG D 244 26.07 -13.11 -19.10
N ILE D 245 25.01 -13.28 -18.31
CA ILE D 245 24.06 -14.38 -18.49
C ILE D 245 22.73 -13.78 -18.94
N GLU D 246 22.29 -14.17 -20.14
CA GLU D 246 21.04 -13.68 -20.72
C GLU D 246 20.04 -14.82 -20.79
N ILE D 247 18.96 -14.71 -20.02
CA ILE D 247 17.92 -15.73 -19.94
C ILE D 247 16.64 -15.21 -20.56
N PRO D 248 16.33 -15.55 -21.81
CA PRO D 248 15.02 -15.19 -22.36
C PRO D 248 13.92 -16.06 -21.78
N PHE D 249 12.70 -15.54 -21.78
CA PHE D 249 11.58 -16.31 -21.28
C PHE D 249 10.31 -15.95 -22.04
N LYS D 250 9.46 -16.95 -22.23
CA LYS D 250 8.10 -16.77 -22.76
C LYS D 250 7.19 -17.69 -21.96
N PHE D 251 6.34 -17.09 -21.13
CA PHE D 251 5.44 -17.85 -20.28
C PHE D 251 4.05 -17.86 -20.91
N HIS D 252 3.40 -19.03 -20.86
CA HIS D 252 1.99 -19.15 -21.21
C HIS D 252 1.19 -19.12 -19.92
N MET D 253 0.47 -18.02 -19.69
CA MET D 253 -0.17 -17.81 -18.41
C MET D 253 -1.29 -18.83 -18.22
N LEU D 254 -1.32 -19.42 -17.03
CA LEU D 254 -2.37 -20.38 -16.69
C LEU D 254 -3.49 -19.76 -15.87
N HIS D 255 -3.24 -18.67 -15.18
CA HIS D 255 -4.26 -17.98 -14.41
C HIS D 255 -4.25 -16.50 -14.73
N SER D 256 -5.40 -15.88 -14.54
CA SER D 256 -5.53 -14.43 -14.64
C SER D 256 -5.20 -13.79 -13.30
N GLY D 257 -4.59 -12.62 -13.34
CA GLY D 257 -4.35 -11.86 -12.15
C GLY D 257 -3.13 -10.97 -12.29
N LEU D 258 -2.77 -10.36 -11.17
CA LEU D 258 -1.61 -9.49 -11.13
C LEU D 258 -0.32 -10.31 -11.04
N VAL D 259 0.62 -10.02 -11.94
CA VAL D 259 1.96 -10.60 -11.88
C VAL D 259 2.83 -9.61 -11.11
N HIS D 260 3.21 -9.97 -9.88
CA HIS D 260 4.02 -9.09 -9.06
C HIS D 260 5.52 -9.26 -9.25
N GLY D 261 5.97 -10.32 -9.94
CA GLY D 261 7.38 -10.52 -10.14
C GLY D 261 7.67 -11.93 -10.63
N LEU D 262 8.95 -12.29 -10.59
CA LEU D 262 9.42 -13.62 -10.99
C LEU D 262 10.03 -14.35 -9.81
N ALA D 263 9.71 -15.64 -9.68
CA ALA D 263 10.29 -16.51 -8.66
C ALA D 263 11.39 -17.35 -9.29
N PHE D 264 12.47 -17.56 -8.53
CA PHE D 264 13.66 -18.27 -9.00
C PHE D 264 14.01 -19.41 -8.06
N TRP D 265 14.37 -20.56 -8.62
CA TRP D 265 15.00 -21.64 -7.87
C TRP D 265 15.95 -22.37 -8.80
N PHE D 266 16.65 -23.38 -8.26
CA PHE D 266 17.61 -24.12 -9.07
C PHE D 266 17.68 -25.57 -8.61
N ASP D 267 18.02 -26.44 -9.58
CA ASP D 267 18.36 -27.84 -9.35
C ASP D 267 19.78 -28.09 -9.86
N VAL D 268 20.49 -29.02 -9.23
CA VAL D 268 21.72 -29.55 -9.80
C VAL D 268 21.61 -31.06 -9.89
N ALA D 269 22.22 -31.62 -10.93
CA ALA D 269 22.20 -33.06 -11.17
C ALA D 269 23.63 -33.59 -11.13
N PHE D 270 23.82 -34.69 -10.40
CA PHE D 270 25.07 -35.44 -10.37
C PHE D 270 24.90 -36.62 -11.34
N ILE D 271 25.51 -36.51 -12.51
CA ILE D 271 25.27 -37.48 -13.59
C ILE D 271 26.38 -38.50 -13.51
N GLY D 272 26.16 -39.55 -12.70
CA GLY D 272 27.17 -40.55 -12.46
C GLY D 272 27.01 -41.76 -13.37
N SER D 273 27.97 -42.67 -13.25
CA SER D 273 27.96 -43.88 -14.06
C SER D 273 26.95 -44.92 -13.60
N ILE D 274 26.45 -44.83 -12.37
CA ILE D 274 25.43 -45.74 -11.88
C ILE D 274 24.04 -45.12 -11.96
N MET D 275 23.91 -43.85 -11.56
CA MET D 275 22.62 -43.20 -11.61
C MET D 275 22.82 -41.70 -11.54
N THR D 276 21.78 -40.98 -11.95
CA THR D 276 21.72 -39.54 -11.84
C THR D 276 20.98 -39.19 -10.55
N VAL D 277 21.62 -38.39 -9.71
CA VAL D 277 21.03 -37.91 -8.47
C VAL D 277 20.83 -36.41 -8.59
N TRP D 278 19.64 -35.95 -8.21
CA TRP D 278 19.27 -34.55 -8.30
C TRP D 278 19.17 -33.94 -6.90
N LEU D 279 19.69 -32.73 -6.75
CA LEU D 279 19.45 -31.89 -5.57
C LEU D 279 18.64 -30.68 -6.04
N SER D 280 17.40 -30.58 -5.58
CA SER D 280 16.46 -29.56 -6.03
C SER D 280 16.15 -28.59 -4.89
N THR D 281 16.04 -27.30 -5.21
CA THR D 281 15.56 -26.29 -4.27
C THR D 281 14.20 -25.73 -4.67
N ALA D 282 13.44 -26.48 -5.47
CA ALA D 282 12.13 -26.02 -5.93
C ALA D 282 11.15 -25.92 -4.77
N PRO D 283 10.13 -25.05 -4.88
CA PRO D 283 9.15 -24.92 -3.78
C PRO D 283 8.27 -26.14 -3.60
N THR D 284 8.19 -27.03 -4.60
CA THR D 284 7.48 -28.28 -4.43
C THR D 284 8.27 -29.29 -3.60
N GLU D 285 9.51 -28.98 -3.26
CA GLU D 285 10.39 -29.92 -2.58
C GLU D 285 10.71 -29.45 -1.17
N PRO D 286 11.17 -30.35 -0.31
CA PRO D 286 11.51 -29.96 1.06
C PRO D 286 12.50 -28.81 1.08
N LEU D 287 12.29 -27.93 2.05
CA LEU D 287 13.03 -26.68 2.11
C LEU D 287 14.51 -26.93 2.33
N THR D 288 15.35 -26.10 1.71
CA THR D 288 16.78 -26.11 1.95
C THR D 288 17.20 -24.72 2.43
N HIS D 289 18.47 -24.61 2.81
CA HIS D 289 18.96 -23.31 3.25
C HIS D 289 19.11 -22.31 2.10
N TRP D 290 18.90 -22.74 0.84
CA TRP D 290 18.82 -21.78 -0.26
C TRP D 290 17.44 -21.15 -0.41
N TYR D 291 16.42 -21.71 0.23
CA TYR D 291 15.03 -21.29 0.05
C TYR D 291 14.71 -21.09 -1.43
N GLN D 292 14.01 -20.01 -1.75
CA GLN D 292 13.80 -19.58 -3.12
C GLN D 292 14.03 -18.08 -3.14
N VAL D 293 13.98 -17.49 -4.33
CA VAL D 293 14.24 -16.06 -4.48
C VAL D 293 13.14 -15.46 -5.34
N ARG D 294 12.61 -14.31 -4.92
CA ARG D 294 11.64 -13.59 -5.71
C ARG D 294 12.15 -12.19 -6.00
N CYS D 295 12.09 -11.81 -7.27
CA CYS D 295 12.41 -10.47 -7.74
C CYS D 295 11.10 -9.76 -8.04
N LEU D 296 10.82 -8.69 -7.29
CA LEU D 296 9.57 -7.96 -7.41
C LEU D 296 9.64 -6.90 -8.52
N PHE D 297 8.52 -6.72 -9.22
CA PHE D 297 8.29 -5.54 -10.04
C PHE D 297 7.88 -4.36 -9.18
N GLN D 298 8.31 -3.15 -9.58
CA GLN D 298 7.83 -1.96 -8.88
C GLN D 298 6.33 -1.75 -9.09
N SER D 299 5.80 -2.22 -10.22
CA SER D 299 4.39 -2.10 -10.52
C SER D 299 3.97 -3.44 -11.13
N PRO D 300 2.92 -4.07 -10.61
CA PRO D 300 2.51 -5.37 -11.16
C PRO D 300 1.88 -5.22 -12.54
N LEU D 301 1.98 -6.30 -13.32
CA LEU D 301 1.33 -6.40 -14.62
C LEU D 301 0.09 -7.26 -14.52
N PHE D 302 -0.99 -6.84 -15.18
CA PHE D 302 -2.18 -7.67 -15.31
C PHE D 302 -2.08 -8.53 -16.55
N ALA D 303 -2.39 -9.81 -16.40
CA ALA D 303 -2.56 -10.70 -17.53
C ALA D 303 -3.68 -11.68 -17.24
N LYS D 304 -4.29 -12.18 -18.31
CA LYS D 304 -5.26 -13.26 -18.21
C LYS D 304 -4.65 -14.59 -18.65
N ALA D 305 -5.29 -15.66 -18.19
CA ALA D 305 -5.05 -16.98 -18.74
C ALA D 305 -5.03 -16.93 -20.26
N GLY D 306 -4.03 -17.58 -20.85
CA GLY D 306 -3.87 -17.63 -22.29
C GLY D 306 -2.93 -16.60 -22.85
N ASP D 307 -2.71 -15.50 -22.14
CA ASP D 307 -1.74 -14.51 -22.58
C ASP D 307 -0.33 -15.08 -22.52
N THR D 308 0.59 -14.39 -23.18
CA THR D 308 2.01 -14.71 -23.13
C THR D 308 2.77 -13.56 -22.49
N LEU D 309 3.64 -13.90 -21.53
CA LEU D 309 4.49 -12.93 -20.84
C LEU D 309 5.93 -13.20 -21.25
N SER D 310 6.53 -12.24 -21.94
CA SER D 310 7.80 -12.43 -22.64
C SER D 310 8.82 -11.44 -22.11
N GLY D 311 10.10 -11.80 -22.22
CA GLY D 311 11.15 -10.88 -21.86
C GLY D 311 12.47 -11.59 -21.63
N THR D 312 13.33 -10.93 -20.85
CA THR D 312 14.69 -11.36 -20.62
C THR D 312 15.10 -11.06 -19.19
N CYS D 313 15.79 -12.02 -18.57
CA CYS D 313 16.48 -11.80 -17.31
C CYS D 313 17.98 -11.74 -17.59
N LEU D 314 18.59 -10.59 -17.32
CA LEU D 314 19.99 -10.33 -17.65
C LEU D 314 20.79 -10.22 -16.36
N LEU D 315 21.78 -11.10 -16.21
CA LEU D 315 22.62 -11.16 -15.01
C LEU D 315 24.04 -10.76 -15.41
N ILE D 316 24.51 -9.64 -14.86
CA ILE D 316 25.86 -9.16 -15.10
C ILE D 316 26.66 -9.35 -13.82
N ALA D 317 27.73 -10.12 -13.89
CA ALA D 317 28.57 -10.36 -12.72
C ALA D 317 29.34 -9.10 -12.37
N ASN D 318 29.48 -8.83 -11.07
CA ASN D 318 30.19 -7.66 -10.58
C ASN D 318 31.36 -8.07 -9.69
N LYS D 319 32.15 -7.09 -9.30
CA LYS D 319 33.38 -7.31 -8.55
C LYS D 319 33.13 -7.54 -7.06
N ARG D 320 31.88 -7.49 -6.61
CA ARG D 320 31.53 -7.84 -5.24
C ARG D 320 31.05 -9.28 -5.11
N GLN D 321 31.46 -10.14 -6.05
CA GLN D 321 31.13 -11.57 -6.00
C GLN D 321 29.64 -11.82 -6.12
N SER D 322 28.91 -10.97 -6.84
CA SER D 322 27.47 -11.15 -7.01
C SER D 322 27.09 -10.69 -8.42
N TYR D 323 25.80 -10.40 -8.62
CA TYR D 323 25.28 -10.05 -9.92
C TYR D 323 24.39 -8.81 -9.85
N ASP D 324 24.48 -7.99 -10.88
CA ASP D 324 23.46 -6.98 -11.17
C ASP D 324 22.41 -7.63 -12.06
N ILE D 325 21.14 -7.54 -11.65
CA ILE D 325 20.04 -8.26 -12.30
C ILE D 325 19.17 -7.24 -13.01
N SER D 326 18.87 -7.50 -14.28
CA SER D 326 17.92 -6.71 -15.06
C SER D 326 16.82 -7.64 -15.54
N ILE D 327 15.57 -7.32 -15.18
CA ILE D 327 14.41 -8.08 -15.64
C ILE D 327 13.49 -7.13 -16.39
N VAL D 328 13.21 -7.46 -17.65
CA VAL D 328 12.21 -6.78 -18.45
C VAL D 328 11.20 -7.82 -18.90
N ALA D 329 9.92 -7.53 -18.65
CA ALA D 329 8.84 -8.44 -18.97
C ALA D 329 7.69 -7.67 -19.60
N GLN D 330 6.97 -8.34 -20.49
CA GLN D 330 5.91 -7.69 -21.23
C GLN D 330 4.78 -8.67 -21.48
N VAL D 331 3.55 -8.19 -21.30
CA VAL D 331 2.35 -8.94 -21.68
C VAL D 331 2.17 -8.71 -23.18
N ASP D 332 2.40 -9.75 -23.97
CA ASP D 332 2.49 -9.57 -25.41
C ASP D 332 1.18 -9.05 -25.99
N GLN D 333 0.05 -9.48 -25.44
CA GLN D 333 -1.26 -9.13 -26.00
C GLN D 333 -1.59 -7.65 -25.84
N THR D 334 -1.09 -7.00 -24.79
CA THR D 334 -1.45 -5.61 -24.50
C THR D 334 -0.28 -4.65 -24.55
N GLY D 335 0.96 -5.13 -24.64
CA GLY D 335 2.11 -4.26 -24.55
C GLY D 335 2.39 -3.69 -23.18
N SER D 336 1.76 -4.21 -22.13
CA SER D 336 2.06 -3.76 -20.77
C SER D 336 3.43 -4.29 -20.38
N LYS D 337 4.31 -3.39 -19.96
CA LYS D 337 5.73 -3.67 -19.84
C LYS D 337 6.28 -3.25 -18.47
N SER D 338 7.16 -4.09 -17.92
CA SER D 338 7.77 -3.85 -16.61
C SER D 338 9.28 -4.06 -16.70
N SER D 339 10.04 -3.11 -16.17
CA SER D 339 11.50 -3.09 -16.28
C SER D 339 12.07 -2.86 -14.89
N ASN D 340 12.94 -3.76 -14.44
CA ASN D 340 13.30 -3.82 -13.03
C ASN D 340 14.76 -4.19 -12.85
N LEU D 341 15.35 -3.68 -11.77
CA LEU D 341 16.77 -3.81 -11.49
C LEU D 341 16.94 -4.29 -10.06
N LEU D 342 17.84 -5.25 -9.85
CA LEU D 342 17.99 -5.87 -8.55
C LEU D 342 19.47 -6.09 -8.26
N ASP D 343 19.80 -6.04 -6.98
CA ASP D 343 21.17 -6.14 -6.49
C ASP D 343 21.23 -7.43 -5.66
N LEU D 344 21.62 -8.52 -6.32
CA LEU D 344 21.62 -9.83 -5.68
C LEU D 344 22.52 -9.86 -4.44
N LYS D 345 23.33 -8.83 -4.23
CA LYS D 345 24.19 -8.74 -3.05
C LYS D 345 23.45 -8.34 -1.78
N ASN D 346 22.32 -7.64 -1.89
CA ASN D 346 21.59 -7.11 -0.74
C ASN D 346 20.20 -7.73 -0.60
N PRO D 347 20.10 -9.03 -0.34
CA PRO D 347 18.78 -9.66 -0.28
C PRO D 347 18.02 -9.25 0.98
N PHE D 348 16.71 -9.42 0.92
CA PHE D 348 15.83 -9.30 2.07
C PHE D 348 15.43 -10.71 2.51
N PHE D 349 15.87 -11.11 3.70
CA PHE D 349 15.52 -12.42 4.26
C PHE D 349 14.21 -12.28 5.03
N ARG D 350 13.11 -12.69 4.41
CA ARG D 350 11.79 -12.59 5.00
C ARG D 350 11.54 -13.76 5.95
#